data_4P73
#
_entry.id   4P73
#
_cell.length_a   114.290
_cell.length_b   220.050
_cell.length_c   107.930
_cell.angle_alpha   90.00
_cell.angle_beta   101.76
_cell.angle_gamma   90.00
#
_symmetry.space_group_name_H-M   'C 1 2 1'
#
loop_
_entity.id
_entity.type
_entity.pdbx_description
1 polymer 'Phenylalanine--tRNA ligase beta subunit'
2 polymer 'Phenylalanine--tRNA ligase alpha subunit'
3 non-polymer 1-{3-[(4-pyridin-2-ylpiperazin-1-yl)sulfonyl]phenyl}-3-(1,3-thiazol-2-yl)urea
4 water water
#
loop_
_entity_poly.entity_id
_entity_poly.type
_entity_poly.pdbx_seq_one_letter_code
_entity_poly.pdbx_strand_id
1 'polypeptide(L)'
;MKFSEKWLRSWANPQVSHDELVARLSMVGLEVDADLPVAGAFSGVVVGEVLSTEQHPDADKLRVCQVSNGSETFQVVCGA
PNVRAGLKIPFAMIGAELPDDFKIKKAKLRGVESFGMLCSAKELQISEENAGLLELPADAPVGQDVRTYLELADYTIEVG
LTPNRGDCLSLAGLAREVSAIYDVPLAPVAVDAVAAQHDETRPVELAAPAACPRYLGRVIRNVDLSRPTPLWMVERLRRS
DIRSIDPVVDVTNYVMIELGQPMHAFDLAEINGGVRVRMAEDGEKLVLLDGQEITLRADTLVIADHQRALAIAGVMGGEH
SGVSDSTRDLFLEAAFFDTIALAGKARSYGLHTDSSHRFERGVDSQLARKAMERATRLILDIVGGEPGPIVEQVSEAHLP
KVAPITLRAERVTQMLGMPLDAAEIVRLLQALELTVVADGEGQWSVGVPSHRFDISLEVDLIEELARLYGYNRLPVRYPQ
ARLAPNNKPEARAALPLLRRLLVARGYQEAITFSFIDPALFELFDPGTQPLTLANPISADMAAMRSSLWPGLVKALQHNL
NRQQSRVRLFESGLRFVGQLEGLKQEAMLAGAICGKRLPEGWANGRDGVDFFDAKADVEAVLASAGALGDFSFVPGEHPA
LHPGQTARIEREGRLVGYLGALHPELAKKLDLEQPVFLFELLLAEVVDGHLPKFRELSRFPEVRRDLALLVDQDVPAQDI
LTQIRAAAGEWLTDLRLFDVYHGKGIDPHRKSLAVGLTWQHPSRTLNDDEVNSTTQNIVTSLEERFNATLRK
;
A,B
2 'polypeptide(L)'
;MENLDALVSQALEAVRHTEDVNALEQIRVHYLGKKGELTQVMKTLGDLPAEERPKVGALINVAKEKVQDVLNARKTELEG
AALAARLAAERIDVTLPGRGQLSGGLHPVTRTLERIEQCFSRIGYEVAEGPEVEDDYHNFEALNIPGHHPARAMHDTFYF
NANMLLRTHTSPVQVRTMESQQPPIRIVCPGRVYRCDSDLTHSPMFHQVEGLLVDEGVSFADLKGTIEEFLRAFFEKQLE
VRFRPSFFPFTEPSAEVDIQCVICSGNGCRVCKQTGWLEVMGCGMVHPNVLRMSNIDPEKFQGFAFGMGAERLAMLRYGV
NDLRLFFDNDLRFLGQFR
;
C,D
#
# COMPACT_ATOMS: atom_id res chain seq x y z
N MET A 1 -40.83 -3.64 -20.87
CA MET A 1 -41.25 -3.75 -22.27
C MET A 1 -41.27 -5.24 -22.68
N LYS A 2 -42.47 -5.82 -22.73
CA LYS A 2 -42.69 -7.23 -23.06
C LYS A 2 -43.16 -7.32 -24.51
N PHE A 3 -42.68 -8.32 -25.26
CA PHE A 3 -43.01 -8.49 -26.68
C PHE A 3 -42.87 -9.92 -27.20
N SER A 4 -43.63 -10.26 -28.25
CA SER A 4 -43.59 -11.54 -28.95
C SER A 4 -42.35 -11.53 -29.87
N GLU A 5 -41.53 -12.56 -29.77
CA GLU A 5 -40.33 -12.72 -30.59
C GLU A 5 -40.72 -12.88 -32.06
N LYS A 6 -41.77 -13.67 -32.32
CA LYS A 6 -42.26 -13.92 -33.67
C LYS A 6 -42.60 -12.62 -34.38
N TRP A 7 -43.29 -11.70 -33.65
CA TRP A 7 -43.65 -10.37 -34.13
C TRP A 7 -42.36 -9.56 -34.45
N LEU A 8 -41.38 -9.59 -33.54
CA LEU A 8 -40.09 -8.91 -33.74
C LEU A 8 -39.40 -9.44 -35.02
N ARG A 9 -39.35 -10.77 -35.15
CA ARG A 9 -38.73 -11.47 -36.28
C ARG A 9 -39.42 -11.16 -37.62
N SER A 10 -40.72 -10.84 -37.60
CA SER A 10 -41.46 -10.44 -38.79
C SER A 10 -40.97 -9.09 -39.38
N TRP A 11 -40.29 -8.23 -38.55
CA TRP A 11 -39.70 -6.93 -38.88
C TRP A 11 -38.17 -7.09 -39.10
N ALA A 12 -37.49 -7.79 -38.19
CA ALA A 12 -36.05 -8.01 -38.28
C ALA A 12 -35.71 -9.44 -37.78
N ASN A 13 -35.23 -10.31 -38.69
CA ASN A 13 -34.92 -11.69 -38.33
C ASN A 13 -33.40 -11.91 -38.20
N PRO A 14 -32.86 -12.00 -36.96
CA PRO A 14 -31.41 -12.16 -36.79
C PRO A 14 -30.81 -13.45 -37.35
N GLN A 15 -31.63 -14.52 -37.50
CA GLN A 15 -31.20 -15.83 -38.01
C GLN A 15 -30.27 -16.54 -37.01
N VAL A 16 -30.56 -16.42 -35.70
CA VAL A 16 -29.85 -17.05 -34.58
C VAL A 16 -30.93 -17.67 -33.67
N SER A 17 -30.60 -18.63 -32.80
CA SER A 17 -31.62 -19.23 -31.94
C SER A 17 -32.30 -18.21 -30.98
N HIS A 18 -33.35 -18.63 -30.23
CA HIS A 18 -34.02 -17.76 -29.26
C HIS A 18 -33.03 -17.45 -28.11
N ASP A 19 -32.23 -18.46 -27.74
CA ASP A 19 -31.24 -18.38 -26.67
C ASP A 19 -30.11 -17.43 -27.00
N GLU A 20 -29.63 -17.47 -28.27
CA GLU A 20 -28.57 -16.58 -28.75
C GLU A 20 -29.01 -15.11 -28.72
N LEU A 21 -30.27 -14.85 -29.12
CA LEU A 21 -30.88 -13.53 -29.14
C LEU A 21 -31.06 -12.98 -27.73
N VAL A 22 -31.63 -13.76 -26.78
CA VAL A 22 -31.82 -13.32 -25.39
C VAL A 22 -30.48 -12.93 -24.75
N ALA A 23 -29.40 -13.63 -25.15
CA ALA A 23 -28.03 -13.41 -24.69
C ALA A 23 -27.46 -12.05 -25.18
N ARG A 24 -27.40 -11.85 -26.52
CA ARG A 24 -26.89 -10.65 -27.18
C ARG A 24 -27.57 -9.38 -26.73
N LEU A 25 -28.91 -9.43 -26.47
CA LEU A 25 -29.68 -8.27 -26.04
C LEU A 25 -29.13 -7.66 -24.76
N SER A 26 -28.85 -8.51 -23.75
CA SER A 26 -28.30 -8.06 -22.49
C SER A 26 -26.86 -7.51 -22.69
N MET A 27 -26.11 -8.13 -23.60
CA MET A 27 -24.74 -7.73 -23.94
C MET A 27 -24.69 -6.42 -24.75
N VAL A 28 -25.84 -5.94 -25.26
CA VAL A 28 -25.87 -4.68 -26.03
C VAL A 28 -26.56 -3.55 -25.25
N GLY A 29 -26.99 -3.82 -24.02
CA GLY A 29 -27.63 -2.81 -23.19
C GLY A 29 -29.12 -2.89 -23.08
N LEU A 30 -29.75 -4.01 -23.50
CA LEU A 30 -31.19 -4.22 -23.38
C LEU A 30 -31.34 -5.48 -22.52
N GLU A 31 -31.28 -5.34 -21.18
CA GLU A 31 -31.25 -6.52 -20.33
C GLU A 31 -32.59 -7.27 -20.22
N VAL A 32 -32.55 -8.57 -20.57
CA VAL A 32 -33.71 -9.46 -20.56
C VAL A 32 -33.98 -9.85 -19.12
N ASP A 33 -35.19 -9.55 -18.63
CA ASP A 33 -35.61 -9.83 -17.26
C ASP A 33 -36.37 -11.13 -17.20
N ALA A 34 -36.98 -11.53 -18.32
CA ALA A 34 -37.77 -12.75 -18.46
C ALA A 34 -37.95 -13.16 -19.92
N ASP A 35 -38.01 -14.47 -20.18
CA ASP A 35 -38.28 -15.06 -21.48
C ASP A 35 -39.07 -16.33 -21.23
N LEU A 36 -40.36 -16.30 -21.58
CA LEU A 36 -41.29 -17.41 -21.32
C LEU A 36 -42.10 -17.79 -22.55
N PRO A 37 -42.57 -19.04 -22.70
CA PRO A 37 -43.45 -19.39 -23.83
C PRO A 37 -44.83 -18.69 -23.73
N VAL A 38 -45.54 -18.56 -24.88
CA VAL A 38 -46.80 -17.83 -24.96
C VAL A 38 -48.04 -18.59 -24.48
N ALA A 39 -48.01 -19.93 -24.60
CA ALA A 39 -49.19 -20.72 -24.23
C ALA A 39 -48.81 -22.09 -23.70
N GLY A 40 -49.80 -22.77 -23.12
CA GLY A 40 -49.66 -24.12 -22.61
C GLY A 40 -49.56 -25.13 -23.73
N ALA A 41 -48.89 -26.26 -23.46
CA ALA A 41 -48.70 -27.33 -24.44
C ALA A 41 -49.95 -28.16 -24.66
N PHE A 42 -50.19 -28.57 -25.92
CA PHE A 42 -51.32 -29.43 -26.35
C PHE A 42 -51.12 -29.98 -27.77
N SER A 43 -51.75 -31.13 -28.06
CA SER A 43 -51.67 -31.77 -29.37
C SER A 43 -53.06 -32.17 -29.83
N GLY A 44 -53.19 -32.40 -31.14
CA GLY A 44 -54.43 -32.86 -31.77
C GLY A 44 -55.58 -31.89 -31.84
N VAL A 45 -55.32 -30.59 -31.62
CA VAL A 45 -56.35 -29.54 -31.71
C VAL A 45 -56.19 -28.84 -33.07
N VAL A 46 -57.27 -28.81 -33.87
CA VAL A 46 -57.24 -28.23 -35.22
C VAL A 46 -58.38 -27.22 -35.48
N VAL A 47 -58.26 -26.44 -36.57
CA VAL A 47 -59.30 -25.52 -36.99
C VAL A 47 -60.49 -26.37 -37.52
N GLY A 48 -61.63 -26.20 -36.89
CA GLY A 48 -62.86 -26.90 -37.26
C GLY A 48 -63.97 -25.95 -37.66
N GLU A 49 -64.89 -26.42 -38.52
CA GLU A 49 -66.02 -25.60 -38.95
C GLU A 49 -67.36 -26.23 -38.56
N VAL A 50 -68.21 -25.45 -37.87
CA VAL A 50 -69.55 -25.89 -37.46
C VAL A 50 -70.49 -25.79 -38.69
N LEU A 51 -70.91 -26.95 -39.22
CA LEU A 51 -71.81 -27.00 -40.38
C LEU A 51 -73.28 -26.81 -39.99
N SER A 52 -73.73 -27.51 -38.94
CA SER A 52 -75.09 -27.42 -38.41
C SER A 52 -75.12 -27.65 -36.90
N THR A 53 -76.21 -27.20 -36.23
CA THR A 53 -76.48 -27.38 -34.79
C THR A 53 -77.95 -27.77 -34.60
N GLU A 54 -78.26 -28.51 -33.51
CA GLU A 54 -79.61 -28.95 -33.15
C GLU A 54 -79.75 -28.97 -31.63
N GLN A 55 -80.99 -28.86 -31.11
CA GLN A 55 -81.21 -28.93 -29.67
C GLN A 55 -81.03 -30.38 -29.26
N HIS A 56 -80.28 -30.62 -28.17
CA HIS A 56 -80.10 -31.96 -27.62
C HIS A 56 -81.49 -32.38 -27.09
N PRO A 57 -82.03 -33.54 -27.52
CA PRO A 57 -83.40 -33.89 -27.09
C PRO A 57 -83.61 -34.20 -25.60
N ASP A 58 -82.53 -34.44 -24.83
CA ASP A 58 -82.69 -34.79 -23.40
C ASP A 58 -81.82 -33.92 -22.46
N ALA A 59 -81.50 -32.68 -22.89
CA ALA A 59 -80.71 -31.69 -22.15
C ALA A 59 -80.84 -30.36 -22.85
N ASP A 60 -81.50 -29.37 -22.20
CA ASP A 60 -81.68 -28.04 -22.80
C ASP A 60 -80.41 -27.22 -22.82
N LYS A 61 -79.51 -27.41 -21.84
CA LYS A 61 -78.24 -26.68 -21.79
C LYS A 61 -77.22 -27.12 -22.89
N LEU A 62 -77.52 -28.26 -23.60
CA LEU A 62 -76.65 -28.86 -24.63
C LEU A 62 -77.17 -28.78 -26.05
N ARG A 63 -76.24 -28.79 -27.03
CA ARG A 63 -76.47 -28.69 -28.47
C ARG A 63 -75.74 -29.83 -29.19
N VAL A 64 -76.30 -30.33 -30.29
CA VAL A 64 -75.66 -31.39 -31.06
C VAL A 64 -75.23 -30.82 -32.45
N CYS A 65 -73.91 -30.75 -32.62
CA CYS A 65 -73.21 -30.16 -33.76
C CYS A 65 -72.63 -31.16 -34.76
N GLN A 66 -72.55 -30.73 -36.01
CA GLN A 66 -71.94 -31.46 -37.12
C GLN A 66 -70.75 -30.57 -37.50
N VAL A 67 -69.55 -31.00 -37.14
CA VAL A 67 -68.32 -30.23 -37.31
C VAL A 67 -67.35 -30.87 -38.30
N SER A 68 -66.86 -30.10 -39.29
CA SER A 68 -65.91 -30.58 -40.30
C SER A 68 -64.47 -30.19 -39.97
N ASN A 69 -63.53 -31.11 -40.21
CA ASN A 69 -62.09 -30.84 -40.05
C ASN A 69 -61.40 -30.79 -41.46
N GLY A 70 -62.23 -30.56 -42.49
CA GLY A 70 -61.83 -30.45 -43.88
C GLY A 70 -61.69 -31.78 -44.60
N SER A 71 -61.56 -32.87 -43.82
CA SER A 71 -61.37 -34.23 -44.32
C SER A 71 -62.57 -35.12 -43.99
N GLU A 72 -63.26 -34.85 -42.86
CA GLU A 72 -64.38 -35.63 -42.35
C GLU A 72 -65.32 -34.80 -41.44
N THR A 73 -66.62 -35.16 -41.40
CA THR A 73 -67.61 -34.53 -40.51
C THR A 73 -67.84 -35.42 -39.27
N PHE A 74 -67.81 -34.81 -38.09
CA PHE A 74 -67.96 -35.51 -36.81
C PHE A 74 -69.09 -34.93 -35.99
N GLN A 75 -69.83 -35.80 -35.28
CA GLN A 75 -70.89 -35.35 -34.37
C GLN A 75 -70.28 -35.02 -33.03
N VAL A 76 -70.57 -33.82 -32.52
CA VAL A 76 -70.02 -33.37 -31.25
C VAL A 76 -71.09 -32.61 -30.45
N VAL A 77 -71.32 -33.06 -29.21
CA VAL A 77 -72.25 -32.48 -28.24
C VAL A 77 -71.51 -31.29 -27.61
N CYS A 78 -72.13 -30.10 -27.58
CA CYS A 78 -71.52 -28.89 -27.04
C CYS A 78 -72.49 -28.07 -26.18
N GLY A 79 -72.03 -27.58 -25.04
CA GLY A 79 -72.84 -26.78 -24.14
C GLY A 79 -72.60 -25.29 -24.16
N ALA A 80 -71.61 -24.84 -24.94
CA ALA A 80 -71.21 -23.42 -25.06
C ALA A 80 -72.30 -22.52 -25.64
N PRO A 81 -72.63 -21.41 -24.95
CA PRO A 81 -73.69 -20.49 -25.43
C PRO A 81 -73.53 -19.92 -26.84
N ASN A 82 -72.28 -19.70 -27.29
CA ASN A 82 -71.99 -19.13 -28.61
C ASN A 82 -71.92 -20.16 -29.77
N VAL A 83 -72.07 -21.49 -29.51
CA VAL A 83 -72.02 -22.49 -30.59
C VAL A 83 -73.21 -22.27 -31.56
N ARG A 84 -72.89 -22.18 -32.87
CA ARG A 84 -73.83 -21.91 -33.97
C ARG A 84 -73.18 -22.27 -35.31
N ALA A 85 -74.02 -22.56 -36.34
CA ALA A 85 -73.53 -22.87 -37.69
C ALA A 85 -72.66 -21.74 -38.27
N GLY A 86 -71.65 -22.12 -39.05
CA GLY A 86 -70.71 -21.23 -39.72
C GLY A 86 -69.42 -20.95 -38.97
N LEU A 87 -69.44 -21.14 -37.64
CA LEU A 87 -68.30 -20.88 -36.78
C LEU A 87 -67.07 -21.72 -37.02
N LYS A 88 -65.90 -21.05 -36.99
CA LYS A 88 -64.55 -21.60 -37.09
C LYS A 88 -64.04 -21.60 -35.65
N ILE A 89 -63.69 -22.79 -35.15
CA ILE A 89 -63.31 -22.98 -33.74
C ILE A 89 -62.16 -24.00 -33.50
N PRO A 90 -61.47 -24.00 -32.32
CA PRO A 90 -60.47 -25.06 -32.08
C PRO A 90 -61.19 -26.38 -31.71
N PHE A 91 -61.10 -27.38 -32.60
CA PHE A 91 -61.71 -28.70 -32.46
C PHE A 91 -60.72 -29.76 -31.94
N ALA A 92 -60.87 -30.16 -30.66
CA ALA A 92 -60.08 -31.21 -30.01
C ALA A 92 -60.63 -32.57 -30.47
N MET A 93 -59.84 -33.29 -31.28
CA MET A 93 -60.22 -34.56 -31.88
C MET A 93 -60.00 -35.68 -30.89
N ILE A 94 -60.61 -36.87 -31.14
CA ILE A 94 -60.58 -37.99 -30.20
C ILE A 94 -59.17 -38.40 -29.61
N GLY A 95 -58.02 -38.13 -30.21
CA GLY A 95 -56.78 -38.47 -29.52
C GLY A 95 -56.09 -37.32 -28.81
N ALA A 96 -56.61 -36.07 -29.01
CA ALA A 96 -56.07 -34.82 -28.49
C ALA A 96 -55.71 -34.84 -27.02
N GLU A 97 -54.48 -34.41 -26.73
CA GLU A 97 -53.92 -34.28 -25.40
C GLU A 97 -53.89 -32.79 -25.09
N LEU A 98 -54.83 -32.34 -24.23
CA LEU A 98 -55.02 -30.95 -23.79
C LEU A 98 -54.24 -30.63 -22.50
N PRO A 99 -54.01 -29.31 -22.15
CA PRO A 99 -53.22 -28.97 -20.95
C PRO A 99 -53.55 -29.72 -19.67
N ASP A 100 -52.50 -29.95 -18.85
CA ASP A 100 -52.50 -30.65 -17.57
C ASP A 100 -53.04 -32.09 -17.69
N ASP A 101 -52.44 -32.85 -18.64
CA ASP A 101 -52.68 -34.27 -18.95
C ASP A 101 -54.17 -34.68 -19.08
N PHE A 102 -54.93 -33.96 -19.94
CA PHE A 102 -56.34 -34.24 -20.19
C PHE A 102 -56.55 -34.81 -21.60
N LYS A 103 -56.71 -36.14 -21.70
CA LYS A 103 -56.91 -36.82 -22.97
C LYS A 103 -58.38 -36.85 -23.39
N ILE A 104 -58.65 -36.46 -24.64
CA ILE A 104 -59.99 -36.45 -25.25
C ILE A 104 -60.34 -37.87 -25.65
N LYS A 105 -61.53 -38.34 -25.24
CA LYS A 105 -61.98 -39.70 -25.54
C LYS A 105 -63.37 -39.64 -26.16
N LYS A 106 -63.86 -40.75 -26.74
CA LYS A 106 -65.20 -40.83 -27.31
C LYS A 106 -66.18 -40.81 -26.13
N ALA A 107 -67.25 -40.00 -26.24
CA ALA A 107 -68.26 -39.86 -25.20
C ALA A 107 -69.70 -40.07 -25.72
N LYS A 108 -70.64 -40.33 -24.79
CA LYS A 108 -72.07 -40.48 -25.05
C LYS A 108 -72.80 -39.62 -24.00
N LEU A 109 -72.94 -38.31 -24.32
CA LEU A 109 -73.55 -37.31 -23.46
C LEU A 109 -75.07 -37.31 -23.53
N ARG A 110 -75.73 -37.81 -22.45
CA ARG A 110 -77.18 -37.93 -22.26
C ARG A 110 -77.84 -38.68 -23.43
N GLY A 111 -77.21 -39.78 -23.83
CA GLY A 111 -77.71 -40.63 -24.90
C GLY A 111 -77.21 -40.32 -26.29
N VAL A 112 -76.65 -39.11 -26.49
CA VAL A 112 -76.14 -38.67 -27.80
C VAL A 112 -74.60 -38.84 -27.88
N GLU A 113 -74.11 -39.50 -28.97
CA GLU A 113 -72.68 -39.78 -29.24
C GLU A 113 -71.93 -38.53 -29.67
N SER A 114 -70.71 -38.33 -29.13
CA SER A 114 -69.82 -37.18 -29.41
C SER A 114 -68.41 -37.66 -29.76
N PHE A 115 -67.81 -37.11 -30.85
CA PHE A 115 -66.49 -37.50 -31.35
C PHE A 115 -65.44 -36.39 -31.30
N GLY A 116 -65.38 -35.75 -30.15
CA GLY A 116 -64.44 -34.66 -29.90
C GLY A 116 -65.00 -33.61 -28.97
N MET A 117 -64.27 -32.49 -28.84
CA MET A 117 -64.59 -31.39 -27.95
C MET A 117 -64.24 -30.05 -28.63
N LEU A 118 -65.11 -29.05 -28.51
CA LEU A 118 -64.83 -27.72 -29.06
C LEU A 118 -64.28 -26.87 -27.90
N CYS A 119 -63.26 -26.02 -28.16
CA CYS A 119 -62.51 -25.33 -27.10
C CYS A 119 -62.66 -23.82 -26.99
N SER A 120 -62.36 -23.33 -25.78
CA SER A 120 -62.27 -21.93 -25.35
C SER A 120 -60.76 -21.64 -25.16
N ALA A 121 -60.39 -20.36 -25.05
CA ALA A 121 -58.98 -19.98 -24.82
C ALA A 121 -58.45 -20.55 -23.47
N LYS A 122 -59.28 -20.53 -22.41
CA LYS A 122 -58.93 -21.05 -21.08
C LYS A 122 -58.61 -22.54 -21.09
N GLU A 123 -59.43 -23.34 -21.82
CA GLU A 123 -59.28 -24.80 -21.93
C GLU A 123 -57.96 -25.20 -22.59
N LEU A 124 -57.48 -24.34 -23.49
CA LEU A 124 -56.23 -24.53 -24.22
C LEU A 124 -55.03 -23.78 -23.60
N GLN A 125 -55.27 -23.05 -22.48
CA GLN A 125 -54.27 -22.23 -21.78
C GLN A 125 -53.66 -21.17 -22.73
N ILE A 126 -54.53 -20.56 -23.56
CA ILE A 126 -54.18 -19.53 -24.55
C ILE A 126 -54.44 -18.18 -23.90
N SER A 127 -55.61 -18.01 -23.28
CA SER A 127 -56.05 -16.80 -22.60
C SER A 127 -56.89 -17.19 -21.37
N GLU A 128 -57.42 -16.20 -20.62
CA GLU A 128 -58.24 -16.44 -19.42
C GLU A 128 -59.75 -16.48 -19.77
N GLU A 129 -60.06 -16.31 -21.06
CA GLU A 129 -61.42 -16.31 -21.59
C GLU A 129 -62.07 -17.74 -21.62
N ASN A 130 -63.02 -17.99 -20.68
CA ASN A 130 -63.77 -19.26 -20.61
C ASN A 130 -65.29 -19.01 -20.81
N ALA A 131 -65.65 -17.79 -21.31
CA ALA A 131 -67.03 -17.35 -21.59
C ALA A 131 -67.78 -18.29 -22.54
N GLY A 132 -67.09 -18.66 -23.62
CA GLY A 132 -67.57 -19.56 -24.66
C GLY A 132 -66.42 -20.00 -25.54
N LEU A 133 -66.75 -20.61 -26.69
CA LEU A 133 -65.74 -21.11 -27.63
C LEU A 133 -64.88 -20.01 -28.26
N LEU A 134 -63.58 -20.29 -28.48
CA LEU A 134 -62.64 -19.36 -29.12
C LEU A 134 -62.97 -19.20 -30.62
N GLU A 135 -63.80 -18.18 -30.92
CA GLU A 135 -64.24 -17.88 -32.28
C GLU A 135 -63.05 -17.39 -33.11
N LEU A 136 -62.59 -18.26 -34.03
CA LEU A 136 -61.47 -18.01 -34.93
C LEU A 136 -61.98 -17.25 -36.17
N PRO A 137 -61.11 -16.43 -36.85
CA PRO A 137 -61.57 -15.69 -38.05
C PRO A 137 -62.35 -16.48 -39.07
N ALA A 138 -63.31 -15.83 -39.74
CA ALA A 138 -64.14 -16.44 -40.77
C ALA A 138 -63.31 -17.16 -41.85
N ASP A 139 -62.15 -16.60 -42.19
CA ASP A 139 -61.25 -17.12 -43.21
C ASP A 139 -60.16 -18.06 -42.67
N ALA A 140 -60.33 -18.63 -41.44
CA ALA A 140 -59.34 -19.56 -40.85
C ALA A 140 -59.22 -20.87 -41.69
N PRO A 141 -58.00 -21.45 -41.87
CA PRO A 141 -57.88 -22.67 -42.69
C PRO A 141 -58.27 -23.96 -41.94
N VAL A 142 -59.45 -24.55 -42.29
CA VAL A 142 -59.95 -25.73 -41.56
C VAL A 142 -59.05 -26.98 -41.84
N GLY A 143 -58.74 -27.67 -40.74
CA GLY A 143 -57.86 -28.84 -40.70
C GLY A 143 -56.49 -28.54 -40.14
N GLN A 144 -56.07 -27.26 -40.18
CA GLN A 144 -54.75 -26.80 -39.72
C GLN A 144 -54.59 -26.91 -38.20
N ASP A 145 -53.38 -27.31 -37.74
CA ASP A 145 -53.05 -27.39 -36.32
C ASP A 145 -53.19 -25.99 -35.72
N VAL A 146 -54.04 -25.86 -34.71
CA VAL A 146 -54.35 -24.60 -34.03
C VAL A 146 -53.06 -23.94 -33.47
N ARG A 147 -52.05 -24.74 -33.07
CA ARG A 147 -50.75 -24.24 -32.60
C ARG A 147 -50.02 -23.51 -33.72
N THR A 148 -50.13 -24.04 -34.96
CA THR A 148 -49.51 -23.46 -36.15
C THR A 148 -50.24 -22.17 -36.50
N TYR A 149 -51.56 -22.26 -36.68
CA TYR A 149 -52.42 -21.14 -37.02
C TYR A 149 -52.32 -19.98 -36.05
N LEU A 150 -52.32 -20.27 -34.75
CA LEU A 150 -52.23 -19.22 -33.74
C LEU A 150 -50.81 -18.90 -33.32
N GLU A 151 -49.81 -19.46 -34.02
CA GLU A 151 -48.39 -19.20 -33.78
C GLU A 151 -48.06 -19.27 -32.29
N LEU A 152 -48.44 -20.40 -31.64
CA LEU A 152 -48.27 -20.64 -30.20
C LEU A 152 -46.86 -21.14 -29.83
N ALA A 153 -46.05 -21.38 -30.87
CA ALA A 153 -44.63 -21.70 -30.81
C ALA A 153 -43.93 -20.30 -30.90
N ASP A 154 -43.94 -19.59 -29.76
CA ASP A 154 -43.40 -18.25 -29.65
C ASP A 154 -43.03 -17.99 -28.20
N TYR A 155 -42.21 -16.97 -27.98
CA TYR A 155 -41.77 -16.57 -26.65
C TYR A 155 -42.11 -15.13 -26.46
N THR A 156 -42.20 -14.73 -25.20
CA THR A 156 -42.42 -13.37 -24.81
C THR A 156 -41.15 -12.97 -24.07
N ILE A 157 -40.47 -11.94 -24.57
CA ILE A 157 -39.23 -11.42 -24.00
C ILE A 157 -39.55 -10.12 -23.27
N GLU A 158 -39.06 -9.97 -22.02
CA GLU A 158 -39.27 -8.78 -21.22
C GLU A 158 -37.95 -8.05 -21.03
N VAL A 159 -37.93 -6.76 -21.44
CA VAL A 159 -36.71 -5.94 -21.39
C VAL A 159 -36.82 -4.85 -20.34
N GLY A 160 -35.76 -4.70 -19.54
CA GLY A 160 -35.61 -3.66 -18.55
C GLY A 160 -34.81 -2.53 -19.17
N LEU A 161 -35.49 -1.54 -19.71
CA LEU A 161 -34.79 -0.47 -20.40
C LEU A 161 -34.20 0.62 -19.47
N THR A 162 -33.10 1.20 -19.92
CA THR A 162 -32.41 2.31 -19.26
C THR A 162 -33.16 3.60 -19.69
N PRO A 163 -33.21 4.66 -18.84
CA PRO A 163 -34.05 5.84 -19.17
C PRO A 163 -33.67 6.60 -20.45
N ASN A 164 -32.53 6.31 -21.02
CA ASN A 164 -32.08 6.96 -22.24
C ASN A 164 -32.59 6.26 -23.51
N ARG A 165 -33.22 5.06 -23.36
CA ARG A 165 -33.68 4.33 -24.52
C ARG A 165 -35.19 4.29 -24.62
N GLY A 166 -35.78 5.49 -24.66
CA GLY A 166 -37.22 5.68 -24.82
C GLY A 166 -37.72 5.14 -26.14
N ASP A 167 -36.85 5.14 -27.16
CA ASP A 167 -37.10 4.67 -28.52
C ASP A 167 -37.42 3.19 -28.62
N CYS A 168 -36.87 2.39 -27.69
CA CYS A 168 -37.11 0.95 -27.64
C CYS A 168 -38.43 0.54 -26.96
N LEU A 169 -39.32 1.50 -26.64
CA LEU A 169 -40.61 1.22 -25.98
C LEU A 169 -41.70 0.81 -26.98
N SER A 170 -41.28 0.18 -28.06
CA SER A 170 -42.11 -0.28 -29.16
C SER A 170 -41.40 -1.35 -29.92
N LEU A 171 -42.16 -2.11 -30.70
CA LEU A 171 -41.62 -3.14 -31.56
C LEU A 171 -40.83 -2.51 -32.70
N ALA A 172 -41.27 -1.35 -33.20
CA ALA A 172 -40.56 -0.57 -34.23
C ALA A 172 -39.15 -0.21 -33.77
N GLY A 173 -39.01 0.19 -32.50
CA GLY A 173 -37.73 0.55 -31.88
C GLY A 173 -36.82 -0.65 -31.68
N LEU A 174 -37.37 -1.73 -31.11
CA LEU A 174 -36.66 -2.99 -30.82
C LEU A 174 -36.19 -3.70 -32.11
N ALA A 175 -37.01 -3.68 -33.18
CA ALA A 175 -36.66 -4.28 -34.46
C ALA A 175 -35.50 -3.50 -35.08
N ARG A 176 -35.54 -2.15 -34.97
CA ARG A 176 -34.49 -1.28 -35.50
C ARG A 176 -33.15 -1.61 -34.84
N GLU A 177 -33.19 -1.95 -33.55
CA GLU A 177 -32.02 -2.31 -32.77
C GLU A 177 -31.45 -3.60 -33.29
N VAL A 178 -32.29 -4.67 -33.30
CA VAL A 178 -31.96 -6.01 -33.78
C VAL A 178 -31.29 -5.97 -35.18
N SER A 179 -31.83 -5.13 -36.10
CA SER A 179 -31.28 -4.98 -37.45
C SER A 179 -29.90 -4.37 -37.43
N ALA A 180 -29.66 -3.39 -36.52
CA ALA A 180 -28.37 -2.71 -36.40
C ALA A 180 -27.33 -3.66 -35.84
N ILE A 181 -27.69 -4.42 -34.77
CA ILE A 181 -26.84 -5.40 -34.06
C ILE A 181 -26.34 -6.46 -35.00
N TYR A 182 -27.26 -7.11 -35.69
CA TYR A 182 -27.00 -8.24 -36.55
C TYR A 182 -26.73 -7.91 -38.02
N ASP A 183 -26.91 -6.64 -38.47
CA ASP A 183 -26.73 -6.25 -39.87
C ASP A 183 -27.63 -7.11 -40.78
N VAL A 184 -28.94 -6.97 -40.61
CA VAL A 184 -29.95 -7.73 -41.36
C VAL A 184 -31.03 -6.75 -41.84
N PRO A 185 -31.67 -6.94 -43.02
CA PRO A 185 -32.67 -5.95 -43.48
C PRO A 185 -33.85 -5.78 -42.54
N LEU A 186 -34.33 -4.53 -42.44
CA LEU A 186 -35.46 -4.12 -41.63
C LEU A 186 -36.67 -4.02 -42.52
N ALA A 187 -37.70 -4.82 -42.22
CA ALA A 187 -38.95 -4.88 -42.98
C ALA A 187 -40.04 -4.20 -42.15
N PRO A 188 -40.15 -2.83 -42.15
CA PRO A 188 -41.20 -2.19 -41.33
C PRO A 188 -42.57 -2.30 -41.98
N VAL A 189 -43.62 -2.25 -41.16
CA VAL A 189 -44.98 -2.25 -41.68
C VAL A 189 -45.13 -1.01 -42.59
N ALA A 190 -45.68 -1.21 -43.82
CA ALA A 190 -45.86 -0.09 -44.76
C ALA A 190 -47.17 0.58 -44.36
N VAL A 191 -47.10 1.89 -44.06
CA VAL A 191 -48.25 2.68 -43.62
C VAL A 191 -48.64 3.72 -44.67
N ASP A 192 -49.60 3.36 -45.53
CA ASP A 192 -50.09 4.30 -46.54
C ASP A 192 -51.11 5.23 -45.93
N ALA A 193 -51.26 6.42 -46.50
CA ALA A 193 -52.26 7.38 -46.06
C ALA A 193 -53.66 6.85 -46.38
N VAL A 194 -54.63 7.09 -45.48
CA VAL A 194 -56.04 6.72 -45.67
C VAL A 194 -56.71 7.99 -46.25
N ALA A 195 -57.22 7.93 -47.49
CA ALA A 195 -57.88 9.07 -48.14
C ALA A 195 -59.19 9.46 -47.43
N ALA A 196 -59.39 10.80 -47.21
CA ALA A 196 -60.60 11.37 -46.59
C ALA A 196 -61.84 11.12 -47.45
N GLN A 197 -62.90 10.63 -46.81
CA GLN A 197 -64.17 10.33 -47.44
C GLN A 197 -65.14 11.52 -47.32
N HIS A 198 -64.81 12.48 -46.43
CA HIS A 198 -65.61 13.69 -46.18
C HIS A 198 -64.73 14.82 -45.71
N ASP A 199 -65.33 15.99 -45.40
CA ASP A 199 -64.54 17.16 -44.98
C ASP A 199 -64.84 17.64 -43.56
N GLU A 200 -65.51 16.78 -42.76
CA GLU A 200 -65.81 17.05 -41.36
C GLU A 200 -64.53 17.01 -40.53
N THR A 201 -64.29 18.09 -39.76
CA THR A 201 -63.13 18.27 -38.87
C THR A 201 -63.60 18.92 -37.55
N ARG A 202 -62.66 19.24 -36.67
CA ARG A 202 -62.89 20.00 -35.44
C ARG A 202 -61.69 20.94 -35.31
N PRO A 203 -61.90 22.18 -34.82
CA PRO A 203 -60.74 23.08 -34.61
C PRO A 203 -59.77 22.52 -33.55
N VAL A 204 -58.50 22.92 -33.63
CA VAL A 204 -57.44 22.47 -32.71
C VAL A 204 -56.62 23.71 -32.32
N GLU A 205 -56.51 23.99 -31.01
CA GLU A 205 -55.76 25.14 -30.52
C GLU A 205 -54.56 24.75 -29.67
N LEU A 206 -53.34 25.25 -30.02
CA LEU A 206 -52.12 25.01 -29.24
C LEU A 206 -51.90 26.24 -28.36
N ALA A 207 -52.66 26.33 -27.26
CA ALA A 207 -52.58 27.40 -26.30
C ALA A 207 -51.27 27.33 -25.48
N ALA A 208 -50.57 26.17 -25.46
CA ALA A 208 -49.30 25.93 -24.78
C ALA A 208 -48.31 25.25 -25.78
N PRO A 209 -47.81 26.01 -26.81
CA PRO A 209 -46.95 25.40 -27.84
C PRO A 209 -45.64 24.82 -27.37
N ALA A 210 -45.07 25.37 -26.25
CA ALA A 210 -43.81 24.84 -25.71
C ALA A 210 -43.99 23.41 -25.19
N ALA A 211 -45.09 23.14 -24.46
CA ALA A 211 -45.43 21.82 -23.93
C ALA A 211 -45.94 20.86 -25.02
N CYS A 212 -46.64 21.40 -26.03
CA CYS A 212 -47.16 20.60 -27.15
C CYS A 212 -46.92 21.30 -28.48
N PRO A 213 -45.76 21.05 -29.14
CA PRO A 213 -45.49 21.70 -30.43
C PRO A 213 -46.12 21.03 -31.65
N ARG A 214 -46.80 19.89 -31.46
CA ARG A 214 -47.48 19.17 -32.54
C ARG A 214 -48.63 18.35 -32.03
N TYR A 215 -49.82 18.57 -32.60
CA TYR A 215 -51.05 17.87 -32.26
C TYR A 215 -51.83 17.56 -33.53
N LEU A 216 -52.20 16.28 -33.70
CA LEU A 216 -52.98 15.78 -34.83
C LEU A 216 -54.35 15.30 -34.34
N GLY A 217 -55.39 15.65 -35.11
CA GLY A 217 -56.77 15.30 -34.80
C GLY A 217 -57.54 14.87 -36.03
N ARG A 218 -58.34 13.80 -35.90
CA ARG A 218 -59.12 13.25 -37.01
C ARG A 218 -60.53 12.86 -36.56
N VAL A 219 -61.53 13.13 -37.42
CA VAL A 219 -62.94 12.80 -37.21
C VAL A 219 -63.22 11.48 -37.96
N ILE A 220 -63.74 10.46 -37.25
CA ILE A 220 -64.15 9.21 -37.90
C ILE A 220 -65.62 8.99 -37.59
N ARG A 221 -66.46 9.12 -38.63
CA ARG A 221 -67.92 9.03 -38.47
C ARG A 221 -68.47 7.66 -38.74
N ASN A 222 -69.53 7.34 -37.99
CA ASN A 222 -70.39 6.14 -38.09
C ASN A 222 -69.62 4.82 -38.04
N VAL A 223 -69.17 4.50 -36.82
CA VAL A 223 -68.42 3.29 -36.42
C VAL A 223 -69.34 2.31 -35.67
N ASP A 224 -69.15 0.99 -35.91
CA ASP A 224 -69.95 -0.07 -35.26
C ASP A 224 -69.11 -0.71 -34.14
N LEU A 225 -69.26 -0.17 -32.94
CA LEU A 225 -68.48 -0.58 -31.78
C LEU A 225 -68.93 -1.91 -31.17
N SER A 226 -69.91 -2.56 -31.80
CA SER A 226 -70.39 -3.86 -31.38
C SER A 226 -69.46 -4.92 -31.96
N ARG A 227 -68.78 -4.59 -33.10
CA ARG A 227 -67.85 -5.47 -33.83
C ARG A 227 -66.62 -5.86 -32.95
N PRO A 228 -66.07 -7.10 -33.08
CA PRO A 228 -64.97 -7.51 -32.18
C PRO A 228 -63.55 -7.16 -32.61
N THR A 229 -62.63 -7.13 -31.62
CA THR A 229 -61.20 -6.92 -31.87
C THR A 229 -60.71 -8.21 -32.55
N PRO A 230 -59.98 -8.12 -33.69
CA PRO A 230 -59.51 -9.36 -34.36
C PRO A 230 -58.46 -10.09 -33.52
N LEU A 231 -58.53 -11.44 -33.54
CA LEU A 231 -57.67 -12.34 -32.78
C LEU A 231 -56.17 -12.03 -32.87
N TRP A 232 -55.66 -11.67 -34.07
CA TRP A 232 -54.25 -11.35 -34.22
C TRP A 232 -53.86 -10.18 -33.31
N MET A 233 -54.69 -9.09 -33.26
CA MET A 233 -54.45 -7.93 -32.42
C MET A 233 -54.54 -8.29 -30.92
N VAL A 234 -55.56 -9.07 -30.52
CA VAL A 234 -55.74 -9.57 -29.15
C VAL A 234 -54.49 -10.35 -28.69
N GLU A 235 -54.02 -11.27 -29.55
CA GLU A 235 -52.87 -12.09 -29.24
C GLU A 235 -51.58 -11.27 -29.11
N ARG A 236 -51.37 -10.31 -30.04
CA ARG A 236 -50.22 -9.39 -30.02
C ARG A 236 -50.18 -8.54 -28.75
N LEU A 237 -51.36 -8.06 -28.29
CA LEU A 237 -51.47 -7.25 -27.07
C LEU A 237 -51.25 -8.14 -25.84
N ARG A 238 -51.86 -9.35 -25.81
CA ARG A 238 -51.75 -10.33 -24.73
C ARG A 238 -50.27 -10.69 -24.46
N ARG A 239 -49.49 -10.82 -25.56
CA ARG A 239 -48.05 -11.12 -25.53
C ARG A 239 -47.17 -9.89 -25.14
N SER A 240 -47.81 -8.76 -24.81
CA SER A 240 -47.15 -7.54 -24.38
C SER A 240 -47.72 -7.12 -23.04
N ASP A 241 -48.52 -8.03 -22.42
CA ASP A 241 -49.24 -7.88 -21.16
C ASP A 241 -50.30 -6.78 -21.25
N ILE A 242 -51.01 -6.73 -22.39
CA ILE A 242 -52.06 -5.74 -22.58
C ILE A 242 -53.39 -6.47 -22.79
N ARG A 243 -54.32 -6.26 -21.84
CA ARG A 243 -55.64 -6.90 -21.90
C ARG A 243 -56.52 -6.22 -22.94
N SER A 244 -57.33 -7.01 -23.64
CA SER A 244 -58.28 -6.53 -24.64
C SER A 244 -59.46 -5.96 -23.87
N ILE A 245 -59.79 -4.67 -24.11
CA ILE A 245 -60.88 -4.01 -23.40
C ILE A 245 -62.02 -3.72 -24.38
N ASP A 246 -61.77 -2.96 -25.46
CA ASP A 246 -62.72 -2.62 -26.54
C ASP A 246 -61.96 -2.39 -27.87
N PRO A 247 -62.60 -2.58 -29.06
CA PRO A 247 -61.85 -2.40 -30.32
C PRO A 247 -61.09 -1.08 -30.46
N VAL A 248 -61.70 0.04 -30.04
CA VAL A 248 -61.10 1.38 -30.12
C VAL A 248 -59.89 1.53 -29.19
N VAL A 249 -59.99 1.14 -27.90
CA VAL A 249 -58.83 1.23 -26.98
C VAL A 249 -57.71 0.26 -27.43
N ASP A 250 -58.12 -0.92 -27.96
CA ASP A 250 -57.24 -1.95 -28.44
C ASP A 250 -56.40 -1.45 -29.61
N VAL A 251 -57.01 -0.65 -30.53
CA VAL A 251 -56.27 -0.07 -31.66
C VAL A 251 -55.22 0.94 -31.17
N THR A 252 -55.65 1.91 -30.35
CA THR A 252 -54.76 2.94 -29.80
C THR A 252 -53.58 2.30 -29.00
N ASN A 253 -53.85 1.23 -28.21
CA ASN A 253 -52.80 0.51 -27.47
C ASN A 253 -51.92 -0.22 -28.44
N TYR A 254 -52.53 -0.94 -29.41
CA TYR A 254 -51.77 -1.68 -30.44
C TYR A 254 -50.74 -0.77 -31.16
N VAL A 255 -51.19 0.38 -31.70
CA VAL A 255 -50.39 1.36 -32.42
C VAL A 255 -49.24 1.87 -31.54
N MET A 256 -49.52 2.17 -30.24
CA MET A 256 -48.51 2.63 -29.25
C MET A 256 -47.42 1.59 -29.03
N ILE A 257 -47.80 0.31 -28.97
CA ILE A 257 -46.85 -0.78 -28.78
C ILE A 257 -46.18 -1.18 -30.09
N GLU A 258 -46.84 -1.00 -31.25
CA GLU A 258 -46.26 -1.33 -32.53
C GLU A 258 -45.24 -0.26 -32.98
N LEU A 259 -45.67 1.01 -33.02
CA LEU A 259 -44.88 2.15 -33.51
C LEU A 259 -44.23 3.01 -32.41
N GLY A 260 -44.84 3.04 -31.23
CA GLY A 260 -44.33 3.82 -30.10
C GLY A 260 -45.01 5.14 -29.83
N GLN A 261 -46.14 5.42 -30.54
CA GLN A 261 -46.91 6.65 -30.39
C GLN A 261 -48.17 6.41 -29.57
N PRO A 262 -48.23 6.95 -28.32
CA PRO A 262 -49.46 6.85 -27.54
C PRO A 262 -50.53 7.67 -28.26
N MET A 263 -51.72 7.07 -28.45
CA MET A 263 -52.85 7.73 -29.12
C MET A 263 -54.08 7.59 -28.24
N HIS A 264 -55.10 8.41 -28.52
CA HIS A 264 -56.38 8.43 -27.81
C HIS A 264 -57.55 8.69 -28.75
N ALA A 265 -58.70 8.10 -28.42
CA ALA A 265 -59.96 8.33 -29.14
C ALA A 265 -60.98 8.88 -28.16
N PHE A 266 -61.63 9.97 -28.56
CA PHE A 266 -62.69 10.62 -27.78
C PHE A 266 -64.03 10.32 -28.45
N ASP A 267 -65.14 10.32 -27.68
CA ASP A 267 -66.47 10.23 -28.30
C ASP A 267 -66.68 11.64 -28.92
N LEU A 268 -66.88 11.71 -30.26
CA LEU A 268 -67.00 13.00 -30.97
C LEU A 268 -68.02 13.96 -30.32
N ALA A 269 -69.12 13.38 -29.79
CA ALA A 269 -70.22 14.07 -29.12
C ALA A 269 -69.78 14.78 -27.85
N GLU A 270 -68.66 14.32 -27.27
CA GLU A 270 -68.11 14.84 -26.03
C GLU A 270 -67.19 16.03 -26.24
N ILE A 271 -66.96 16.42 -27.51
CA ILE A 271 -66.11 17.56 -27.83
C ILE A 271 -66.96 18.76 -28.17
N ASN A 272 -67.03 19.70 -27.21
CA ASN A 272 -67.77 20.94 -27.29
C ASN A 272 -66.92 21.99 -27.99
N GLY A 273 -67.10 22.06 -29.31
CA GLY A 273 -66.45 22.99 -30.23
C GLY A 273 -64.95 22.92 -30.36
N GLY A 274 -64.41 21.80 -30.79
CA GLY A 274 -62.98 21.66 -30.97
C GLY A 274 -62.11 21.60 -29.72
N VAL A 275 -60.88 21.08 -29.92
CA VAL A 275 -59.83 20.84 -28.93
C VAL A 275 -58.99 22.10 -28.64
N ARG A 276 -58.65 22.29 -27.36
CA ARG A 276 -57.82 23.37 -26.81
C ARG A 276 -56.75 22.68 -25.94
N VAL A 277 -55.49 22.70 -26.37
CA VAL A 277 -54.35 22.12 -25.65
C VAL A 277 -53.70 23.27 -24.87
N ARG A 278 -53.93 23.28 -23.55
CA ARG A 278 -53.54 24.36 -22.65
C ARG A 278 -53.15 23.87 -21.29
N MET A 279 -52.58 24.78 -20.47
CA MET A 279 -52.24 24.50 -19.08
C MET A 279 -53.53 24.54 -18.29
N ALA A 280 -53.61 23.73 -17.22
CA ALA A 280 -54.77 23.70 -16.34
C ALA A 280 -54.84 24.98 -15.49
N GLU A 281 -56.04 25.34 -15.05
CA GLU A 281 -56.21 26.46 -14.12
C GLU A 281 -55.90 25.88 -12.72
N ASP A 282 -55.37 26.71 -11.79
CA ASP A 282 -55.08 26.21 -10.43
C ASP A 282 -56.38 25.78 -9.73
N GLY A 283 -56.37 24.55 -9.23
CA GLY A 283 -57.52 23.95 -8.57
C GLY A 283 -58.63 23.46 -9.48
N GLU A 284 -58.36 23.39 -10.81
CA GLU A 284 -59.33 22.87 -11.78
C GLU A 284 -59.46 21.37 -11.47
N LYS A 285 -60.71 20.88 -11.36
CA LYS A 285 -60.97 19.48 -11.03
C LYS A 285 -61.33 18.61 -12.22
N LEU A 286 -60.70 17.44 -12.31
CA LEU A 286 -60.93 16.46 -13.36
C LEU A 286 -61.15 15.07 -12.77
N VAL A 287 -62.18 14.38 -13.25
CA VAL A 287 -62.45 13.01 -12.83
C VAL A 287 -61.88 12.15 -13.97
N LEU A 288 -60.91 11.29 -13.62
CA LEU A 288 -60.24 10.41 -14.58
C LEU A 288 -61.12 9.24 -14.97
N LEU A 289 -60.75 8.48 -16.05
CA LEU A 289 -61.57 7.35 -16.50
C LEU A 289 -61.66 6.25 -15.43
N ASP A 290 -60.64 6.17 -14.55
CA ASP A 290 -60.58 5.24 -13.44
C ASP A 290 -61.49 5.64 -12.21
N GLY A 291 -62.01 6.88 -12.19
CA GLY A 291 -62.86 7.40 -11.12
C GLY A 291 -62.19 8.40 -10.17
N GLN A 292 -60.85 8.44 -10.17
CA GLN A 292 -60.05 9.36 -9.35
C GLN A 292 -60.34 10.84 -9.67
N GLU A 293 -60.68 11.65 -8.65
CA GLU A 293 -60.94 13.09 -8.85
C GLU A 293 -59.72 13.90 -8.51
N ILE A 294 -58.91 14.21 -9.53
CA ILE A 294 -57.67 14.98 -9.41
C ILE A 294 -57.93 16.50 -9.38
N THR A 295 -57.21 17.20 -8.48
CA THR A 295 -57.24 18.65 -8.37
C THR A 295 -55.91 19.17 -8.90
N LEU A 296 -55.96 19.72 -10.12
CA LEU A 296 -54.82 20.17 -10.93
C LEU A 296 -54.13 21.46 -10.50
N ARG A 297 -52.82 21.51 -10.84
CA ARG A 297 -51.87 22.61 -10.70
C ARG A 297 -51.72 23.29 -12.07
N ALA A 298 -51.46 24.61 -12.06
CA ALA A 298 -51.27 25.41 -13.27
C ALA A 298 -50.09 24.97 -14.17
N ASP A 299 -49.13 24.19 -13.64
CA ASP A 299 -47.97 23.71 -14.41
C ASP A 299 -48.32 22.50 -15.30
N THR A 300 -49.47 21.87 -15.08
CA THR A 300 -49.91 20.67 -15.78
C THR A 300 -50.64 20.97 -17.07
N LEU A 301 -50.19 20.32 -18.16
CA LEU A 301 -50.82 20.46 -19.48
C LEU A 301 -52.01 19.52 -19.61
N VAL A 302 -53.12 20.08 -20.07
CA VAL A 302 -54.37 19.35 -20.26
C VAL A 302 -54.89 19.45 -21.70
N ILE A 303 -55.70 18.46 -22.08
CA ILE A 303 -56.46 18.48 -23.31
C ILE A 303 -57.86 18.82 -22.83
N ALA A 304 -58.40 19.93 -23.33
CA ALA A 304 -59.68 20.50 -22.98
C ALA A 304 -60.46 20.86 -24.27
N ASP A 305 -61.77 21.08 -24.15
CA ASP A 305 -62.62 21.55 -25.25
C ASP A 305 -62.95 23.01 -24.92
N HIS A 306 -63.97 23.61 -25.56
CA HIS A 306 -64.29 25.01 -25.27
C HIS A 306 -65.08 25.20 -23.95
N GLN A 307 -65.48 24.09 -23.29
CA GLN A 307 -66.24 24.12 -22.04
C GLN A 307 -65.47 23.65 -20.78
N ARG A 308 -64.69 22.56 -20.87
CA ARG A 308 -63.99 21.94 -19.74
C ARG A 308 -62.72 21.13 -20.11
N ALA A 309 -61.94 20.71 -19.08
CA ALA A 309 -60.79 19.80 -19.24
C ALA A 309 -61.32 18.39 -19.62
N LEU A 310 -60.65 17.70 -20.56
CA LEU A 310 -61.04 16.38 -21.02
C LEU A 310 -60.10 15.29 -20.56
N ALA A 311 -58.79 15.62 -20.40
CA ALA A 311 -57.76 14.65 -20.06
C ALA A 311 -56.48 15.33 -19.61
N ILE A 312 -55.64 14.61 -18.83
CA ILE A 312 -54.35 15.13 -18.41
C ILE A 312 -53.39 14.68 -19.52
N ALA A 313 -53.05 15.64 -20.40
CA ALA A 313 -52.22 15.50 -21.60
C ALA A 313 -51.03 14.60 -21.43
N GLY A 314 -51.06 13.53 -22.21
CA GLY A 314 -50.03 12.51 -22.26
C GLY A 314 -50.06 11.50 -21.13
N VAL A 315 -50.99 11.62 -20.16
CA VAL A 315 -51.00 10.69 -19.04
C VAL A 315 -52.33 9.92 -18.99
N MET A 316 -53.49 10.58 -18.78
CA MET A 316 -54.77 9.87 -18.67
C MET A 316 -55.97 10.65 -19.08
N GLY A 317 -56.91 9.95 -19.72
CA GLY A 317 -58.17 10.52 -20.13
C GLY A 317 -59.17 10.69 -19.00
N GLY A 318 -60.12 11.59 -19.21
CA GLY A 318 -61.22 11.84 -18.30
C GLY A 318 -62.36 10.89 -18.63
N GLU A 319 -63.18 10.60 -17.61
CA GLU A 319 -64.33 9.70 -17.65
C GLU A 319 -65.40 10.15 -18.64
N HIS A 320 -65.77 11.42 -18.58
CA HIS A 320 -66.80 12.02 -19.41
C HIS A 320 -66.45 12.08 -20.93
N SER A 321 -65.17 12.00 -21.31
CA SER A 321 -64.77 12.09 -22.71
C SER A 321 -64.15 10.79 -23.35
N GLY A 322 -64.54 9.63 -22.85
CA GLY A 322 -64.11 8.37 -23.43
C GLY A 322 -65.22 7.73 -24.25
N VAL A 323 -64.91 6.62 -24.93
CA VAL A 323 -65.85 5.85 -25.76
C VAL A 323 -66.82 5.08 -24.86
N SER A 324 -68.09 4.94 -25.26
CA SER A 324 -69.12 4.24 -24.51
C SER A 324 -70.00 3.39 -25.44
N ASP A 325 -71.14 2.88 -24.94
CA ASP A 325 -72.04 2.05 -25.76
C ASP A 325 -72.81 2.90 -26.76
N SER A 326 -73.19 4.12 -26.36
CA SER A 326 -73.90 5.11 -27.16
C SER A 326 -73.10 5.68 -28.37
N THR A 327 -71.74 5.68 -28.30
CA THR A 327 -70.79 6.22 -29.29
C THR A 327 -71.04 5.73 -30.73
N ARG A 328 -71.20 6.70 -31.64
CA ARG A 328 -71.41 6.45 -33.07
C ARG A 328 -70.26 7.06 -33.90
N ASP A 329 -69.56 8.09 -33.36
CA ASP A 329 -68.48 8.80 -34.03
C ASP A 329 -67.30 9.05 -33.10
N LEU A 330 -66.09 9.03 -33.66
CA LEU A 330 -64.85 9.23 -32.91
C LEU A 330 -64.12 10.49 -33.31
N PHE A 331 -63.16 10.86 -32.45
CA PHE A 331 -62.18 11.92 -32.67
C PHE A 331 -60.87 11.39 -32.17
N LEU A 332 -59.97 11.09 -33.10
CA LEU A 332 -58.66 10.56 -32.79
C LEU A 332 -57.66 11.65 -32.47
N GLU A 333 -56.74 11.37 -31.54
CA GLU A 333 -55.67 12.26 -31.12
C GLU A 333 -54.29 11.56 -31.17
N ALA A 334 -53.30 12.25 -31.78
CA ALA A 334 -51.90 11.82 -31.83
C ALA A 334 -51.06 13.10 -31.68
N ALA A 335 -50.31 13.23 -30.57
CA ALA A 335 -49.53 14.45 -30.30
C ALA A 335 -48.07 14.19 -29.88
N PHE A 336 -47.25 15.26 -29.91
CA PHE A 336 -45.93 15.23 -29.35
C PHE A 336 -45.98 16.21 -28.17
N PHE A 337 -45.53 15.71 -27.02
CA PHE A 337 -45.44 16.46 -25.77
C PHE A 337 -43.97 16.58 -25.42
N ASP A 338 -43.55 17.77 -24.94
CA ASP A 338 -42.16 18.01 -24.57
C ASP A 338 -41.83 17.14 -23.34
N THR A 339 -40.65 16.47 -23.36
CA THR A 339 -40.20 15.58 -22.27
C THR A 339 -40.06 16.35 -20.94
N ILE A 340 -39.51 17.57 -21.02
CA ILE A 340 -39.27 18.44 -19.87
C ILE A 340 -40.60 18.87 -19.26
N ALA A 341 -41.52 19.37 -20.09
CA ALA A 341 -42.85 19.85 -19.70
C ALA A 341 -43.72 18.81 -18.98
N LEU A 342 -43.33 17.53 -19.06
CA LEU A 342 -44.09 16.39 -18.55
C LEU A 342 -43.39 15.64 -17.43
N ALA A 343 -42.07 15.78 -17.35
CA ALA A 343 -41.21 15.13 -16.36
C ALA A 343 -41.78 15.25 -14.93
N GLY A 344 -42.12 14.10 -14.35
CA GLY A 344 -42.62 13.98 -12.99
C GLY A 344 -44.07 14.38 -12.74
N LYS A 345 -44.74 14.95 -13.75
CA LYS A 345 -46.13 15.38 -13.62
C LYS A 345 -47.08 14.24 -13.28
N ALA A 346 -46.96 13.08 -13.96
CA ALA A 346 -47.85 11.95 -13.68
C ALA A 346 -47.66 11.48 -12.22
N ARG A 347 -46.38 11.36 -11.76
CA ARG A 347 -46.05 10.94 -10.39
C ARG A 347 -46.62 11.90 -9.35
N SER A 348 -46.56 13.22 -9.60
CA SER A 348 -47.06 14.20 -8.65
C SER A 348 -48.56 14.09 -8.33
N TYR A 349 -49.34 13.41 -9.20
CA TYR A 349 -50.77 13.17 -9.02
C TYR A 349 -51.00 11.70 -8.65
N GLY A 350 -49.91 11.01 -8.28
CA GLY A 350 -49.92 9.60 -7.94
C GLY A 350 -50.29 8.67 -9.07
N LEU A 351 -49.89 9.01 -10.31
CA LEU A 351 -50.21 8.22 -11.51
C LEU A 351 -48.98 7.75 -12.32
N HIS A 352 -49.16 6.64 -13.05
CA HIS A 352 -48.17 6.08 -13.97
C HIS A 352 -48.95 5.34 -15.00
N THR A 353 -48.73 5.65 -16.29
CA THR A 353 -49.40 5.03 -17.45
C THR A 353 -48.34 4.68 -18.50
N ASP A 354 -48.72 3.84 -19.51
CA ASP A 354 -47.81 3.47 -20.60
C ASP A 354 -47.58 4.71 -21.49
N SER A 355 -48.56 5.63 -21.49
CA SER A 355 -48.50 6.89 -22.25
C SER A 355 -47.54 7.80 -21.54
N SER A 356 -47.72 7.97 -20.20
CA SER A 356 -46.87 8.86 -19.40
C SER A 356 -45.40 8.46 -19.49
N HIS A 357 -45.11 7.16 -19.39
CA HIS A 357 -43.75 6.64 -19.45
C HIS A 357 -43.07 6.98 -20.77
N ARG A 358 -43.76 6.71 -21.88
CA ARG A 358 -43.26 6.96 -23.22
C ARG A 358 -42.98 8.43 -23.50
N PHE A 359 -43.93 9.34 -23.20
CA PHE A 359 -43.75 10.78 -23.44
C PHE A 359 -42.62 11.38 -22.58
N GLU A 360 -42.49 10.94 -21.31
CA GLU A 360 -41.44 11.42 -20.39
C GLU A 360 -40.05 11.01 -20.88
N ARG A 361 -39.94 9.77 -21.35
CA ARG A 361 -38.74 9.16 -21.91
C ARG A 361 -38.47 9.69 -23.35
N GLY A 362 -39.52 10.22 -23.99
CA GLY A 362 -39.45 10.79 -25.33
C GLY A 362 -40.00 9.95 -26.46
N VAL A 363 -41.00 10.50 -27.15
CA VAL A 363 -41.65 9.93 -28.34
C VAL A 363 -41.18 10.71 -29.58
N ASP A 364 -40.83 9.99 -30.66
CA ASP A 364 -40.36 10.54 -31.93
C ASP A 364 -41.27 11.69 -32.37
N SER A 365 -40.72 12.93 -32.37
CA SER A 365 -41.40 14.19 -32.72
C SER A 365 -42.01 14.22 -34.15
N GLN A 366 -41.66 13.27 -35.01
CA GLN A 366 -42.20 13.23 -36.38
C GLN A 366 -43.16 12.07 -36.64
N LEU A 367 -43.29 11.15 -35.68
CA LEU A 367 -44.07 9.92 -35.75
C LEU A 367 -45.62 10.09 -35.76
N ALA A 368 -46.16 11.16 -35.15
CA ALA A 368 -47.61 11.41 -35.04
C ALA A 368 -48.43 11.09 -36.31
N ARG A 369 -47.98 11.56 -37.48
CA ARG A 369 -48.70 11.36 -38.75
C ARG A 369 -48.75 9.91 -39.25
N LYS A 370 -47.60 9.17 -39.21
CA LYS A 370 -47.50 7.76 -39.61
C LYS A 370 -48.43 6.95 -38.72
N ALA A 371 -48.34 7.17 -37.41
CA ALA A 371 -49.19 6.50 -36.42
C ALA A 371 -50.70 6.78 -36.60
N MET A 372 -51.06 8.03 -36.95
CA MET A 372 -52.44 8.44 -37.18
C MET A 372 -53.06 7.67 -38.37
N GLU A 373 -52.32 7.57 -39.51
CA GLU A 373 -52.75 6.85 -40.74
C GLU A 373 -52.92 5.35 -40.44
N ARG A 374 -51.98 4.77 -39.67
CA ARG A 374 -51.99 3.38 -39.25
C ARG A 374 -53.24 3.04 -38.41
N ALA A 375 -53.55 3.89 -37.41
CA ALA A 375 -54.71 3.72 -36.54
C ALA A 375 -56.00 3.87 -37.35
N THR A 376 -56.05 4.83 -38.30
CA THR A 376 -57.22 5.06 -39.16
C THR A 376 -57.53 3.78 -39.93
N ARG A 377 -56.53 3.20 -40.66
CA ARG A 377 -56.75 1.95 -41.40
C ARG A 377 -57.30 0.83 -40.49
N LEU A 378 -56.64 0.58 -39.35
CA LEU A 378 -57.06 -0.42 -38.38
C LEU A 378 -58.49 -0.19 -37.89
N ILE A 379 -58.85 1.07 -37.54
CA ILE A 379 -60.21 1.41 -37.09
C ILE A 379 -61.27 0.98 -38.14
N LEU A 380 -61.08 1.41 -39.41
CA LEU A 380 -61.98 1.09 -40.51
C LEU A 380 -62.08 -0.40 -40.72
N ASP A 381 -60.96 -1.13 -40.59
CA ASP A 381 -60.95 -2.59 -40.74
C ASP A 381 -61.71 -3.28 -39.57
N ILE A 382 -61.60 -2.76 -38.34
CA ILE A 382 -62.23 -3.38 -37.17
C ILE A 382 -63.70 -2.97 -36.96
N VAL A 383 -64.00 -1.66 -36.98
CA VAL A 383 -65.33 -1.13 -36.66
C VAL A 383 -65.99 -0.38 -37.83
N GLY A 384 -65.26 -0.21 -38.93
CA GLY A 384 -65.78 0.53 -40.08
C GLY A 384 -65.69 2.02 -39.88
N GLY A 385 -66.58 2.76 -40.54
CA GLY A 385 -66.63 4.22 -40.45
C GLY A 385 -66.13 4.93 -41.68
N GLU A 386 -66.30 6.23 -41.72
CA GLU A 386 -65.87 7.08 -42.84
C GLU A 386 -64.93 8.15 -42.31
N PRO A 387 -63.65 8.16 -42.75
CA PRO A 387 -62.71 9.15 -42.20
C PRO A 387 -62.79 10.52 -42.86
N GLY A 388 -62.50 11.54 -42.04
CA GLY A 388 -62.40 12.93 -42.47
C GLY A 388 -60.93 13.27 -42.68
N PRO A 389 -60.58 14.54 -42.99
CA PRO A 389 -59.16 14.87 -43.16
C PRO A 389 -58.43 15.09 -41.83
N ILE A 390 -57.09 14.83 -41.78
CA ILE A 390 -56.24 15.05 -40.60
C ILE A 390 -56.09 16.57 -40.35
N VAL A 391 -56.20 16.99 -39.09
CA VAL A 391 -55.99 18.36 -38.63
C VAL A 391 -54.65 18.38 -37.87
N GLU A 392 -53.67 19.04 -38.44
CA GLU A 392 -52.33 19.12 -37.87
C GLU A 392 -52.06 20.55 -37.48
N GLN A 393 -51.83 20.75 -36.18
CA GLN A 393 -51.45 22.02 -35.59
C GLN A 393 -49.99 21.85 -35.20
N VAL A 394 -49.12 22.74 -35.64
CA VAL A 394 -47.69 22.61 -35.35
C VAL A 394 -47.02 23.98 -35.06
N SER A 395 -46.18 24.03 -34.00
CA SER A 395 -45.38 25.20 -33.64
C SER A 395 -43.92 24.89 -33.95
N GLU A 396 -43.45 25.37 -35.11
CA GLU A 396 -42.09 25.11 -35.60
C GLU A 396 -40.99 25.58 -34.66
N ALA A 397 -41.19 26.75 -34.01
CA ALA A 397 -40.26 27.35 -33.05
C ALA A 397 -40.10 26.55 -31.79
N HIS A 398 -41.03 25.64 -31.47
CA HIS A 398 -40.96 24.82 -30.24
C HIS A 398 -40.62 23.35 -30.48
N LEU A 399 -40.53 22.94 -31.75
CA LEU A 399 -40.15 21.58 -32.11
C LEU A 399 -38.68 21.31 -31.62
N PRO A 400 -38.38 20.10 -31.10
CA PRO A 400 -36.99 19.84 -30.63
C PRO A 400 -35.98 19.68 -31.81
N LYS A 401 -34.74 20.16 -31.61
CA LYS A 401 -33.68 20.10 -32.63
C LYS A 401 -32.31 19.75 -32.02
N VAL A 402 -31.56 18.82 -32.67
CA VAL A 402 -30.22 18.39 -32.26
C VAL A 402 -29.23 18.79 -33.37
N ALA A 403 -28.31 19.72 -33.07
CA ALA A 403 -27.27 20.17 -34.01
C ALA A 403 -26.42 18.98 -34.53
N PRO A 404 -25.97 18.97 -35.80
CA PRO A 404 -25.10 17.88 -36.27
C PRO A 404 -23.80 17.80 -35.47
N ILE A 405 -23.36 16.57 -35.16
CA ILE A 405 -22.16 16.24 -34.36
C ILE A 405 -20.94 15.94 -35.24
N THR A 406 -19.76 16.40 -34.83
CA THR A 406 -18.54 16.05 -35.55
C THR A 406 -17.77 14.96 -34.79
N LEU A 407 -17.64 13.80 -35.45
CA LEU A 407 -16.96 12.63 -34.95
C LEU A 407 -15.61 12.52 -35.60
N ARG A 408 -14.56 12.34 -34.76
CA ARG A 408 -13.16 12.18 -35.18
C ARG A 408 -12.69 10.77 -34.94
N ALA A 409 -12.20 10.09 -36.00
CA ALA A 409 -11.68 8.72 -35.96
C ALA A 409 -10.57 8.53 -34.91
N GLU A 410 -9.76 9.58 -34.67
CA GLU A 410 -8.68 9.57 -33.68
C GLU A 410 -9.25 9.36 -32.28
N ARG A 411 -10.35 10.07 -31.97
CA ARG A 411 -11.02 10.02 -30.68
C ARG A 411 -11.68 8.68 -30.41
N VAL A 412 -12.14 7.98 -31.48
CA VAL A 412 -12.74 6.63 -31.32
C VAL A 412 -11.62 5.67 -30.93
N THR A 413 -10.47 5.72 -31.67
CA THR A 413 -9.28 4.89 -31.42
C THR A 413 -8.77 5.07 -30.00
N GLN A 414 -8.68 6.33 -29.54
CA GLN A 414 -8.25 6.70 -28.20
C GLN A 414 -9.10 6.00 -27.14
N MET A 415 -10.41 6.27 -27.13
CA MET A 415 -11.38 5.78 -26.16
C MET A 415 -11.46 4.25 -26.08
N LEU A 416 -11.61 3.60 -27.23
CA LEU A 416 -11.75 2.14 -27.38
C LEU A 416 -10.41 1.36 -27.20
N GLY A 417 -9.29 2.02 -27.46
CA GLY A 417 -7.98 1.40 -27.31
C GLY A 417 -7.56 0.54 -28.49
N MET A 418 -8.31 0.67 -29.58
CA MET A 418 -8.09 -0.01 -30.86
C MET A 418 -8.78 0.78 -31.97
N PRO A 419 -8.22 0.82 -33.20
CA PRO A 419 -8.91 1.55 -34.26
C PRO A 419 -10.03 0.74 -34.89
N LEU A 420 -10.99 1.46 -35.53
CA LEU A 420 -12.08 0.89 -36.29
C LEU A 420 -12.01 1.45 -37.71
N ASP A 421 -12.22 0.61 -38.73
CA ASP A 421 -12.17 1.03 -40.14
C ASP A 421 -13.34 1.96 -40.45
N ALA A 422 -13.09 2.99 -41.26
CA ALA A 422 -14.11 3.97 -41.63
C ALA A 422 -15.40 3.32 -42.13
N ALA A 423 -15.30 2.23 -42.92
CA ALA A 423 -16.46 1.50 -43.45
C ALA A 423 -17.31 0.91 -42.33
N GLU A 424 -16.65 0.35 -41.29
CA GLU A 424 -17.29 -0.24 -40.11
C GLU A 424 -17.95 0.86 -39.29
N ILE A 425 -17.26 2.01 -39.13
CA ILE A 425 -17.81 3.16 -38.41
C ILE A 425 -19.09 3.63 -39.12
N VAL A 426 -19.01 3.89 -40.43
CA VAL A 426 -20.15 4.32 -41.23
C VAL A 426 -21.26 3.26 -41.20
N ARG A 427 -20.95 1.99 -41.48
CA ARG A 427 -21.95 0.93 -41.49
C ARG A 427 -22.76 0.88 -40.23
N LEU A 428 -22.06 0.83 -39.06
CA LEU A 428 -22.65 0.77 -37.73
C LEU A 428 -23.56 1.94 -37.43
N LEU A 429 -23.06 3.19 -37.64
CA LEU A 429 -23.84 4.40 -37.37
C LEU A 429 -25.11 4.51 -38.24
N GLN A 430 -24.97 4.20 -39.55
CA GLN A 430 -26.08 4.23 -40.51
C GLN A 430 -27.20 3.30 -40.11
N ALA A 431 -26.84 2.10 -39.59
CA ALA A 431 -27.77 1.06 -39.14
C ALA A 431 -28.70 1.54 -38.00
N LEU A 432 -28.22 2.50 -37.18
CA LEU A 432 -28.92 3.18 -36.10
C LEU A 432 -29.68 4.41 -36.64
N GLU A 433 -29.75 4.56 -37.99
CA GLU A 433 -30.42 5.66 -38.72
C GLU A 433 -29.72 7.04 -38.53
N LEU A 434 -28.41 7.00 -38.21
CA LEU A 434 -27.63 8.23 -38.09
C LEU A 434 -27.17 8.65 -39.48
N THR A 435 -27.15 9.97 -39.74
CA THR A 435 -26.79 10.56 -41.03
C THR A 435 -25.31 10.91 -41.05
N VAL A 436 -24.50 10.00 -41.57
CA VAL A 436 -23.03 10.13 -41.67
C VAL A 436 -22.61 10.74 -43.02
N VAL A 437 -21.83 11.82 -42.97
CA VAL A 437 -21.28 12.48 -44.16
C VAL A 437 -19.83 12.86 -43.86
N ALA A 438 -18.87 12.47 -44.73
CA ALA A 438 -17.47 12.78 -44.54
C ALA A 438 -17.22 14.30 -44.44
N ASP A 439 -16.26 14.70 -43.57
CA ASP A 439 -15.94 16.10 -43.31
C ASP A 439 -14.41 16.28 -43.18
N GLY A 440 -13.70 15.70 -44.13
CA GLY A 440 -12.24 15.72 -44.15
C GLY A 440 -11.66 14.37 -43.78
N GLU A 441 -10.32 14.31 -43.64
CA GLU A 441 -9.67 13.04 -43.30
C GLU A 441 -9.93 12.65 -41.85
N GLY A 442 -10.41 11.42 -41.67
CA GLY A 442 -10.72 10.81 -40.37
C GLY A 442 -11.69 11.60 -39.52
N GLN A 443 -12.64 12.30 -40.17
CA GLN A 443 -13.67 13.13 -39.56
C GLN A 443 -14.97 13.08 -40.38
N TRP A 444 -16.12 13.02 -39.68
CA TRP A 444 -17.46 13.02 -40.28
C TRP A 444 -18.38 14.01 -39.57
N SER A 445 -19.56 14.25 -40.17
CA SER A 445 -20.63 15.05 -39.62
C SER A 445 -21.87 14.16 -39.56
N VAL A 446 -22.32 13.88 -38.31
CA VAL A 446 -23.44 12.98 -38.06
C VAL A 446 -24.70 13.73 -37.55
N GLY A 447 -25.84 13.34 -38.11
CA GLY A 447 -27.16 13.87 -37.78
C GLY A 447 -27.95 12.84 -37.03
N VAL A 448 -28.64 13.28 -35.97
CA VAL A 448 -29.42 12.41 -35.09
C VAL A 448 -30.89 12.25 -35.56
N PRO A 449 -31.39 10.99 -35.67
CA PRO A 449 -32.81 10.80 -36.05
C PRO A 449 -33.78 11.25 -34.94
N SER A 450 -35.03 11.61 -35.33
CA SER A 450 -36.06 12.17 -34.45
C SER A 450 -36.55 11.24 -33.34
N HIS A 451 -36.13 9.95 -33.35
CA HIS A 451 -36.48 9.00 -32.28
C HIS A 451 -35.45 8.93 -31.13
N ARG A 452 -34.25 9.51 -31.33
CA ARG A 452 -33.20 9.47 -30.32
C ARG A 452 -33.10 10.78 -29.53
N PHE A 453 -33.44 10.72 -28.25
CA PHE A 453 -33.38 11.88 -27.35
C PHE A 453 -32.07 11.89 -26.51
N ASP A 454 -31.25 10.83 -26.62
CA ASP A 454 -30.03 10.58 -25.86
C ASP A 454 -28.69 10.85 -26.61
N ILE A 455 -28.73 11.15 -27.92
CA ILE A 455 -27.52 11.44 -28.72
C ILE A 455 -27.47 12.95 -29.00
N SER A 456 -26.33 13.62 -28.68
CA SER A 456 -26.11 15.05 -28.87
C SER A 456 -24.63 15.42 -28.94
N LEU A 457 -23.74 14.54 -28.37
CA LEU A 457 -22.28 14.72 -28.29
C LEU A 457 -21.48 13.61 -28.98
N GLU A 458 -20.19 13.88 -29.27
CA GLU A 458 -19.25 12.91 -29.89
C GLU A 458 -19.10 11.63 -29.03
N VAL A 459 -19.03 11.77 -27.70
CA VAL A 459 -18.89 10.64 -26.76
C VAL A 459 -20.09 9.66 -26.85
N ASP A 460 -21.30 10.20 -27.17
CA ASP A 460 -22.54 9.43 -27.34
C ASP A 460 -22.40 8.55 -28.58
N LEU A 461 -21.71 9.04 -29.61
CA LEU A 461 -21.44 8.29 -30.84
C LEU A 461 -20.41 7.22 -30.60
N ILE A 462 -19.35 7.55 -29.86
CA ILE A 462 -18.31 6.58 -29.47
C ILE A 462 -18.92 5.42 -28.64
N GLU A 463 -19.84 5.75 -27.68
CA GLU A 463 -20.60 4.78 -26.87
C GLU A 463 -21.31 3.82 -27.82
N GLU A 464 -22.00 4.37 -28.85
CA GLU A 464 -22.77 3.58 -29.80
C GLU A 464 -21.92 2.55 -30.51
N LEU A 465 -20.70 2.95 -30.96
CA LEU A 465 -19.75 2.06 -31.63
C LEU A 465 -19.28 0.97 -30.68
N ALA A 466 -18.81 1.36 -29.45
CA ALA A 466 -18.36 0.46 -28.38
C ALA A 466 -19.39 -0.66 -28.15
N ARG A 467 -20.64 -0.23 -27.90
CA ARG A 467 -21.85 -1.02 -27.67
C ARG A 467 -22.10 -2.04 -28.76
N LEU A 468 -22.11 -1.59 -30.03
CA LEU A 468 -22.42 -2.44 -31.17
C LEU A 468 -21.29 -3.33 -31.58
N TYR A 469 -20.04 -2.88 -31.39
CA TYR A 469 -18.84 -3.66 -31.67
C TYR A 469 -18.77 -4.81 -30.65
N GLY A 470 -19.08 -4.49 -29.39
CA GLY A 470 -19.07 -5.43 -28.28
C GLY A 470 -18.05 -5.07 -27.23
N TYR A 471 -18.51 -4.67 -26.02
CA TYR A 471 -17.69 -4.28 -24.86
C TYR A 471 -16.65 -5.35 -24.52
N ASN A 472 -17.05 -6.62 -24.46
CA ASN A 472 -16.17 -7.71 -24.11
C ASN A 472 -15.21 -8.13 -25.25
N ARG A 473 -15.35 -7.54 -26.47
CA ARG A 473 -14.43 -7.76 -27.61
C ARG A 473 -13.30 -6.72 -27.57
N LEU A 474 -13.52 -5.60 -26.85
CA LEU A 474 -12.58 -4.50 -26.72
C LEU A 474 -11.36 -4.88 -25.88
N PRO A 475 -10.17 -4.25 -26.16
CA PRO A 475 -8.95 -4.58 -25.37
C PRO A 475 -9.02 -4.28 -23.86
N VAL A 476 -8.13 -4.90 -23.10
CA VAL A 476 -7.94 -4.79 -21.65
C VAL A 476 -6.47 -4.42 -21.43
N ARG A 477 -6.25 -3.29 -20.77
CA ARG A 477 -4.95 -2.70 -20.51
C ARG A 477 -4.94 -2.20 -19.06
N TYR A 478 -3.74 -1.99 -18.48
CA TYR A 478 -3.59 -1.46 -17.11
C TYR A 478 -3.05 -0.04 -17.19
N PRO A 479 -3.68 0.96 -16.54
CA PRO A 479 -3.17 2.33 -16.67
C PRO A 479 -1.75 2.55 -16.14
N GLN A 480 -0.92 3.29 -16.90
CA GLN A 480 0.45 3.62 -16.53
C GLN A 480 0.49 4.75 -15.49
N ALA A 481 1.56 4.77 -14.66
CA ALA A 481 1.72 5.77 -13.60
C ALA A 481 3.18 6.01 -13.22
N ARG A 482 3.64 7.27 -13.30
CA ARG A 482 4.96 7.71 -12.84
C ARG A 482 4.74 7.99 -11.35
N LEU A 483 5.05 7.02 -10.49
CA LEU A 483 4.85 7.14 -9.05
C LEU A 483 6.13 7.36 -8.25
N ALA A 484 6.02 8.15 -7.17
CA ALA A 484 7.10 8.48 -6.26
C ALA A 484 6.87 7.91 -4.85
N PRO A 485 7.94 7.46 -4.13
CA PRO A 485 7.74 6.97 -2.77
C PRO A 485 7.22 8.09 -1.85
N ASN A 486 6.30 7.74 -0.96
CA ASN A 486 5.66 8.69 -0.06
C ASN A 486 5.13 8.00 1.17
N ASN A 487 4.84 8.78 2.21
CA ASN A 487 4.30 8.24 3.46
C ASN A 487 3.76 9.35 4.36
N LYS A 488 2.75 9.00 5.15
CA LYS A 488 2.15 9.90 6.14
C LYS A 488 3.11 10.05 7.34
N PRO A 489 3.01 11.11 8.19
CA PRO A 489 3.94 11.26 9.32
C PRO A 489 3.96 10.08 10.30
N GLU A 490 5.14 9.78 10.84
CA GLU A 490 5.36 8.66 11.75
C GLU A 490 4.54 8.75 13.02
N ALA A 491 4.52 9.93 13.67
CA ALA A 491 3.89 10.15 14.98
C ALA A 491 2.44 10.58 14.92
N ARG A 492 1.61 9.73 14.33
CA ARG A 492 0.17 9.97 14.24
C ARG A 492 -0.61 8.67 14.52
N ALA A 493 -1.71 8.79 15.25
CA ALA A 493 -2.55 7.64 15.57
C ALA A 493 -3.81 7.73 14.71
N ALA A 494 -3.86 6.96 13.61
CA ALA A 494 -5.00 6.99 12.70
C ALA A 494 -6.13 6.13 13.23
N LEU A 495 -7.38 6.37 12.74
CA LEU A 495 -8.55 5.61 13.16
C LEU A 495 -8.40 4.09 12.96
N PRO A 496 -7.82 3.58 11.83
CA PRO A 496 -7.66 2.10 11.69
C PRO A 496 -6.82 1.45 12.80
N LEU A 497 -5.78 2.17 13.25
CA LEU A 497 -4.86 1.81 14.32
C LEU A 497 -5.59 1.70 15.66
N LEU A 498 -6.38 2.73 16.00
CA LEU A 498 -7.17 2.87 17.22
C LEU A 498 -8.29 1.86 17.31
N ARG A 499 -8.89 1.49 16.16
CA ARG A 499 -9.96 0.49 16.06
C ARG A 499 -9.40 -0.85 16.47
N ARG A 500 -8.18 -1.16 15.95
CA ARG A 500 -7.52 -2.42 16.23
C ARG A 500 -7.05 -2.50 17.66
N LEU A 501 -6.69 -1.34 18.24
CA LEU A 501 -6.28 -1.28 19.63
C LEU A 501 -7.45 -1.71 20.54
N LEU A 502 -8.63 -1.06 20.36
CA LEU A 502 -9.85 -1.31 21.11
C LEU A 502 -10.32 -2.77 20.96
N VAL A 503 -10.13 -3.37 19.77
CA VAL A 503 -10.42 -4.80 19.50
C VAL A 503 -9.54 -5.65 20.44
N ALA A 504 -8.21 -5.36 20.48
CA ALA A 504 -7.26 -6.08 21.33
C ALA A 504 -7.65 -5.95 22.80
N ARG A 505 -8.20 -4.79 23.17
CA ARG A 505 -8.66 -4.47 24.52
C ARG A 505 -10.10 -5.00 24.81
N GLY A 506 -10.60 -5.86 23.91
CA GLY A 506 -11.87 -6.57 24.05
C GLY A 506 -13.18 -5.87 23.72
N TYR A 507 -13.16 -4.97 22.72
CA TYR A 507 -14.34 -4.25 22.26
C TYR A 507 -14.81 -4.79 20.91
N GLN A 508 -16.09 -4.57 20.67
CA GLN A 508 -16.77 -4.95 19.45
C GLN A 508 -17.22 -3.69 18.72
N GLU A 509 -16.92 -3.61 17.41
CA GLU A 509 -17.32 -2.44 16.64
C GLU A 509 -18.80 -2.43 16.26
N ALA A 510 -19.46 -1.29 16.51
CA ALA A 510 -20.86 -1.05 16.15
C ALA A 510 -20.99 -0.01 15.02
N ILE A 511 -22.10 -0.06 14.28
CA ILE A 511 -22.47 0.91 13.23
C ILE A 511 -23.96 1.21 13.46
N THR A 512 -24.28 2.47 13.83
CA THR A 512 -25.63 2.96 14.13
C THR A 512 -26.06 4.03 13.10
N PHE A 513 -27.39 4.26 12.95
CA PHE A 513 -27.89 5.28 12.03
C PHE A 513 -27.50 6.69 12.53
N SER A 514 -27.16 7.57 11.59
CA SER A 514 -26.77 8.95 11.86
C SER A 514 -27.96 9.77 12.34
N PHE A 515 -29.17 9.45 11.78
CA PHE A 515 -30.41 10.12 12.13
C PHE A 515 -31.10 9.35 13.24
N ILE A 516 -31.49 10.06 14.29
CA ILE A 516 -32.09 9.51 15.49
C ILE A 516 -33.38 10.25 15.87
N ASP A 517 -34.07 9.75 16.91
CA ASP A 517 -35.31 10.31 17.42
C ASP A 517 -35.04 11.61 18.19
N PRO A 518 -35.78 12.70 17.86
CA PRO A 518 -35.57 13.99 18.56
C PRO A 518 -35.67 13.89 20.08
N ALA A 519 -36.59 13.02 20.58
CA ALA A 519 -36.77 12.74 22.00
C ALA A 519 -35.44 12.21 22.59
N LEU A 520 -34.78 11.26 21.88
CA LEU A 520 -33.50 10.72 22.33
C LEU A 520 -32.41 11.81 22.29
N PHE A 521 -32.30 12.56 21.17
CA PHE A 521 -31.37 13.68 20.97
C PHE A 521 -31.44 14.64 22.17
N GLU A 522 -32.67 15.06 22.54
CA GLU A 522 -32.95 15.97 23.63
C GLU A 522 -32.51 15.43 25.00
N LEU A 523 -32.51 14.09 25.20
CA LEU A 523 -32.12 13.47 26.48
C LEU A 523 -30.62 13.58 26.70
N PHE A 524 -29.83 13.29 25.66
CA PHE A 524 -28.37 13.32 25.71
C PHE A 524 -27.80 14.73 25.47
N ASP A 525 -28.60 15.62 24.85
CA ASP A 525 -28.22 16.99 24.53
C ASP A 525 -29.37 17.98 24.80
N PRO A 526 -29.66 18.29 26.10
CA PRO A 526 -30.75 19.23 26.41
C PRO A 526 -30.46 20.67 25.97
N GLY A 527 -31.45 21.34 25.46
CA GLY A 527 -31.31 22.72 25.00
C GLY A 527 -30.89 22.91 23.55
N THR A 528 -30.21 21.94 22.99
CA THR A 528 -29.75 22.04 21.61
C THR A 528 -30.85 21.72 20.59
N GLN A 529 -30.90 22.53 19.51
CA GLN A 529 -31.85 22.31 18.44
C GLN A 529 -31.20 21.36 17.41
N PRO A 530 -31.72 20.12 17.22
CA PRO A 530 -31.11 19.23 16.23
C PRO A 530 -31.30 19.73 14.81
N LEU A 531 -30.40 19.29 13.91
CA LEU A 531 -30.50 19.58 12.50
C LEU A 531 -31.52 18.53 12.02
N THR A 532 -32.78 18.97 11.81
CA THR A 532 -33.91 18.11 11.43
C THR A 532 -34.09 17.99 9.92
N LEU A 533 -34.40 16.76 9.47
CA LEU A 533 -34.70 16.46 8.07
C LEU A 533 -36.11 16.96 7.70
N ALA A 534 -36.29 17.39 6.43
CA ALA A 534 -37.60 17.84 5.92
C ALA A 534 -38.47 16.61 5.62
N ASN A 535 -37.88 15.57 5.02
CA ASN A 535 -38.57 14.34 4.63
C ASN A 535 -37.97 13.06 5.29
N PRO A 536 -37.95 12.94 6.65
CA PRO A 536 -37.42 11.72 7.26
C PRO A 536 -38.21 10.47 6.87
N ILE A 537 -37.56 9.30 6.85
CA ILE A 537 -38.20 8.02 6.52
C ILE A 537 -39.30 7.70 7.57
N SER A 538 -39.10 8.13 8.82
CA SER A 538 -40.05 8.01 9.94
C SER A 538 -39.77 9.17 10.92
N ALA A 539 -40.70 9.42 11.87
CA ALA A 539 -40.59 10.49 12.84
C ALA A 539 -39.44 10.29 13.85
N ASP A 540 -39.09 9.04 14.15
CA ASP A 540 -38.02 8.68 15.10
C ASP A 540 -36.63 8.57 14.43
N MET A 541 -36.52 9.04 13.19
CA MET A 541 -35.30 9.03 12.41
C MET A 541 -35.19 10.40 11.70
N ALA A 542 -35.58 11.47 12.43
CA ALA A 542 -35.63 12.84 11.93
C ALA A 542 -34.52 13.79 12.41
N ALA A 543 -33.70 13.40 13.40
CA ALA A 543 -32.64 14.25 13.96
C ALA A 543 -31.20 13.79 13.69
N MET A 544 -30.38 14.65 13.06
CA MET A 544 -28.96 14.35 12.82
C MET A 544 -28.26 14.33 14.19
N ARG A 545 -27.51 13.25 14.48
CA ARG A 545 -26.81 13.08 15.77
C ARG A 545 -25.72 14.14 16.05
N SER A 546 -25.60 14.53 17.33
CA SER A 546 -24.59 15.46 17.87
C SER A 546 -23.58 14.64 18.71
N SER A 547 -23.90 13.36 18.95
CA SER A 547 -23.14 12.43 19.76
C SER A 547 -23.43 10.99 19.27
N LEU A 548 -22.43 10.10 19.42
CA LEU A 548 -22.57 8.70 19.03
C LEU A 548 -23.18 7.87 20.19
N TRP A 549 -23.30 8.50 21.39
CA TRP A 549 -23.84 7.87 22.60
C TRP A 549 -25.30 7.43 22.52
N PRO A 550 -26.28 8.24 22.03
CA PRO A 550 -27.67 7.74 21.96
C PRO A 550 -27.78 6.40 21.20
N GLY A 551 -27.16 6.31 20.03
CA GLY A 551 -27.11 5.10 19.21
C GLY A 551 -26.45 3.92 19.89
N LEU A 552 -25.27 4.13 20.54
CA LEU A 552 -24.52 3.09 21.29
C LEU A 552 -25.32 2.56 22.47
N VAL A 553 -25.88 3.46 23.31
CA VAL A 553 -26.73 3.10 24.45
C VAL A 553 -27.91 2.25 23.94
N LYS A 554 -28.52 2.67 22.84
CA LYS A 554 -29.61 1.94 22.22
C LYS A 554 -29.20 0.53 21.75
N ALA A 555 -27.98 0.37 21.19
CA ALA A 555 -27.48 -0.94 20.73
C ALA A 555 -27.12 -1.82 21.92
N LEU A 556 -26.64 -1.20 22.99
CA LEU A 556 -26.26 -1.85 24.23
C LEU A 556 -27.50 -2.44 24.86
N GLN A 557 -28.61 -1.66 24.94
CA GLN A 557 -29.87 -2.15 25.54
C GLN A 557 -30.56 -3.19 24.66
N HIS A 558 -30.43 -3.09 23.33
CA HIS A 558 -30.95 -4.09 22.39
C HIS A 558 -30.35 -5.48 22.72
N ASN A 559 -29.05 -5.51 23.03
CA ASN A 559 -28.31 -6.70 23.42
C ASN A 559 -28.70 -7.21 24.82
N LEU A 560 -28.88 -6.30 25.76
CA LEU A 560 -29.28 -6.60 27.14
C LEU A 560 -30.64 -7.27 27.14
N ASN A 561 -31.53 -6.81 26.25
CA ASN A 561 -32.86 -7.36 26.04
C ASN A 561 -32.80 -8.72 25.32
N ARG A 562 -31.64 -9.09 24.77
CA ARG A 562 -31.42 -10.34 24.06
C ARG A 562 -30.46 -11.28 24.81
N GLN A 563 -30.63 -11.40 26.15
CA GLN A 563 -29.89 -12.31 27.02
C GLN A 563 -28.35 -12.14 27.00
N GLN A 564 -27.87 -10.91 26.81
CA GLN A 564 -26.43 -10.59 26.86
C GLN A 564 -26.26 -9.77 28.13
N SER A 565 -25.16 -9.98 28.87
CA SER A 565 -24.94 -9.22 30.12
C SER A 565 -23.66 -8.39 30.07
N ARG A 566 -22.63 -8.88 29.37
CA ARG A 566 -21.38 -8.15 29.23
C ARG A 566 -21.39 -7.53 27.83
N VAL A 567 -21.57 -6.21 27.75
CA VAL A 567 -21.62 -5.53 26.45
C VAL A 567 -20.52 -4.47 26.38
N ARG A 568 -19.64 -4.57 25.36
CA ARG A 568 -18.53 -3.62 25.15
C ARG A 568 -18.54 -3.22 23.67
N LEU A 569 -19.03 -2.01 23.38
CA LEU A 569 -19.16 -1.51 22.01
C LEU A 569 -18.39 -0.24 21.72
N PHE A 570 -17.98 -0.06 20.47
CA PHE A 570 -17.31 1.16 20.06
C PHE A 570 -17.75 1.56 18.67
N GLU A 571 -17.73 2.85 18.39
CA GLU A 571 -18.13 3.37 17.08
C GLU A 571 -17.32 4.63 16.73
N SER A 572 -17.11 4.84 15.44
CA SER A 572 -16.50 6.02 14.85
C SER A 572 -17.49 6.56 13.84
N GLY A 573 -17.52 7.86 13.67
CA GLY A 573 -18.44 8.51 12.75
C GLY A 573 -18.55 9.98 13.01
N LEU A 574 -19.28 10.67 12.15
CA LEU A 574 -19.47 12.12 12.26
C LEU A 574 -20.56 12.52 13.25
N ARG A 575 -20.42 13.71 13.81
CA ARG A 575 -21.45 14.37 14.60
C ARG A 575 -21.82 15.66 13.84
N PHE A 576 -23.05 16.09 14.00
CA PHE A 576 -23.56 17.25 13.31
C PHE A 576 -23.93 18.31 14.34
N VAL A 577 -23.17 19.42 14.36
CA VAL A 577 -23.34 20.52 15.33
C VAL A 577 -23.77 21.85 14.67
N GLY A 578 -24.89 22.38 15.15
CA GLY A 578 -25.47 23.62 14.67
C GLY A 578 -26.48 23.47 13.55
N GLN A 579 -26.89 24.61 12.99
CA GLN A 579 -27.83 24.62 11.87
C GLN A 579 -27.00 24.80 10.61
N LEU A 580 -27.62 24.64 9.42
CA LEU A 580 -26.92 24.69 8.13
C LEU A 580 -25.86 25.79 8.06
N GLU A 581 -26.24 27.03 8.47
CA GLU A 581 -25.30 28.13 8.54
C GLU A 581 -24.33 27.90 9.71
N GLY A 582 -23.10 27.51 9.33
CA GLY A 582 -22.03 27.21 10.28
C GLY A 582 -22.06 25.81 10.87
N LEU A 583 -22.69 24.86 10.15
CA LEU A 583 -22.77 23.46 10.57
C LEU A 583 -21.37 22.83 10.67
N LYS A 584 -21.07 22.14 11.78
CA LYS A 584 -19.79 21.47 12.01
C LYS A 584 -20.03 19.97 11.88
N GLN A 585 -19.24 19.30 11.00
CA GLN A 585 -19.31 17.85 10.77
C GLN A 585 -17.96 17.27 11.21
N GLU A 586 -17.89 16.79 12.47
CA GLU A 586 -16.67 16.31 13.14
C GLU A 586 -16.66 14.79 13.41
N ALA A 587 -15.58 14.09 12.98
CA ALA A 587 -15.39 12.65 13.19
C ALA A 587 -15.03 12.37 14.66
N MET A 588 -15.82 11.46 15.26
CA MET A 588 -15.71 11.07 16.67
C MET A 588 -15.40 9.58 16.84
N LEU A 589 -14.83 9.23 17.99
CA LEU A 589 -14.59 7.86 18.43
C LEU A 589 -15.28 7.77 19.78
N ALA A 590 -16.23 6.87 19.89
CA ALA A 590 -17.01 6.69 21.12
C ALA A 590 -17.12 5.22 21.50
N GLY A 591 -17.24 4.96 22.79
CA GLY A 591 -17.34 3.62 23.33
C GLY A 591 -18.29 3.54 24.51
N ALA A 592 -18.90 2.37 24.69
CA ALA A 592 -19.85 2.08 25.76
C ALA A 592 -19.62 0.66 26.31
N ILE A 593 -19.51 0.56 27.65
CA ILE A 593 -19.27 -0.71 28.36
C ILE A 593 -20.24 -0.91 29.52
N CYS A 594 -20.63 -2.17 29.76
CA CYS A 594 -21.48 -2.59 30.88
C CYS A 594 -21.23 -4.08 31.19
N GLY A 595 -21.78 -4.53 32.33
CA GLY A 595 -21.62 -5.90 32.80
C GLY A 595 -20.31 -6.16 33.54
N LYS A 596 -19.94 -7.44 33.69
CA LYS A 596 -18.71 -7.83 34.39
C LYS A 596 -17.42 -7.25 33.76
N ARG A 597 -16.42 -6.98 34.61
CA ARG A 597 -15.12 -6.45 34.19
C ARG A 597 -14.44 -7.42 33.20
N LEU A 598 -14.55 -8.74 33.47
CA LEU A 598 -13.97 -9.79 32.65
C LEU A 598 -15.02 -10.77 32.17
N PRO A 599 -14.71 -11.60 31.14
CA PRO A 599 -15.68 -12.65 30.73
C PRO A 599 -15.78 -13.71 31.83
N GLU A 600 -16.87 -14.50 31.82
CA GLU A 600 -17.05 -15.55 32.82
C GLU A 600 -16.00 -16.65 32.58
N GLY A 601 -15.23 -16.96 33.61
CA GLY A 601 -14.17 -17.96 33.57
C GLY A 601 -13.66 -18.35 34.94
N TRP A 602 -13.02 -19.51 35.02
CA TRP A 602 -12.48 -20.10 36.24
C TRP A 602 -11.39 -19.27 36.92
N ALA A 603 -10.60 -18.52 36.12
CA ALA A 603 -9.46 -17.73 36.61
C ALA A 603 -9.75 -16.21 36.74
N ASN A 604 -10.97 -15.79 36.36
CA ASN A 604 -11.42 -14.40 36.38
C ASN A 604 -12.30 -14.09 37.56
N GLY A 605 -12.03 -12.96 38.21
CA GLY A 605 -12.85 -12.45 39.30
C GLY A 605 -14.20 -11.99 38.80
N ARG A 606 -15.23 -12.16 39.64
CA ARG A 606 -16.64 -11.86 39.34
C ARG A 606 -17.06 -10.38 39.57
N ASP A 607 -16.10 -9.45 39.55
CA ASP A 607 -16.37 -8.01 39.74
C ASP A 607 -16.96 -7.36 38.49
N GLY A 608 -17.79 -6.36 38.71
CA GLY A 608 -18.41 -5.59 37.64
C GLY A 608 -17.56 -4.43 37.18
N VAL A 609 -17.73 -4.02 35.90
CA VAL A 609 -16.99 -2.91 35.31
C VAL A 609 -17.28 -1.59 36.03
N ASP A 610 -16.28 -0.71 36.08
CA ASP A 610 -16.43 0.61 36.66
C ASP A 610 -15.73 1.69 35.82
N PHE A 611 -15.79 2.95 36.31
CA PHE A 611 -15.20 4.14 35.70
C PHE A 611 -13.73 3.95 35.30
N PHE A 612 -12.93 3.32 36.18
CA PHE A 612 -11.50 3.14 35.98
C PHE A 612 -11.15 2.10 34.93
N ASP A 613 -12.11 1.26 34.58
CA ASP A 613 -11.93 0.28 33.52
C ASP A 613 -12.03 0.99 32.18
N ALA A 614 -13.04 1.86 32.05
CA ALA A 614 -13.25 2.72 30.88
C ALA A 614 -12.04 3.66 30.76
N LYS A 615 -11.60 4.27 31.90
CA LYS A 615 -10.44 5.17 31.92
C LYS A 615 -9.20 4.52 31.32
N ALA A 616 -8.95 3.24 31.65
CA ALA A 616 -7.79 2.49 31.15
C ALA A 616 -7.80 2.40 29.62
N ASP A 617 -9.01 2.12 29.05
CA ASP A 617 -9.27 1.99 27.61
C ASP A 617 -9.04 3.33 26.92
N VAL A 618 -9.42 4.43 27.58
CA VAL A 618 -9.22 5.79 27.05
C VAL A 618 -7.71 6.15 27.06
N GLU A 619 -7.02 5.90 28.20
CA GLU A 619 -5.58 6.16 28.37
C GLU A 619 -4.78 5.49 27.26
N ALA A 620 -5.10 4.21 26.95
CA ALA A 620 -4.49 3.38 25.91
C ALA A 620 -4.58 4.05 24.54
N VAL A 621 -5.77 4.64 24.23
CA VAL A 621 -6.07 5.35 22.97
C VAL A 621 -5.24 6.64 22.93
N LEU A 622 -5.32 7.44 23.99
CA LEU A 622 -4.63 8.72 24.12
C LEU A 622 -3.09 8.58 24.10
N ALA A 623 -2.56 7.36 24.39
CA ALA A 623 -1.12 7.05 24.43
C ALA A 623 -0.58 6.42 23.10
N SER A 624 -1.48 6.23 22.12
CA SER A 624 -1.22 5.61 20.83
C SER A 624 -0.19 6.31 19.95
N ALA A 625 0.08 7.60 20.17
CA ALA A 625 1.07 8.30 19.34
C ALA A 625 2.13 9.01 20.21
N GLY A 626 2.39 8.45 21.39
CA GLY A 626 3.36 8.94 22.36
C GLY A 626 3.14 10.37 22.80
N ALA A 627 1.89 10.74 23.20
CA ALA A 627 1.55 12.10 23.62
C ALA A 627 0.53 12.09 24.78
N LEU A 628 0.52 10.99 25.58
CA LEU A 628 -0.38 10.84 26.73
C LEU A 628 -0.24 11.97 27.75
N GLY A 629 0.98 12.48 27.91
CA GLY A 629 1.27 13.58 28.83
C GLY A 629 0.58 14.89 28.50
N ASP A 630 0.17 15.05 27.23
CA ASP A 630 -0.53 16.23 26.71
C ASP A 630 -2.00 16.26 27.10
N PHE A 631 -2.53 15.11 27.57
CA PHE A 631 -3.92 14.98 27.97
C PHE A 631 -4.08 15.03 29.49
N SER A 632 -5.19 15.64 29.92
CA SER A 632 -5.55 15.76 31.31
C SER A 632 -7.05 15.52 31.48
N PHE A 633 -7.38 14.69 32.47
CA PHE A 633 -8.73 14.35 32.89
C PHE A 633 -9.05 15.26 34.07
N VAL A 634 -10.01 16.15 33.88
CA VAL A 634 -10.37 17.10 34.92
C VAL A 634 -11.82 16.87 35.40
N PRO A 635 -12.10 16.93 36.74
CA PRO A 635 -13.49 16.72 37.19
C PRO A 635 -14.42 17.68 36.44
N GLY A 636 -15.33 17.09 35.66
CA GLY A 636 -16.28 17.82 34.83
C GLY A 636 -17.73 17.48 35.11
N GLU A 637 -18.61 17.96 34.22
CA GLU A 637 -20.05 17.73 34.27
C GLU A 637 -20.65 17.72 32.88
N HIS A 638 -21.50 16.74 32.61
CA HIS A 638 -22.18 16.56 31.33
C HIS A 638 -23.65 16.14 31.61
N PRO A 639 -24.64 16.73 30.91
CA PRO A 639 -26.05 16.38 31.19
C PRO A 639 -26.42 14.91 31.05
N ALA A 640 -25.73 14.17 30.18
CA ALA A 640 -26.02 12.76 30.01
C ALA A 640 -25.25 11.87 31.02
N LEU A 641 -24.33 12.47 31.80
CA LEU A 641 -23.48 11.70 32.71
C LEU A 641 -23.65 12.01 34.20
N HIS A 642 -23.32 11.00 35.03
CA HIS A 642 -23.34 11.02 36.49
C HIS A 642 -22.41 12.15 36.97
N PRO A 643 -22.95 13.20 37.63
CA PRO A 643 -22.12 14.34 38.08
C PRO A 643 -20.96 14.02 39.01
N GLY A 644 -21.06 12.91 39.74
CA GLY A 644 -20.00 12.45 40.63
C GLY A 644 -18.97 11.58 39.93
N GLN A 645 -19.26 11.10 38.72
CA GLN A 645 -18.38 10.20 37.97
C GLN A 645 -18.13 10.65 36.53
N THR A 646 -17.81 11.96 36.33
CA THR A 646 -17.56 12.54 34.99
C THR A 646 -16.18 13.20 34.90
N ALA A 647 -15.44 12.91 33.81
CA ALA A 647 -14.16 13.51 33.52
C ALA A 647 -14.19 14.25 32.18
N ARG A 648 -13.74 15.53 32.19
CA ARG A 648 -13.60 16.36 30.99
C ARG A 648 -12.13 16.19 30.52
N ILE A 649 -11.94 15.60 29.33
CA ILE A 649 -10.62 15.35 28.73
C ILE A 649 -10.17 16.58 27.93
N GLU A 650 -8.99 17.12 28.26
CA GLU A 650 -8.45 18.32 27.59
C GLU A 650 -7.02 18.16 27.06
N ARG A 651 -6.64 18.99 26.05
CA ARG A 651 -5.31 19.07 25.42
C ARG A 651 -4.99 20.54 25.17
N GLU A 652 -3.96 21.09 25.87
CA GLU A 652 -3.57 22.51 25.77
C GLU A 652 -4.76 23.46 26.04
N GLY A 653 -5.68 23.04 26.90
CA GLY A 653 -6.88 23.81 27.21
C GLY A 653 -8.08 23.42 26.37
N ARG A 654 -7.87 22.99 25.12
CA ARG A 654 -8.92 22.57 24.17
C ARG A 654 -9.67 21.31 24.62
N LEU A 655 -11.01 21.25 24.32
CA LEU A 655 -11.82 20.08 24.69
C LEU A 655 -11.66 18.92 23.72
N VAL A 656 -11.16 17.78 24.24
CA VAL A 656 -10.98 16.54 23.48
C VAL A 656 -12.28 15.72 23.56
N GLY A 657 -12.82 15.58 24.78
CA GLY A 657 -14.06 14.86 24.99
C GLY A 657 -14.49 14.69 26.43
N TYR A 658 -15.27 13.64 26.66
CA TYR A 658 -15.84 13.26 27.95
C TYR A 658 -15.75 11.75 28.20
N LEU A 659 -15.67 11.39 29.49
CA LEU A 659 -15.61 10.02 29.98
C LEU A 659 -16.39 9.99 31.27
N GLY A 660 -17.33 9.06 31.37
CA GLY A 660 -18.12 8.93 32.59
C GLY A 660 -19.20 7.87 32.61
N ALA A 661 -19.79 7.73 33.79
CA ALA A 661 -20.90 6.82 34.03
C ALA A 661 -22.17 7.50 33.51
N LEU A 662 -23.02 6.73 32.81
CA LEU A 662 -24.30 7.23 32.30
C LEU A 662 -25.14 7.65 33.51
N HIS A 663 -25.75 8.85 33.42
CA HIS A 663 -26.58 9.42 34.47
C HIS A 663 -27.72 8.47 34.86
N PRO A 664 -27.79 8.11 36.17
CA PRO A 664 -28.87 7.24 36.64
C PRO A 664 -30.29 7.63 36.21
N GLU A 665 -30.57 8.94 36.12
CA GLU A 665 -31.87 9.46 35.68
C GLU A 665 -32.14 9.06 34.25
N LEU A 666 -31.09 9.15 33.38
CA LEU A 666 -31.20 8.77 31.97
C LEU A 666 -31.49 7.30 31.87
N ALA A 667 -30.78 6.46 32.66
CA ALA A 667 -30.98 5.02 32.71
C ALA A 667 -32.45 4.71 33.01
N LYS A 668 -33.04 5.36 34.05
CA LYS A 668 -34.45 5.16 34.38
C LYS A 668 -35.32 5.35 33.15
N LYS A 669 -35.25 6.54 32.49
CA LYS A 669 -36.02 6.88 31.30
C LYS A 669 -35.84 5.88 30.16
N LEU A 670 -34.63 5.31 30.05
CA LEU A 670 -34.25 4.34 29.03
C LEU A 670 -34.51 2.91 29.48
N ASP A 671 -35.01 2.73 30.73
CA ASP A 671 -35.27 1.43 31.36
C ASP A 671 -33.98 0.57 31.39
N LEU A 672 -32.97 1.11 32.08
CA LEU A 672 -31.69 0.46 32.23
C LEU A 672 -31.39 0.32 33.70
N GLU A 673 -31.21 -0.95 34.11
CA GLU A 673 -30.98 -1.35 35.50
C GLU A 673 -29.51 -1.46 35.87
N GLN A 674 -28.65 -1.68 34.88
CA GLN A 674 -27.22 -1.84 35.07
C GLN A 674 -26.44 -0.52 34.92
N PRO A 675 -25.31 -0.35 35.64
CA PRO A 675 -24.45 0.82 35.38
C PRO A 675 -23.76 0.66 34.00
N VAL A 676 -23.67 1.78 33.24
CA VAL A 676 -23.06 1.83 31.92
C VAL A 676 -22.05 2.98 31.84
N PHE A 677 -20.85 2.74 31.26
CA PHE A 677 -19.76 3.71 31.14
C PHE A 677 -19.51 4.12 29.70
N LEU A 678 -19.46 5.44 29.46
CA LEU A 678 -19.31 6.00 28.12
C LEU A 678 -18.13 6.91 28.00
N PHE A 679 -17.50 6.92 26.82
CA PHE A 679 -16.47 7.87 26.45
C PHE A 679 -16.69 8.31 24.99
N GLU A 680 -16.35 9.59 24.69
CA GLU A 680 -16.44 10.16 23.34
C GLU A 680 -15.29 11.14 23.12
N LEU A 681 -14.52 10.95 22.02
CA LEU A 681 -13.35 11.77 21.69
C LEU A 681 -13.39 12.33 20.28
N LEU A 682 -12.94 13.60 20.15
CA LEU A 682 -12.77 14.31 18.88
C LEU A 682 -11.46 13.73 18.29
N LEU A 683 -11.56 12.95 17.20
CA LEU A 683 -10.37 12.36 16.59
C LEU A 683 -9.34 13.41 16.15
N ALA A 684 -9.79 14.55 15.61
CA ALA A 684 -8.93 15.69 15.20
C ALA A 684 -7.85 16.06 16.24
N GLU A 685 -8.19 15.89 17.54
CA GLU A 685 -7.39 16.20 18.74
C GLU A 685 -6.62 15.00 19.32
N VAL A 686 -6.86 13.79 18.79
CA VAL A 686 -6.22 12.57 19.30
C VAL A 686 -5.04 12.15 18.42
N VAL A 687 -5.24 12.19 17.08
CA VAL A 687 -4.33 11.77 16.02
C VAL A 687 -2.88 12.27 16.14
N ASP A 688 -2.62 13.56 16.40
CA ASP A 688 -1.23 14.04 16.48
C ASP A 688 -0.51 13.67 17.76
N GLY A 689 0.69 13.13 17.61
CA GLY A 689 1.55 12.74 18.72
C GLY A 689 2.95 13.34 18.64
N HIS A 690 3.95 12.60 19.14
CA HIS A 690 5.36 13.06 19.10
C HIS A 690 6.31 11.94 18.78
N LEU A 691 7.28 12.26 17.92
CA LEU A 691 8.36 11.36 17.51
C LEU A 691 9.35 11.20 18.69
N PRO A 692 9.79 9.94 18.98
CA PRO A 692 10.77 9.75 20.05
C PRO A 692 12.06 10.55 19.87
N LYS A 693 12.53 11.18 20.95
CA LYS A 693 13.81 11.93 21.01
C LYS A 693 14.59 11.24 22.12
N PHE A 694 15.63 10.50 21.75
CA PHE A 694 16.43 9.75 22.73
C PHE A 694 17.12 10.62 23.80
N ARG A 695 16.98 10.20 25.06
CA ARG A 695 17.56 10.79 26.26
C ARG A 695 18.51 9.75 26.91
N GLU A 696 19.82 10.10 27.02
CA GLU A 696 20.90 9.28 27.58
C GLU A 696 20.56 8.66 28.94
N LEU A 697 20.97 7.40 29.13
CA LEU A 697 20.74 6.59 30.32
C LEU A 697 21.88 6.78 31.33
N SER A 698 21.55 6.97 32.63
CA SER A 698 22.54 7.06 33.70
C SER A 698 23.13 5.65 33.94
N ARG A 699 24.40 5.57 34.35
CA ARG A 699 25.09 4.31 34.66
C ARG A 699 24.89 3.96 36.17
N PHE A 700 24.26 4.87 36.94
CA PHE A 700 24.14 4.73 38.38
C PHE A 700 22.76 4.26 38.86
N PRO A 701 22.68 3.60 40.04
CA PRO A 701 21.38 3.11 40.52
C PRO A 701 20.35 4.17 40.88
N GLU A 702 19.09 3.76 40.86
CA GLU A 702 17.96 4.59 41.28
C GLU A 702 17.67 4.35 42.74
N VAL A 703 17.02 5.34 43.36
CA VAL A 703 16.69 5.39 44.77
C VAL A 703 15.20 5.62 44.88
N ARG A 704 14.53 4.82 45.72
CA ARG A 704 13.09 4.93 45.93
C ARG A 704 12.76 5.18 47.38
N ARG A 705 11.71 5.98 47.62
CA ARG A 705 11.17 6.32 48.93
C ARG A 705 9.65 6.30 48.80
N ASP A 706 8.93 5.74 49.82
CA ASP A 706 7.45 5.69 49.82
C ASP A 706 6.87 6.68 50.79
N LEU A 707 5.71 7.26 50.47
CA LEU A 707 5.06 8.23 51.35
C LEU A 707 3.57 7.97 51.55
N ALA A 708 3.12 7.95 52.82
CA ALA A 708 1.70 7.77 53.18
C ALA A 708 1.14 9.15 53.60
N LEU A 709 0.16 9.67 52.85
CA LEU A 709 -0.36 11.01 53.08
C LEU A 709 -1.84 11.10 53.42
N LEU A 710 -2.16 11.91 54.45
CA LEU A 710 -3.54 12.15 54.86
C LEU A 710 -3.97 13.50 54.34
N VAL A 711 -5.02 13.53 53.53
CA VAL A 711 -5.53 14.72 52.86
C VAL A 711 -7.04 14.73 52.89
N ASP A 712 -7.67 15.90 52.65
CA ASP A 712 -9.12 16.06 52.60
C ASP A 712 -9.68 15.09 51.58
N GLN A 713 -10.77 14.42 51.93
CA GLN A 713 -11.44 13.42 51.08
C GLN A 713 -11.76 13.95 49.66
N ASP A 714 -12.05 15.26 49.52
CA ASP A 714 -12.41 15.88 48.25
C ASP A 714 -11.27 16.57 47.50
N VAL A 715 -10.00 16.39 47.91
CA VAL A 715 -8.87 16.99 47.17
C VAL A 715 -8.43 16.01 46.06
N PRO A 716 -8.41 16.45 44.78
CA PRO A 716 -8.06 15.51 43.69
C PRO A 716 -6.66 14.94 43.78
N ALA A 717 -6.52 13.61 43.56
CA ALA A 717 -5.20 12.95 43.62
C ALA A 717 -4.20 13.55 42.63
N GLN A 718 -4.68 14.03 41.46
CA GLN A 718 -3.82 14.65 40.46
C GLN A 718 -3.22 15.95 40.96
N ASP A 719 -3.96 16.70 41.80
CA ASP A 719 -3.47 17.94 42.39
C ASP A 719 -2.29 17.67 43.30
N ILE A 720 -2.38 16.62 44.15
CA ILE A 720 -1.32 16.23 45.08
C ILE A 720 -0.04 15.80 44.32
N LEU A 721 -0.20 14.95 43.29
CA LEU A 721 0.91 14.43 42.47
C LEU A 721 1.65 15.54 41.70
N THR A 722 0.90 16.55 41.22
CA THR A 722 1.41 17.74 40.52
C THR A 722 2.31 18.52 41.50
N GLN A 723 1.84 18.74 42.73
CA GLN A 723 2.61 19.44 43.75
C GLN A 723 3.90 18.71 44.12
N ILE A 724 3.85 17.36 44.16
CA ILE A 724 4.99 16.51 44.44
C ILE A 724 6.10 16.74 43.40
N ARG A 725 5.77 16.63 42.07
CA ARG A 725 6.71 16.87 40.96
C ARG A 725 7.38 18.23 41.07
N ALA A 726 6.58 19.26 41.42
CA ALA A 726 7.02 20.63 41.63
C ALA A 726 8.07 20.77 42.73
N ALA A 727 8.05 19.86 43.75
CA ALA A 727 8.97 19.86 44.89
C ALA A 727 9.99 18.68 44.93
N ALA A 728 9.98 17.80 43.92
CA ALA A 728 10.83 16.62 43.89
C ALA A 728 12.25 16.82 43.35
N GLY A 729 12.50 17.94 42.71
CA GLY A 729 13.79 18.20 42.10
C GLY A 729 13.89 17.64 40.70
N GLU A 730 15.04 17.90 40.08
CA GLU A 730 15.34 17.53 38.72
C GLU A 730 15.51 16.04 38.47
N TRP A 731 15.99 15.31 39.50
CA TRP A 731 16.35 13.89 39.42
C TRP A 731 15.18 12.89 39.49
N LEU A 732 13.94 13.34 39.71
CA LEU A 732 12.78 12.45 39.80
C LEU A 732 12.50 11.75 38.46
N THR A 733 12.67 10.41 38.42
CA THR A 733 12.50 9.57 37.23
C THR A 733 11.19 8.79 37.20
N ASP A 734 10.46 8.76 38.34
CA ASP A 734 9.14 8.10 38.49
C ASP A 734 8.40 8.50 39.76
N LEU A 735 7.07 8.58 39.65
CA LEU A 735 6.11 8.89 40.72
C LEU A 735 4.85 8.03 40.47
N ARG A 736 4.65 7.00 41.31
CA ARG A 736 3.55 6.04 41.22
C ARG A 736 2.65 6.12 42.44
N LEU A 737 1.34 6.16 42.23
CA LEU A 737 0.38 6.14 43.31
C LEU A 737 -0.04 4.67 43.41
N PHE A 738 0.40 3.97 44.48
CA PHE A 738 0.11 2.54 44.60
C PHE A 738 -1.01 2.16 45.59
N ASP A 739 -1.64 3.15 46.27
CA ASP A 739 -2.74 2.88 47.20
C ASP A 739 -3.53 4.09 47.63
N VAL A 740 -4.88 3.94 47.70
CA VAL A 740 -5.83 4.96 48.17
C VAL A 740 -6.68 4.29 49.24
N TYR A 741 -6.69 4.83 50.46
CA TYR A 741 -7.45 4.27 51.55
C TYR A 741 -8.36 5.29 52.19
N HIS A 742 -9.63 4.94 52.33
CA HIS A 742 -10.63 5.80 52.94
C HIS A 742 -11.60 4.90 53.70
N GLY A 743 -11.23 4.56 54.93
CA GLY A 743 -12.01 3.66 55.77
C GLY A 743 -12.10 4.02 57.24
N LYS A 744 -12.05 2.97 58.09
CA LYS A 744 -12.19 3.06 59.55
C LYS A 744 -10.95 3.59 60.29
N GLY A 745 -9.77 3.10 59.92
CA GLY A 745 -8.50 3.47 60.55
C GLY A 745 -8.14 4.94 60.59
N ILE A 746 -8.91 5.79 59.88
CA ILE A 746 -8.69 7.24 59.77
C ILE A 746 -10.00 8.05 59.84
N ASP A 747 -9.89 9.39 59.91
CA ASP A 747 -11.05 10.30 59.96
C ASP A 747 -11.89 10.16 58.68
N PRO A 748 -13.24 10.13 58.79
CA PRO A 748 -14.09 9.93 57.59
C PRO A 748 -14.07 11.06 56.56
N HIS A 749 -13.48 12.24 56.90
CA HIS A 749 -13.37 13.38 55.97
C HIS A 749 -11.97 13.42 55.34
N ARG A 750 -11.14 12.40 55.65
CA ARG A 750 -9.76 12.30 55.16
C ARG A 750 -9.54 10.96 54.44
N LYS A 751 -8.48 10.91 53.62
CA LYS A 751 -8.07 9.71 52.88
C LYS A 751 -6.54 9.60 52.89
N SER A 752 -6.01 8.36 52.81
CA SER A 752 -4.56 8.11 52.77
C SER A 752 -4.10 7.77 51.38
N LEU A 753 -2.99 8.40 50.94
CA LEU A 753 -2.39 8.21 49.64
C LEU A 753 -0.97 7.66 49.78
N ALA A 754 -0.75 6.43 49.33
CA ALA A 754 0.57 5.79 49.34
C ALA A 754 1.24 6.04 47.98
N VAL A 755 2.36 6.79 47.99
CA VAL A 755 3.09 7.17 46.78
C VAL A 755 4.53 6.64 46.78
N GLY A 756 4.99 6.21 45.62
CA GLY A 756 6.35 5.73 45.40
C GLY A 756 7.13 6.74 44.59
N LEU A 757 8.17 7.32 45.19
CA LEU A 757 9.00 8.32 44.54
C LEU A 757 10.33 7.73 44.15
N THR A 758 10.69 7.83 42.86
CA THR A 758 11.94 7.27 42.32
C THR A 758 12.79 8.39 41.73
N TRP A 759 14.09 8.37 42.04
CA TRP A 759 15.09 9.33 41.58
C TRP A 759 16.34 8.64 41.00
N GLN A 760 17.02 9.30 40.07
CA GLN A 760 18.25 8.78 39.49
C GLN A 760 19.10 9.96 39.01
N HIS A 761 20.34 10.09 39.52
CA HIS A 761 21.24 11.16 39.11
C HIS A 761 21.94 10.72 37.82
N PRO A 762 22.06 11.60 36.81
CA PRO A 762 22.69 11.18 35.54
C PRO A 762 24.19 10.85 35.60
N SER A 763 24.94 11.40 36.57
CA SER A 763 26.39 11.20 36.60
C SER A 763 26.98 10.74 37.94
N ARG A 764 26.17 10.30 38.90
CA ARG A 764 26.68 9.81 40.19
C ARG A 764 25.65 9.03 40.98
N THR A 765 26.05 8.49 42.14
CA THR A 765 25.17 7.79 43.07
C THR A 765 24.48 8.85 43.95
N LEU A 766 23.25 8.57 44.39
CA LEU A 766 22.53 9.48 45.27
C LEU A 766 22.72 9.08 46.71
N ASN A 767 23.12 10.03 47.58
CA ASN A 767 23.33 9.78 49.02
C ASN A 767 22.04 9.93 49.80
N ASP A 768 21.94 9.26 50.96
CA ASP A 768 20.70 9.30 51.77
C ASP A 768 20.34 10.70 52.29
N ASP A 769 21.33 11.55 52.60
CA ASP A 769 21.08 12.91 53.11
C ASP A 769 20.30 13.79 52.14
N GLU A 770 20.73 13.85 50.87
CA GLU A 770 20.08 14.66 49.85
C GLU A 770 18.68 14.19 49.54
N VAL A 771 18.47 12.86 49.56
CA VAL A 771 17.17 12.24 49.30
C VAL A 771 16.18 12.61 50.43
N ASN A 772 16.64 12.48 51.71
CA ASN A 772 15.90 12.81 52.92
C ASN A 772 15.58 14.32 52.97
N SER A 773 16.51 15.16 52.47
CA SER A 773 16.29 16.60 52.36
C SER A 773 15.15 16.90 51.36
N THR A 774 15.18 16.23 50.17
CA THR A 774 14.15 16.39 49.13
C THR A 774 12.79 15.89 49.61
N THR A 775 12.77 14.68 50.24
CA THR A 775 11.56 14.05 50.78
C THR A 775 10.86 14.98 51.77
N GLN A 776 11.62 15.60 52.70
CA GLN A 776 11.09 16.56 53.68
C GLN A 776 10.53 17.84 53.04
N ASN A 777 11.21 18.37 52.00
CA ASN A 777 10.72 19.59 51.35
C ASN A 777 9.44 19.31 50.52
N ILE A 778 9.22 18.02 50.09
CA ILE A 778 8.00 17.61 49.37
C ILE A 778 6.86 17.65 50.42
N VAL A 779 7.14 17.09 51.61
CA VAL A 779 6.20 17.04 52.73
C VAL A 779 5.79 18.45 53.17
N THR A 780 6.79 19.33 53.43
CA THR A 780 6.57 20.73 53.86
C THR A 780 5.65 21.47 52.87
N SER A 781 5.89 21.26 51.56
CA SER A 781 5.12 21.81 50.45
C SER A 781 3.66 21.36 50.54
N LEU A 782 3.44 20.05 50.80
CA LEU A 782 2.12 19.43 50.90
C LEU A 782 1.34 19.86 52.14
N GLU A 783 2.05 20.18 53.24
CA GLU A 783 1.44 20.65 54.49
C GLU A 783 0.96 22.09 54.29
N GLU A 784 1.65 22.87 53.45
CA GLU A 784 1.27 24.25 53.19
C GLU A 784 0.17 24.43 52.13
N ARG A 785 0.09 23.56 51.11
CA ARG A 785 -0.93 23.66 50.06
C ARG A 785 -2.24 22.94 50.39
N PHE A 786 -2.15 21.73 51.01
CA PHE A 786 -3.30 20.87 51.30
C PHE A 786 -3.42 20.42 52.77
N ASN A 787 -2.56 20.94 53.66
CA ASN A 787 -2.52 20.59 55.09
C ASN A 787 -2.42 19.06 55.29
N ALA A 788 -1.50 18.45 54.54
CA ALA A 788 -1.20 17.02 54.52
C ALA A 788 -0.51 16.57 55.82
N THR A 789 -0.58 15.27 56.10
CA THR A 789 -0.01 14.65 57.30
C THR A 789 0.59 13.30 56.93
N LEU A 790 1.60 12.84 57.65
CA LEU A 790 2.18 11.52 57.41
C LEU A 790 1.48 10.48 58.28
N ARG A 791 1.07 9.34 57.66
CA ARG A 791 0.38 8.25 58.36
C ARG A 791 1.33 7.50 59.34
N MET B 1 45.55 7.80 -1.44
CA MET B 1 46.50 8.48 -2.32
C MET B 1 46.63 9.96 -1.91
N LYS B 2 47.75 10.28 -1.26
CA LYS B 2 48.04 11.60 -0.73
C LYS B 2 49.03 12.27 -1.66
N PHE B 3 48.87 13.59 -1.87
CA PHE B 3 49.74 14.36 -2.78
C PHE B 3 49.79 15.86 -2.47
N SER B 4 50.88 16.51 -2.87
CA SER B 4 51.11 17.94 -2.79
C SER B 4 50.32 18.62 -3.93
N GLU B 5 49.49 19.61 -3.59
CA GLU B 5 48.69 20.36 -4.57
C GLU B 5 49.62 21.15 -5.51
N LYS B 6 50.68 21.75 -4.96
CA LYS B 6 51.65 22.53 -5.72
C LYS B 6 52.21 21.67 -6.87
N TRP B 7 52.60 20.41 -6.54
CA TRP B 7 53.15 19.44 -7.49
C TRP B 7 52.09 19.13 -8.56
N LEU B 8 50.83 18.88 -8.14
CA LEU B 8 49.72 18.62 -9.07
C LEU B 8 49.52 19.81 -10.03
N ARG B 9 49.50 21.03 -9.49
CA ARG B 9 49.31 22.27 -10.24
C ARG B 9 50.43 22.54 -11.23
N SER B 10 51.65 22.02 -10.94
CA SER B 10 52.79 22.14 -11.85
C SER B 10 52.57 21.36 -13.19
N TRP B 11 51.65 20.34 -13.18
CA TRP B 11 51.25 19.47 -14.30
C TRP B 11 49.92 19.95 -14.87
N ALA B 12 48.92 20.20 -14.01
CA ALA B 12 47.59 20.69 -14.44
C ALA B 12 47.08 21.71 -13.43
N ASN B 13 46.93 22.97 -13.88
CA ASN B 13 46.48 24.04 -13.01
C ASN B 13 45.03 24.43 -13.32
N PRO B 14 44.08 24.04 -12.44
CA PRO B 14 42.66 24.37 -12.70
C PRO B 14 42.30 25.85 -12.70
N GLN B 15 43.12 26.71 -12.03
CA GLN B 15 42.89 28.15 -11.94
C GLN B 15 41.66 28.49 -11.09
N VAL B 16 41.41 27.72 -10.02
CA VAL B 16 40.33 27.88 -9.04
C VAL B 16 40.98 27.78 -7.65
N SER B 17 40.36 28.29 -6.58
CA SER B 17 40.98 28.20 -5.25
C SER B 17 41.27 26.73 -4.79
N HIS B 18 41.94 26.54 -3.65
CA HIS B 18 42.18 25.19 -3.11
C HIS B 18 40.84 24.58 -2.66
N ASP B 19 39.96 25.43 -2.12
CA ASP B 19 38.65 25.03 -1.61
C ASP B 19 37.73 24.58 -2.73
N GLU B 20 37.76 25.31 -3.87
CA GLU B 20 36.97 24.97 -5.06
C GLU B 20 37.36 23.60 -5.63
N LEU B 21 38.70 23.33 -5.67
CA LEU B 21 39.28 22.10 -6.15
C LEU B 21 38.90 20.89 -5.26
N VAL B 22 39.08 21.02 -3.91
CA VAL B 22 38.74 19.93 -2.98
C VAL B 22 37.28 19.56 -3.10
N ALA B 23 36.41 20.56 -3.39
CA ALA B 23 34.96 20.41 -3.58
C ALA B 23 34.64 19.58 -4.84
N ARG B 24 35.07 20.06 -6.05
CA ARG B 24 34.85 19.42 -7.35
C ARG B 24 35.32 17.96 -7.41
N LEU B 25 36.45 17.66 -6.76
CA LEU B 25 37.03 16.31 -6.76
C LEU B 25 36.06 15.28 -6.21
N SER B 26 35.43 15.59 -5.07
CA SER B 26 34.47 14.69 -4.43
C SER B 26 33.21 14.58 -5.30
N MET B 27 32.80 15.69 -5.97
CA MET B 27 31.65 15.76 -6.86
C MET B 27 31.89 14.99 -8.19
N VAL B 28 33.16 14.60 -8.50
CA VAL B 28 33.46 13.86 -9.73
C VAL B 28 33.88 12.40 -9.45
N GLY B 29 33.83 11.99 -8.19
CA GLY B 29 34.15 10.62 -7.83
C GLY B 29 35.53 10.35 -7.26
N LEU B 30 36.23 11.42 -6.84
CA LEU B 30 37.54 11.29 -6.20
C LEU B 30 37.36 11.94 -4.83
N GLU B 31 36.82 11.19 -3.85
CA GLU B 31 36.46 11.80 -2.57
C GLU B 31 37.68 12.13 -1.71
N VAL B 32 37.75 13.43 -1.32
CA VAL B 32 38.82 13.98 -0.49
C VAL B 32 38.52 13.57 0.95
N ASP B 33 39.46 12.87 1.58
CA ASP B 33 39.33 12.38 2.93
C ASP B 33 40.00 13.30 3.91
N ALA B 34 40.98 14.09 3.41
CA ALA B 34 41.76 15.06 4.18
C ALA B 34 42.45 16.07 3.29
N ASP B 35 42.55 17.31 3.77
CA ASP B 35 43.26 18.42 3.10
C ASP B 35 43.84 19.27 4.19
N LEU B 36 45.17 19.22 4.34
CA LEU B 36 45.86 19.92 5.43
C LEU B 36 47.03 20.73 4.92
N PRO B 37 47.34 21.88 5.58
CA PRO B 37 48.51 22.67 5.17
C PRO B 37 49.80 21.94 5.48
N VAL B 38 50.91 22.30 4.79
CA VAL B 38 52.18 21.60 5.00
C VAL B 38 52.95 22.18 6.23
N ALA B 39 52.76 23.48 6.56
CA ALA B 39 53.48 24.12 7.68
C ALA B 39 52.75 25.30 8.31
N GLY B 40 53.28 25.76 9.46
CA GLY B 40 52.79 26.92 10.19
C GLY B 40 53.21 28.22 9.53
N ALA B 41 52.44 29.29 9.75
CA ALA B 41 52.69 30.61 9.18
C ALA B 41 53.83 31.36 9.86
N PHE B 42 54.63 32.11 9.07
CA PHE B 42 55.76 32.95 9.53
C PHE B 42 56.29 33.89 8.43
N SER B 43 56.90 35.01 8.83
CA SER B 43 57.47 36.00 7.91
C SER B 43 58.88 36.39 8.34
N GLY B 44 59.65 36.94 7.40
CA GLY B 44 61.01 37.44 7.64
C GLY B 44 62.11 36.42 7.88
N VAL B 45 61.83 35.14 7.54
CA VAL B 45 62.80 34.04 7.70
C VAL B 45 63.39 33.74 6.32
N VAL B 46 64.72 33.80 6.20
CA VAL B 46 65.41 33.61 4.91
C VAL B 46 66.57 32.61 4.98
N VAL B 47 67.08 32.17 3.83
CA VAL B 47 68.23 31.30 3.76
C VAL B 47 69.46 32.14 4.15
N GLY B 48 70.14 31.70 5.20
CA GLY B 48 71.35 32.34 5.70
C GLY B 48 72.57 31.42 5.65
N GLU B 49 73.77 32.00 5.51
CA GLU B 49 74.99 31.22 5.51
C GLU B 49 75.91 31.58 6.67
N VAL B 50 76.33 30.55 7.44
CA VAL B 50 77.26 30.73 8.55
C VAL B 50 78.70 30.87 7.99
N LEU B 51 79.27 32.08 8.09
CA LEU B 51 80.62 32.34 7.59
C LEU B 51 81.70 31.90 8.59
N SER B 52 81.53 32.25 9.88
CA SER B 52 82.44 31.88 10.96
C SER B 52 81.68 31.69 12.26
N THR B 53 82.31 30.97 13.22
CA THR B 53 81.83 30.72 14.59
C THR B 53 82.99 30.87 15.56
N GLU B 54 82.71 31.26 16.81
CA GLU B 54 83.69 31.41 17.88
C GLU B 54 83.06 31.00 19.20
N GLN B 55 83.87 30.60 20.20
CA GLN B 55 83.33 30.22 21.51
C GLN B 55 82.91 31.53 22.17
N HIS B 56 81.70 31.54 22.78
CA HIS B 56 81.21 32.70 23.53
C HIS B 56 82.14 32.82 24.75
N PRO B 57 82.76 33.99 24.98
CA PRO B 57 83.73 34.09 26.10
C PRO B 57 83.17 33.95 27.53
N ASP B 58 81.84 34.07 27.73
CA ASP B 58 81.25 33.99 29.07
C ASP B 58 80.09 32.97 29.19
N ALA B 59 80.09 31.94 28.31
CA ALA B 59 79.09 30.87 28.27
C ALA B 59 79.59 29.77 27.36
N ASP B 60 79.88 28.59 27.94
CA ASP B 60 80.40 27.48 27.15
C ASP B 60 79.36 26.83 26.24
N LYS B 61 78.09 26.81 26.67
CA LYS B 61 77.04 26.20 25.85
C LYS B 61 76.64 27.07 24.61
N LEU B 62 77.17 28.33 24.52
CA LEU B 62 76.88 29.29 23.44
C LEU B 62 78.04 29.55 22.48
N ARG B 63 77.70 29.94 21.23
CA ARG B 63 78.63 30.24 20.13
C ARG B 63 78.31 31.59 19.50
N VAL B 64 79.33 32.32 19.03
CA VAL B 64 79.11 33.62 18.38
C VAL B 64 79.44 33.50 16.88
N CYS B 65 78.37 33.63 16.07
CA CYS B 65 78.36 33.45 14.61
C CYS B 65 78.30 34.74 13.80
N GLN B 66 78.88 34.68 12.61
CA GLN B 66 78.87 35.74 11.60
C GLN B 66 78.09 35.10 10.45
N VAL B 67 76.84 35.55 10.28
CA VAL B 67 75.90 34.98 9.31
C VAL B 67 75.53 35.97 8.21
N SER B 68 75.66 35.55 6.93
CA SER B 68 75.31 36.38 5.78
C SER B 68 73.93 36.07 5.22
N ASN B 69 73.18 37.11 4.83
CA ASN B 69 71.86 36.96 4.17
C ASN B 69 71.97 37.35 2.66
N GLY B 70 73.23 37.34 2.17
CA GLY B 70 73.59 37.67 0.79
C GLY B 70 73.75 39.14 0.52
N SER B 71 73.21 39.98 1.41
CA SER B 71 73.24 41.44 1.30
C SER B 71 74.07 42.08 2.42
N GLU B 72 74.08 41.44 3.61
CA GLU B 72 74.74 41.94 4.81
C GLU B 72 75.13 40.80 5.78
N THR B 73 76.22 41.00 6.55
CA THR B 73 76.66 40.05 7.60
C THR B 73 76.19 40.54 8.98
N PHE B 74 75.60 39.63 9.77
CA PHE B 74 75.06 39.93 11.09
C PHE B 74 75.66 39.04 12.14
N GLN B 75 75.89 39.61 13.33
CA GLN B 75 76.38 38.82 14.47
C GLN B 75 75.19 38.18 15.20
N VAL B 76 75.26 36.87 15.39
CA VAL B 76 74.17 36.15 16.03
C VAL B 76 74.76 35.09 16.98
N VAL B 77 74.31 35.15 18.25
CA VAL B 77 74.70 34.24 19.33
C VAL B 77 73.79 33.02 19.15
N CYS B 78 74.37 31.81 19.14
CA CYS B 78 73.62 30.58 18.96
C CYS B 78 74.06 29.47 19.92
N GLY B 79 73.08 28.77 20.51
CA GLY B 79 73.35 27.68 21.43
C GLY B 79 73.22 26.28 20.87
N ALA B 80 72.80 26.16 19.59
CA ALA B 80 72.58 24.89 18.91
C ALA B 80 73.85 24.07 18.72
N PRO B 81 73.84 22.79 19.14
CA PRO B 81 75.05 21.95 19.00
C PRO B 81 75.64 21.79 17.60
N ASN B 82 74.79 21.82 16.55
CA ASN B 82 75.23 21.66 15.17
C ASN B 82 75.71 22.96 14.47
N VAL B 83 75.63 24.16 15.13
CA VAL B 83 76.08 25.40 14.47
C VAL B 83 77.60 25.33 14.20
N ARG B 84 78.00 25.62 12.94
CA ARG B 84 79.39 25.56 12.44
C ARG B 84 79.50 26.32 11.11
N ALA B 85 80.69 26.78 10.75
CA ALA B 85 80.94 27.48 9.49
C ALA B 85 80.53 26.64 8.27
N GLY B 86 80.04 27.32 7.24
CA GLY B 86 79.61 26.74 5.98
C GLY B 86 78.14 26.39 5.87
N LEU B 87 77.49 26.23 7.01
CA LEU B 87 76.08 25.85 7.10
C LEU B 87 75.11 26.87 6.53
N LYS B 88 74.12 26.33 5.78
CA LYS B 88 72.99 27.02 5.18
C LYS B 88 71.81 26.70 6.10
N ILE B 89 71.20 27.74 6.69
CA ILE B 89 70.15 27.59 7.70
C ILE B 89 69.00 28.63 7.60
N PRO B 90 67.82 28.40 8.22
CA PRO B 90 66.78 29.45 8.21
C PRO B 90 67.15 30.54 9.24
N PHE B 91 67.45 31.74 8.75
CA PHE B 91 67.84 32.91 9.54
C PHE B 91 66.66 33.89 9.76
N ALA B 92 66.12 33.92 11.00
CA ALA B 92 65.06 34.83 11.44
C ALA B 92 65.70 36.19 11.73
N MET B 93 65.39 37.18 10.91
CA MET B 93 65.96 38.51 11.00
C MET B 93 65.21 39.34 12.00
N ILE B 94 65.82 40.44 12.53
CA ILE B 94 65.18 41.32 13.51
C ILE B 94 63.97 41.84 12.70
N GLY B 95 62.79 41.55 13.15
CA GLY B 95 61.58 41.94 12.43
C GLY B 95 60.70 40.74 12.22
N ALA B 96 61.31 39.57 11.93
CA ALA B 96 60.65 38.28 11.71
C ALA B 96 59.58 37.91 12.73
N GLU B 97 58.40 37.55 12.21
CA GLU B 97 57.25 37.12 12.99
C GLU B 97 57.14 35.60 12.80
N LEU B 98 57.55 34.84 13.84
CA LEU B 98 57.58 33.38 13.90
C LEU B 98 56.26 32.79 14.47
N PRO B 99 55.97 31.47 14.28
CA PRO B 99 54.71 30.89 14.77
C PRO B 99 54.31 31.21 16.21
N ASP B 100 52.98 31.30 16.41
CA ASP B 100 52.29 31.61 17.68
C ASP B 100 52.75 32.95 18.27
N ASP B 101 52.65 34.01 17.44
CA ASP B 101 52.94 35.43 17.74
C ASP B 101 54.28 35.70 18.46
N PHE B 102 55.38 35.18 17.91
CA PHE B 102 56.72 35.38 18.47
C PHE B 102 57.58 36.29 17.58
N LYS B 103 57.69 37.56 17.96
CA LYS B 103 58.47 38.54 17.21
C LYS B 103 59.94 38.54 17.62
N ILE B 104 60.82 38.49 16.61
CA ILE B 104 62.28 38.52 16.79
C ILE B 104 62.70 39.95 17.09
N LYS B 105 63.48 40.13 18.17
CA LYS B 105 63.96 41.45 18.59
C LYS B 105 65.50 41.37 18.76
N LYS B 106 66.15 42.53 18.89
CA LYS B 106 67.59 42.62 19.13
C LYS B 106 67.84 42.13 20.56
N ALA B 107 68.88 41.29 20.75
CA ALA B 107 69.24 40.71 22.04
C ALA B 107 70.71 40.91 22.40
N LYS B 108 71.04 40.75 23.70
CA LYS B 108 72.40 40.83 24.25
C LYS B 108 72.57 39.64 25.20
N LEU B 109 72.94 38.49 24.62
CA LEU B 109 73.11 37.23 25.32
C LEU B 109 74.48 37.10 26.02
N ARG B 110 74.47 37.19 27.38
CA ARG B 110 75.64 37.11 28.27
C ARG B 110 76.74 38.12 27.86
N GLY B 111 76.30 39.33 27.56
CA GLY B 111 77.20 40.42 27.20
C GLY B 111 77.46 40.58 25.72
N VAL B 112 77.17 39.54 24.92
CA VAL B 112 77.42 39.56 23.47
C VAL B 112 76.11 39.90 22.68
N GLU B 113 76.20 40.89 21.76
CA GLU B 113 75.09 41.38 20.92
C GLU B 113 74.74 40.41 19.81
N SER B 114 73.42 40.19 19.58
CA SER B 114 72.87 39.27 18.58
C SER B 114 71.80 39.99 17.73
N PHE B 115 71.86 39.86 16.38
CA PHE B 115 70.95 40.52 15.44
C PHE B 115 70.08 39.55 14.61
N GLY B 116 69.47 38.61 15.33
CA GLY B 116 68.61 37.62 14.71
C GLY B 116 68.66 36.30 15.44
N MET B 117 68.01 35.30 14.87
CA MET B 117 67.90 33.97 15.43
C MET B 117 68.00 32.92 14.32
N LEU B 118 68.75 31.84 14.58
CA LEU B 118 68.87 30.73 13.62
C LEU B 118 67.85 29.68 14.06
N CYS B 119 67.14 29.05 13.09
CA CYS B 119 65.99 28.19 13.39
C CYS B 119 66.15 26.69 13.15
N SER B 120 65.31 25.95 13.87
CA SER B 120 65.10 24.50 13.78
C SER B 120 63.73 24.32 13.10
N ALA B 121 63.43 23.09 12.64
CA ALA B 121 62.14 22.80 12.01
C ALA B 121 60.98 23.06 12.99
N LYS B 122 61.13 22.67 14.28
CA LYS B 122 60.10 22.85 15.32
C LYS B 122 59.75 24.31 15.57
N GLU B 123 60.77 25.19 15.63
CA GLU B 123 60.62 26.63 15.86
C GLU B 123 59.82 27.30 14.77
N LEU B 124 59.90 26.77 13.54
CA LEU B 124 59.20 27.27 12.37
C LEU B 124 57.92 26.49 12.06
N GLN B 125 57.59 25.46 12.88
CA GLN B 125 56.44 24.58 12.71
C GLN B 125 56.48 23.88 11.32
N ILE B 126 57.68 23.46 10.91
CA ILE B 126 57.96 22.76 9.65
C ILE B 126 57.93 21.26 9.92
N SER B 127 58.61 20.83 10.99
CA SER B 127 58.69 19.44 11.44
C SER B 127 58.74 19.41 12.98
N GLU B 128 58.84 18.22 13.58
CA GLU B 128 58.89 18.07 15.04
C GLU B 128 60.37 18.05 15.54
N GLU B 129 61.32 18.20 14.60
CA GLU B 129 62.76 18.20 14.86
C GLU B 129 63.25 19.49 15.56
N ASN B 130 63.57 19.40 16.88
CA ASN B 130 64.11 20.52 17.67
C ASN B 130 65.53 20.20 18.20
N ALA B 131 66.15 19.13 17.66
CA ALA B 131 67.49 18.65 18.03
C ALA B 131 68.56 19.73 17.85
N GLY B 132 68.50 20.43 16.71
CA GLY B 132 69.40 21.51 16.35
C GLY B 132 68.85 22.28 15.17
N LEU B 133 69.67 23.14 14.55
CA LEU B 133 69.26 23.97 13.41
C LEU B 133 68.92 23.16 12.16
N LEU B 134 67.89 23.63 11.40
CA LEU B 134 67.45 22.99 10.15
C LEU B 134 68.51 23.19 9.05
N GLU B 135 69.40 22.20 8.92
CA GLU B 135 70.47 22.21 7.93
C GLU B 135 69.88 22.09 6.52
N LEU B 136 69.89 23.21 5.77
CA LEU B 136 69.39 23.32 4.41
C LEU B 136 70.51 22.87 3.43
N PRO B 137 70.18 22.37 2.22
CA PRO B 137 71.22 21.92 1.27
C PRO B 137 72.37 22.87 1.05
N ALA B 138 73.55 22.32 0.79
CA ALA B 138 74.77 23.08 0.54
C ALA B 138 74.58 24.16 -0.56
N ASP B 139 73.76 23.83 -1.58
CA ASP B 139 73.48 24.69 -2.72
C ASP B 139 72.21 25.55 -2.57
N ALA B 140 71.73 25.77 -1.32
CA ALA B 140 70.53 26.60 -1.08
C ALA B 140 70.79 28.10 -1.45
N PRO B 141 69.80 28.84 -2.04
CA PRO B 141 70.05 30.24 -2.42
C PRO B 141 69.95 31.23 -1.25
N VAL B 142 71.09 31.77 -0.77
CA VAL B 142 71.09 32.66 0.40
C VAL B 142 70.39 34.02 0.07
N GLY B 143 69.53 34.43 0.99
CA GLY B 143 68.70 35.62 0.91
C GLY B 143 67.24 35.31 0.60
N GLN B 144 66.98 34.14 0.00
CA GLN B 144 65.64 33.69 -0.42
C GLN B 144 64.72 33.41 0.77
N ASP B 145 63.44 33.77 0.66
CA ASP B 145 62.43 33.50 1.69
C ASP B 145 62.32 31.98 1.82
N VAL B 146 62.56 31.50 3.04
CA VAL B 146 62.54 30.08 3.41
C VAL B 146 61.18 29.42 3.02
N ARG B 147 60.07 30.18 3.07
CA ARG B 147 58.74 29.70 2.68
C ARG B 147 58.72 29.39 1.19
N THR B 148 59.41 30.24 0.38
CA THR B 148 59.50 30.09 -1.08
C THR B 148 60.35 28.87 -1.37
N TYR B 149 61.57 28.86 -0.84
CA TYR B 149 62.55 27.79 -1.02
C TYR B 149 62.01 26.41 -0.66
N LEU B 150 61.33 26.32 0.50
CA LEU B 150 60.81 25.06 0.95
C LEU B 150 59.36 24.79 0.50
N GLU B 151 58.83 25.65 -0.39
CA GLU B 151 57.48 25.55 -0.95
C GLU B 151 56.44 25.21 0.14
N LEU B 152 56.44 26.02 1.23
CA LEU B 152 55.58 25.85 2.39
C LEU B 152 54.15 26.38 2.19
N ALA B 153 53.92 27.04 1.06
CA ALA B 153 52.62 27.53 0.62
C ALA B 153 52.07 26.38 -0.21
N ASP B 154 51.57 25.33 0.49
CA ASP B 154 51.06 24.13 -0.12
C ASP B 154 50.12 23.39 0.82
N TYR B 155 49.32 22.49 0.25
CA TYR B 155 48.42 21.61 0.98
C TYR B 155 48.72 20.20 0.56
N THR B 156 48.34 19.25 1.40
CA THR B 156 48.41 17.82 1.05
C THR B 156 46.95 17.36 0.98
N ILE B 157 46.54 16.80 -0.17
CA ILE B 157 45.19 16.31 -0.40
C ILE B 157 45.22 14.78 -0.39
N GLU B 158 44.29 14.14 0.35
CA GLU B 158 44.21 12.68 0.44
C GLU B 158 42.93 12.21 -0.21
N VAL B 159 43.07 11.34 -1.22
CA VAL B 159 41.94 10.82 -1.98
C VAL B 159 41.68 9.33 -1.65
N GLY B 160 40.41 9.01 -1.44
CA GLY B 160 39.95 7.65 -1.22
C GLY B 160 39.49 7.11 -2.55
N LEU B 161 40.38 6.39 -3.24
CA LEU B 161 40.10 5.88 -4.58
C LEU B 161 39.29 4.60 -4.58
N THR B 162 38.43 4.49 -5.58
CA THR B 162 37.60 3.33 -5.82
C THR B 162 38.49 2.33 -6.61
N PRO B 163 38.30 0.99 -6.45
CA PRO B 163 39.21 0.02 -7.11
C PRO B 163 39.29 0.07 -8.63
N ASN B 164 38.38 0.79 -9.27
CA ASN B 164 38.38 0.91 -10.72
C ASN B 164 39.28 2.05 -11.21
N ARG B 165 39.80 2.88 -10.29
CA ARG B 165 40.64 3.99 -10.71
C ARG B 165 42.10 3.81 -10.31
N GLY B 166 42.68 2.71 -10.82
CA GLY B 166 44.08 2.35 -10.62
C GLY B 166 45.02 3.37 -11.21
N ASP B 167 44.57 4.04 -12.28
CA ASP B 167 45.27 5.07 -13.02
C ASP B 167 45.60 6.29 -12.21
N CYS B 168 44.74 6.62 -11.23
CA CYS B 168 44.92 7.78 -10.35
C CYS B 168 45.88 7.55 -9.17
N LEU B 169 46.62 6.39 -9.14
CA LEU B 169 47.55 6.07 -8.06
C LEU B 169 48.93 6.71 -8.26
N SER B 170 48.93 7.89 -8.91
CA SER B 170 50.11 8.67 -9.26
C SER B 170 49.70 10.08 -9.54
N LEU B 171 50.67 10.97 -9.53
CA LEU B 171 50.46 12.37 -9.83
C LEU B 171 50.16 12.54 -11.31
N ALA B 172 50.77 11.71 -12.16
CA ALA B 172 50.52 11.69 -13.61
C ALA B 172 49.03 11.40 -13.91
N GLY B 173 48.45 10.46 -13.15
CA GLY B 173 47.05 10.07 -13.27
C GLY B 173 46.08 11.14 -12.79
N LEU B 174 46.35 11.69 -11.60
CA LEU B 174 45.58 12.76 -10.95
C LEU B 174 45.56 14.06 -11.76
N ALA B 175 46.71 14.42 -12.35
CA ALA B 175 46.83 15.61 -13.17
C ALA B 175 45.99 15.42 -14.44
N ARG B 176 46.00 14.20 -15.03
CA ARG B 176 45.23 13.88 -16.23
C ARG B 176 43.74 14.07 -15.97
N GLU B 177 43.30 13.74 -14.74
CA GLU B 177 41.92 13.86 -14.32
C GLU B 177 41.54 15.30 -14.26
N VAL B 178 42.31 16.10 -13.47
CA VAL B 178 42.15 17.54 -13.27
C VAL B 178 42.02 18.27 -14.62
N SER B 179 42.86 17.89 -15.61
CA SER B 179 42.84 18.50 -16.95
C SER B 179 41.53 18.18 -17.69
N ALA B 180 41.00 16.95 -17.54
CA ALA B 180 39.75 16.52 -18.16
C ALA B 180 38.55 17.24 -17.54
N ILE B 181 38.51 17.34 -16.19
CA ILE B 181 37.46 18.01 -15.41
C ILE B 181 37.33 19.48 -15.80
N TYR B 182 38.44 20.20 -15.74
CA TYR B 182 38.50 21.62 -15.97
C TYR B 182 38.77 22.06 -17.40
N ASP B 183 39.12 21.12 -18.33
CA ASP B 183 39.44 21.43 -19.76
C ASP B 183 40.58 22.47 -19.79
N VAL B 184 41.75 22.08 -19.27
CA VAL B 184 42.93 22.94 -19.13
C VAL B 184 44.15 22.17 -19.68
N PRO B 185 45.23 22.86 -20.14
CA PRO B 185 46.39 22.11 -20.68
C PRO B 185 47.14 21.28 -19.65
N LEU B 186 47.59 20.09 -20.09
CA LEU B 186 48.35 19.13 -19.28
C LEU B 186 49.82 19.28 -19.67
N ALA B 187 50.65 19.65 -18.69
CA ALA B 187 52.08 19.88 -18.85
C ALA B 187 52.84 18.72 -18.19
N PRO B 188 52.98 17.54 -18.84
CA PRO B 188 53.68 16.42 -18.17
C PRO B 188 55.20 16.62 -18.17
N VAL B 189 55.88 15.99 -17.19
CA VAL B 189 57.33 16.01 -17.07
C VAL B 189 57.87 15.47 -18.44
N ALA B 190 58.83 16.19 -19.06
CA ALA B 190 59.43 15.69 -20.31
C ALA B 190 60.53 14.74 -19.87
N VAL B 191 60.47 13.49 -20.34
CA VAL B 191 61.40 12.44 -19.99
C VAL B 191 62.23 12.04 -21.19
N ASP B 192 63.43 12.62 -21.32
CA ASP B 192 64.33 12.29 -22.42
C ASP B 192 65.07 10.99 -22.10
N ALA B 193 65.45 10.25 -23.15
CA ALA B 193 66.24 9.04 -23.01
C ALA B 193 67.63 9.37 -22.47
N VAL B 194 68.19 8.51 -21.59
CA VAL B 194 69.55 8.66 -21.07
C VAL B 194 70.43 7.78 -21.99
N ALA B 195 71.36 8.39 -22.75
CA ALA B 195 72.22 7.62 -23.65
C ALA B 195 73.19 6.69 -22.88
N ALA B 196 73.32 5.43 -23.38
CA ALA B 196 74.20 4.40 -22.82
C ALA B 196 75.69 4.81 -22.91
N GLN B 197 76.39 4.65 -21.80
CA GLN B 197 77.79 4.98 -21.69
C GLN B 197 78.65 3.73 -21.93
N HIS B 198 78.03 2.54 -21.93
CA HIS B 198 78.70 1.25 -22.16
C HIS B 198 77.72 0.25 -22.76
N ASP B 199 78.15 -0.99 -22.99
CA ASP B 199 77.29 -2.00 -23.62
C ASP B 199 77.03 -3.21 -22.73
N GLU B 200 77.32 -3.08 -21.41
CA GLU B 200 77.06 -4.12 -20.41
C GLU B 200 75.56 -4.25 -20.18
N THR B 201 75.05 -5.48 -20.28
CA THR B 201 73.63 -5.85 -20.11
C THR B 201 73.56 -7.17 -19.34
N ARG B 202 72.34 -7.70 -19.18
CA ARG B 202 72.07 -9.02 -18.62
C ARG B 202 70.94 -9.63 -19.43
N PRO B 203 70.96 -10.94 -19.72
CA PRO B 203 69.82 -11.53 -20.47
C PRO B 203 68.52 -11.44 -19.67
N VAL B 204 67.37 -11.48 -20.37
CA VAL B 204 66.03 -11.40 -19.75
C VAL B 204 65.14 -12.45 -20.43
N GLU B 205 64.51 -13.34 -19.65
CA GLU B 205 63.66 -14.40 -20.19
C GLU B 205 62.22 -14.28 -19.67
N LEU B 206 61.23 -14.27 -20.61
CA LEU B 206 59.81 -14.24 -20.28
C LEU B 206 59.28 -15.69 -20.38
N ALA B 207 59.55 -16.48 -19.34
CA ALA B 207 59.14 -17.87 -19.25
C ALA B 207 57.63 -18.01 -19.05
N ALA B 208 56.95 -16.92 -18.58
CA ALA B 208 55.50 -16.83 -18.34
C ALA B 208 54.97 -15.52 -19.02
N PRO B 209 54.94 -15.48 -20.39
CA PRO B 209 54.54 -14.25 -21.11
C PRO B 209 53.14 -13.75 -20.85
N ALA B 210 52.17 -14.64 -20.51
CA ALA B 210 50.80 -14.23 -20.20
C ALA B 210 50.77 -13.37 -18.92
N ALA B 211 51.50 -13.79 -17.86
CA ALA B 211 51.61 -13.06 -16.58
C ALA B 211 52.50 -11.80 -16.69
N CYS B 212 53.55 -11.86 -17.54
CA CYS B 212 54.42 -10.71 -17.76
C CYS B 212 54.74 -10.54 -19.24
N PRO B 213 53.92 -9.74 -19.98
CA PRO B 213 54.19 -9.54 -21.42
C PRO B 213 55.23 -8.47 -21.76
N ARG B 214 55.76 -7.77 -20.74
CA ARG B 214 56.78 -6.73 -20.94
C ARG B 214 57.62 -6.56 -19.72
N TYR B 215 58.94 -6.68 -19.91
CA TYR B 215 59.94 -6.55 -18.85
C TYR B 215 61.15 -5.78 -19.39
N LEU B 216 61.53 -4.71 -18.68
CA LEU B 216 62.67 -3.86 -19.00
C LEU B 216 63.74 -4.00 -17.91
N GLY B 217 65.00 -4.10 -18.35
CA GLY B 217 66.15 -4.27 -17.46
C GLY B 217 67.33 -3.42 -17.89
N ARG B 218 67.99 -2.77 -16.91
CA ARG B 218 69.13 -1.89 -17.18
C ARG B 218 70.24 -2.09 -16.15
N VAL B 219 71.51 -2.08 -16.62
CA VAL B 219 72.73 -2.21 -15.80
C VAL B 219 73.24 -0.79 -15.51
N ILE B 220 73.42 -0.44 -14.23
CA ILE B 220 74.02 0.84 -13.84
C ILE B 220 75.25 0.56 -13.00
N ARG B 221 76.43 0.80 -13.57
CA ARG B 221 77.71 0.50 -12.91
C ARG B 221 78.28 1.65 -12.14
N ASN B 222 78.97 1.29 -11.04
CA ASN B 222 79.75 2.13 -10.14
C ASN B 222 79.00 3.37 -9.61
N VAL B 223 78.06 3.07 -8.66
CA VAL B 223 77.19 4.00 -7.92
C VAL B 223 77.71 4.23 -6.49
N ASP B 224 77.62 5.49 -5.99
CA ASP B 224 78.06 5.85 -4.65
C ASP B 224 76.85 5.96 -3.73
N LEU B 225 76.52 4.84 -3.06
CA LEU B 225 75.33 4.74 -2.22
C LEU B 225 75.46 5.45 -0.87
N SER B 226 76.62 6.11 -0.65
CA SER B 226 76.85 6.89 0.56
C SER B 226 76.18 8.26 0.39
N ARG B 227 76.04 8.73 -0.88
CA ARG B 227 75.45 10.01 -1.25
C ARG B 227 73.97 10.17 -0.78
N PRO B 228 73.48 11.38 -0.38
CA PRO B 228 72.10 11.51 0.14
C PRO B 228 70.98 11.77 -0.87
N THR B 229 69.74 11.47 -0.47
CA THR B 229 68.54 11.74 -1.28
C THR B 229 68.35 13.29 -1.26
N PRO B 230 68.15 13.96 -2.42
CA PRO B 230 67.96 15.41 -2.41
C PRO B 230 66.63 15.83 -1.76
N LEU B 231 66.66 16.95 -1.02
CA LEU B 231 65.54 17.53 -0.28
C LEU B 231 64.22 17.62 -1.07
N TRP B 232 64.28 18.01 -2.37
CA TRP B 232 63.06 18.11 -3.16
C TRP B 232 62.33 16.76 -3.24
N MET B 233 63.10 15.67 -3.47
CA MET B 233 62.57 14.30 -3.54
C MET B 233 62.02 13.86 -2.18
N VAL B 234 62.77 14.10 -1.08
CA VAL B 234 62.36 13.81 0.30
C VAL B 234 61.01 14.52 0.61
N GLU B 235 60.91 15.83 0.29
CA GLU B 235 59.70 16.60 0.56
C GLU B 235 58.50 16.10 -0.24
N ARG B 236 58.71 15.79 -1.55
CA ARG B 236 57.69 15.23 -2.44
C ARG B 236 57.16 13.88 -1.94
N LEU B 237 58.06 13.01 -1.43
CA LEU B 237 57.69 11.70 -0.88
C LEU B 237 56.96 11.87 0.44
N ARG B 238 57.49 12.76 1.35
CA ARG B 238 56.92 13.06 2.67
C ARG B 238 55.48 13.54 2.52
N ARG B 239 55.20 14.37 1.49
CA ARG B 239 53.88 14.91 1.14
C ARG B 239 52.94 13.87 0.49
N SER B 240 53.41 12.61 0.37
CA SER B 240 52.64 11.48 -0.17
C SER B 240 52.64 10.35 0.83
N ASP B 241 53.10 10.64 2.06
CA ASP B 241 53.25 9.73 3.19
C ASP B 241 54.27 8.62 2.89
N ILE B 242 55.36 9.00 2.24
CA ILE B 242 56.42 8.05 1.94
C ILE B 242 57.71 8.50 2.64
N ARG B 243 58.19 7.66 3.58
CA ARG B 243 59.38 7.93 4.36
C ARG B 243 60.63 7.71 3.52
N SER B 244 61.63 8.57 3.69
CA SER B 244 62.92 8.47 3.01
C SER B 244 63.71 7.35 3.71
N ILE B 245 64.15 6.34 2.95
CA ILE B 245 64.86 5.22 3.55
C ILE B 245 66.30 5.18 3.00
N ASP B 246 66.51 5.12 1.67
CA ASP B 246 67.83 5.14 1.00
C ASP B 246 67.69 5.77 -0.42
N PRO B 247 68.77 6.38 -1.01
CA PRO B 247 68.60 7.02 -2.32
C PRO B 247 68.00 6.14 -3.42
N VAL B 248 68.42 4.85 -3.49
CA VAL B 248 67.92 3.91 -4.51
C VAL B 248 66.43 3.59 -4.32
N VAL B 249 65.99 3.24 -3.08
CA VAL B 249 64.56 2.96 -2.81
C VAL B 249 63.72 4.22 -3.01
N ASP B 250 64.29 5.38 -2.63
CA ASP B 250 63.64 6.68 -2.75
C ASP B 250 63.38 7.03 -4.20
N VAL B 251 64.32 6.69 -5.13
CA VAL B 251 64.11 6.94 -6.55
C VAL B 251 62.99 6.06 -7.11
N THR B 252 63.05 4.74 -6.86
CA THR B 252 62.04 3.78 -7.32
C THR B 252 60.64 4.13 -6.77
N ASN B 253 60.55 4.60 -5.49
CA ASN B 253 59.28 5.07 -4.89
C ASN B 253 58.85 6.35 -5.53
N TYR B 254 59.80 7.33 -5.68
CA TYR B 254 59.48 8.61 -6.32
C TYR B 254 58.84 8.43 -7.72
N VAL B 255 59.50 7.65 -8.58
CA VAL B 255 59.06 7.35 -9.96
C VAL B 255 57.65 6.72 -9.96
N MET B 256 57.41 5.76 -9.04
CA MET B 256 56.12 5.07 -8.86
C MET B 256 55.01 6.04 -8.49
N ILE B 257 55.30 7.01 -7.62
CA ILE B 257 54.34 8.03 -7.19
C ILE B 257 54.21 9.16 -8.21
N GLU B 258 55.28 9.46 -8.97
CA GLU B 258 55.21 10.50 -9.98
C GLU B 258 54.45 10.02 -11.24
N LEU B 259 54.90 8.89 -11.82
CA LEU B 259 54.38 8.33 -13.07
C LEU B 259 53.39 7.16 -12.92
N GLY B 260 53.49 6.43 -11.80
CA GLY B 260 52.61 5.29 -11.53
C GLY B 260 53.19 3.92 -11.84
N GLN B 261 54.50 3.85 -12.16
CA GLN B 261 55.20 2.61 -12.48
C GLN B 261 56.05 2.14 -11.30
N PRO B 262 55.63 1.03 -10.60
CA PRO B 262 56.47 0.47 -9.55
C PRO B 262 57.74 -0.07 -10.22
N MET B 263 58.89 0.25 -9.63
CA MET B 263 60.20 -0.17 -10.15
C MET B 263 61.00 -0.77 -9.02
N HIS B 264 62.06 -1.53 -9.37
CA HIS B 264 62.94 -2.21 -8.42
C HIS B 264 64.40 -2.17 -8.88
N ALA B 265 65.32 -2.12 -7.92
CA ALA B 265 66.74 -2.18 -8.19
C ALA B 265 67.32 -3.38 -7.44
N PHE B 266 68.11 -4.21 -8.15
CA PHE B 266 68.79 -5.39 -7.62
C PHE B 266 70.29 -5.09 -7.53
N ASP B 267 71.02 -5.76 -6.59
CA ASP B 267 72.48 -5.65 -6.54
C ASP B 267 72.93 -6.51 -7.74
N LEU B 268 73.62 -5.89 -8.72
CA LEU B 268 74.04 -6.56 -9.95
C LEU B 268 74.77 -7.89 -9.69
N ALA B 269 75.59 -7.92 -8.61
CA ALA B 269 76.40 -9.04 -8.15
C ALA B 269 75.55 -10.25 -7.77
N GLU B 270 74.28 -9.99 -7.41
CA GLU B 270 73.33 -10.99 -6.96
C GLU B 270 72.57 -11.66 -8.09
N ILE B 271 72.82 -11.23 -9.35
CA ILE B 271 72.16 -11.82 -10.51
C ILE B 271 73.09 -12.80 -11.18
N ASN B 272 72.78 -14.09 -10.97
CA ASN B 272 73.52 -15.23 -11.52
C ASN B 272 72.99 -15.54 -12.92
N GLY B 273 73.66 -14.93 -13.90
CA GLY B 273 73.41 -15.05 -15.33
C GLY B 273 72.07 -14.60 -15.85
N GLY B 274 71.73 -13.34 -15.69
CA GLY B 274 70.46 -12.83 -16.20
C GLY B 274 69.18 -13.26 -15.51
N VAL B 275 68.11 -12.49 -15.77
CA VAL B 275 66.75 -12.58 -15.22
C VAL B 275 65.89 -13.58 -15.99
N ARG B 276 65.07 -14.35 -15.24
CA ARG B 276 64.11 -15.35 -15.72
C ARG B 276 62.80 -15.04 -14.99
N VAL B 277 61.78 -14.57 -15.73
CA VAL B 277 60.44 -14.22 -15.20
C VAL B 277 59.55 -15.46 -15.47
N ARG B 278 59.26 -16.20 -14.39
CA ARG B 278 58.56 -17.47 -14.45
C ARG B 278 57.67 -17.70 -13.24
N MET B 279 56.84 -18.77 -13.30
CA MET B 279 56.00 -19.20 -12.19
C MET B 279 56.92 -19.92 -11.19
N ALA B 280 56.58 -19.82 -9.89
CA ALA B 280 57.34 -20.49 -8.84
C ALA B 280 57.11 -22.01 -8.89
N GLU B 281 58.07 -22.79 -8.38
CA GLU B 281 57.90 -24.22 -8.25
C GLU B 281 57.09 -24.42 -6.94
N ASP B 282 56.25 -25.48 -6.85
CA ASP B 282 55.48 -25.72 -5.63
C ASP B 282 56.42 -25.99 -4.44
N GLY B 283 56.22 -25.22 -3.37
CA GLY B 283 57.01 -25.30 -2.16
C GLY B 283 58.38 -24.63 -2.24
N GLU B 284 58.62 -23.84 -3.31
CA GLU B 284 59.89 -23.11 -3.45
C GLU B 284 59.90 -22.06 -2.33
N LYS B 285 61.02 -21.96 -1.59
CA LYS B 285 61.13 -21.02 -0.47
C LYS B 285 61.89 -19.76 -0.79
N LEU B 286 61.35 -18.62 -0.37
CA LEU B 286 61.96 -17.32 -0.55
C LEU B 286 61.94 -16.53 0.76
N VAL B 287 63.08 -15.90 1.10
CA VAL B 287 63.15 -15.04 2.27
C VAL B 287 63.04 -13.62 1.71
N LEU B 288 62.00 -12.89 2.15
CA LEU B 288 61.74 -11.53 1.69
C LEU B 288 62.71 -10.53 2.34
N LEU B 289 62.76 -9.27 1.81
CA LEU B 289 63.69 -8.26 2.37
C LEU B 289 63.34 -7.93 3.83
N ASP B 290 62.08 -8.11 4.22
CA ASP B 290 61.62 -7.90 5.59
C ASP B 290 62.01 -9.06 6.58
N GLY B 291 62.48 -10.20 6.06
CA GLY B 291 62.87 -11.37 6.85
C GLY B 291 61.91 -12.54 6.81
N GLN B 292 60.67 -12.32 6.37
CA GLN B 292 59.60 -13.34 6.25
C GLN B 292 60.01 -14.45 5.25
N GLU B 293 59.95 -15.75 5.69
CA GLU B 293 60.27 -16.87 4.81
C GLU B 293 59.01 -17.48 4.24
N ILE B 294 58.64 -17.03 3.04
CA ILE B 294 57.46 -17.48 2.31
C ILE B 294 57.69 -18.82 1.57
N THR B 295 56.68 -19.70 1.62
CA THR B 295 56.68 -20.97 0.89
C THR B 295 55.64 -20.82 -0.23
N LEU B 296 56.14 -20.66 -1.46
CA LEU B 296 55.40 -20.38 -2.68
C LEU B 296 54.59 -21.54 -3.31
N ARG B 297 53.53 -21.13 -4.01
CA ARG B 297 52.60 -21.93 -4.80
C ARG B 297 52.96 -21.76 -6.27
N ALA B 298 52.70 -22.81 -7.08
CA ALA B 298 52.98 -22.79 -8.52
C ALA B 298 52.22 -21.73 -9.33
N ASP B 299 51.12 -21.17 -8.77
CA ASP B 299 50.33 -20.12 -9.44
C ASP B 299 50.97 -18.74 -9.36
N THR B 300 51.97 -18.57 -8.49
CA THR B 300 52.62 -17.30 -8.20
C THR B 300 53.77 -17.01 -9.15
N LEU B 301 53.76 -15.81 -9.75
CA LEU B 301 54.83 -15.36 -10.65
C LEU B 301 55.98 -14.77 -9.84
N VAL B 302 57.19 -15.21 -10.16
CA VAL B 302 58.41 -14.77 -9.51
C VAL B 302 59.43 -14.21 -10.51
N ILE B 303 60.32 -13.37 -9.99
CA ILE B 303 61.49 -12.90 -10.69
C ILE B 303 62.61 -13.73 -10.08
N ALA B 304 63.30 -14.49 -10.93
CA ALA B 304 64.38 -15.41 -10.58
C ALA B 304 65.57 -15.18 -11.51
N ASP B 305 66.76 -15.71 -11.14
CA ASP B 305 67.97 -15.70 -11.97
C ASP B 305 68.14 -17.14 -12.46
N HIS B 306 69.32 -17.53 -12.95
CA HIS B 306 69.52 -18.89 -13.43
C HIS B 306 69.72 -19.93 -12.31
N GLN B 307 69.83 -19.46 -11.04
CA GLN B 307 70.07 -20.31 -9.86
C GLN B 307 68.88 -20.41 -8.89
N ARG B 308 68.21 -19.29 -8.58
CA ARG B 308 67.12 -19.22 -7.57
C ARG B 308 66.10 -18.08 -7.80
N ALA B 309 65.00 -18.07 -7.01
CA ALA B 309 63.99 -17.01 -6.99
C ALA B 309 64.60 -15.78 -6.32
N LEU B 310 64.33 -14.59 -6.86
CA LEU B 310 64.87 -13.34 -6.33
C LEU B 310 63.83 -12.47 -5.66
N ALA B 311 62.57 -12.54 -6.15
CA ALA B 311 61.47 -11.71 -5.65
C ALA B 311 60.13 -12.23 -6.09
N ILE B 312 59.08 -11.85 -5.36
CA ILE B 312 57.71 -12.23 -5.72
C ILE B 312 57.21 -11.11 -6.59
N ALA B 313 57.23 -11.36 -7.92
CA ALA B 313 56.92 -10.44 -9.02
C ALA B 313 55.77 -9.54 -8.75
N GLY B 314 56.08 -8.24 -8.74
CA GLY B 314 55.13 -7.17 -8.51
C GLY B 314 54.73 -6.91 -7.08
N VAL B 315 55.22 -7.73 -6.12
CA VAL B 315 54.82 -7.52 -4.73
C VAL B 315 56.05 -7.18 -3.84
N MET B 316 57.05 -8.10 -3.70
CA MET B 316 58.18 -7.83 -2.84
C MET B 316 59.45 -8.52 -3.22
N GLY B 317 60.56 -7.82 -3.01
CA GLY B 317 61.88 -8.35 -3.27
C GLY B 317 62.41 -9.25 -2.17
N GLY B 318 63.36 -10.08 -2.55
CA GLY B 318 64.04 -10.99 -1.63
C GLY B 318 65.22 -10.28 -0.99
N GLU B 319 65.59 -10.72 0.22
CA GLU B 319 66.67 -10.21 1.06
C GLU B 319 68.05 -10.34 0.39
N HIS B 320 68.34 -11.54 -0.14
CA HIS B 320 69.61 -11.84 -0.78
C HIS B 320 69.86 -11.04 -2.05
N SER B 321 68.82 -10.56 -2.75
CA SER B 321 69.01 -9.82 -4.02
C SER B 321 68.65 -8.30 -4.00
N GLY B 322 68.67 -7.66 -2.84
CA GLY B 322 68.38 -6.24 -2.68
C GLY B 322 69.68 -5.47 -2.54
N VAL B 323 69.59 -4.14 -2.51
CA VAL B 323 70.74 -3.24 -2.35
C VAL B 323 71.24 -3.33 -0.89
N SER B 324 72.55 -3.25 -0.69
CA SER B 324 73.17 -3.32 0.63
C SER B 324 74.30 -2.30 0.75
N ASP B 325 75.13 -2.42 1.79
CA ASP B 325 76.25 -1.50 2.01
C ASP B 325 77.38 -1.78 1.02
N SER B 326 77.60 -3.07 0.72
CA SER B 326 78.62 -3.57 -0.21
C SER B 326 78.38 -3.21 -1.69
N THR B 327 77.11 -2.97 -2.10
CA THR B 327 76.66 -2.67 -3.48
C THR B 327 77.42 -1.55 -4.18
N ARG B 328 77.98 -1.89 -5.35
CA ARG B 328 78.73 -0.99 -6.22
C ARG B 328 78.01 -0.80 -7.58
N ASP B 329 77.19 -1.80 -8.00
CA ASP B 329 76.47 -1.79 -9.28
C ASP B 329 75.03 -2.25 -9.12
N LEU B 330 74.14 -1.66 -9.94
CA LEU B 330 72.72 -1.98 -9.89
C LEU B 330 72.23 -2.64 -11.16
N PHE B 331 71.01 -3.17 -11.08
CA PHE B 331 70.24 -3.72 -12.16
C PHE B 331 68.83 -3.28 -11.91
N LEU B 332 68.35 -2.36 -12.73
CA LEU B 332 67.00 -1.82 -12.63
C LEU B 332 65.98 -2.66 -13.34
N GLU B 333 64.77 -2.73 -12.79
CA GLU B 333 63.64 -3.47 -13.32
C GLU B 333 62.36 -2.59 -13.41
N ALA B 334 61.71 -2.63 -14.59
CA ALA B 334 60.44 -1.95 -14.84
C ALA B 334 59.64 -2.91 -15.73
N ALA B 335 58.52 -3.45 -15.20
CA ALA B 335 57.72 -4.44 -15.92
C ALA B 335 56.22 -4.17 -15.90
N PHE B 336 55.49 -4.88 -16.78
CA PHE B 336 54.05 -4.88 -16.77
C PHE B 336 53.67 -6.32 -16.39
N PHE B 337 52.81 -6.42 -15.38
CA PHE B 337 52.28 -7.67 -14.86
C PHE B 337 50.79 -7.66 -15.13
N ASP B 338 50.24 -8.81 -15.57
CA ASP B 338 48.80 -8.91 -15.85
C ASP B 338 48.03 -8.76 -14.51
N THR B 339 46.95 -7.97 -14.52
CA THR B 339 46.12 -7.73 -13.32
C THR B 339 45.50 -9.04 -12.79
N ILE B 340 45.04 -9.91 -13.74
CA ILE B 340 44.41 -11.21 -13.43
C ILE B 340 45.42 -12.12 -12.78
N ALA B 341 46.61 -12.25 -13.39
CA ALA B 341 47.70 -13.11 -12.93
C ALA B 341 48.20 -12.82 -11.52
N LEU B 342 47.83 -11.66 -10.97
CA LEU B 342 48.31 -11.14 -9.69
C LEU B 342 47.24 -10.95 -8.66
N ALA B 343 45.99 -10.83 -9.10
CA ALA B 343 44.79 -10.65 -8.27
C ALA B 343 44.74 -11.60 -7.05
N GLY B 344 44.83 -11.02 -5.85
CA GLY B 344 44.80 -11.73 -4.59
C GLY B 344 46.05 -12.48 -4.15
N LYS B 345 47.05 -12.58 -5.03
CA LYS B 345 48.29 -13.29 -4.73
C LYS B 345 49.05 -12.70 -3.55
N ALA B 346 49.18 -11.34 -3.48
CA ALA B 346 49.90 -10.73 -2.34
C ALA B 346 49.19 -11.05 -1.01
N ARG B 347 47.83 -10.92 -0.99
CA ARG B 347 47.00 -11.23 0.18
C ARG B 347 47.14 -12.68 0.63
N SER B 348 47.18 -13.63 -0.32
CA SER B 348 47.29 -15.05 0.03
C SER B 348 48.54 -15.42 0.82
N TYR B 349 49.61 -14.58 0.75
CA TYR B 349 50.86 -14.78 1.50
C TYR B 349 50.93 -13.79 2.67
N GLY B 350 49.78 -13.17 2.97
CA GLY B 350 49.63 -12.18 4.03
C GLY B 350 50.41 -10.90 3.81
N LEU B 351 50.50 -10.46 2.53
CA LEU B 351 51.26 -9.26 2.15
C LEU B 351 50.43 -8.19 1.42
N HIS B 352 50.86 -6.93 1.53
CA HIS B 352 50.28 -5.79 0.85
C HIS B 352 51.39 -4.77 0.73
N THR B 353 51.66 -4.29 -0.49
CA THR B 353 52.72 -3.30 -0.82
C THR B 353 52.11 -2.25 -1.76
N ASP B 354 52.82 -1.11 -1.97
CA ASP B 354 52.37 -0.05 -2.89
C ASP B 354 52.51 -0.55 -4.32
N SER B 355 53.42 -1.52 -4.53
CA SER B 355 53.66 -2.15 -5.83
C SER B 355 52.53 -3.11 -6.10
N SER B 356 52.20 -3.97 -5.10
CA SER B 356 51.13 -4.97 -5.25
C SER B 356 49.79 -4.31 -5.56
N HIS B 357 49.46 -3.22 -4.85
CA HIS B 357 48.23 -2.49 -5.02
C HIS B 357 48.09 -1.94 -6.43
N ARG B 358 49.13 -1.28 -6.91
CA ARG B 358 49.17 -0.68 -8.23
C ARG B 358 49.03 -1.71 -9.37
N PHE B 359 49.82 -2.80 -9.35
CA PHE B 359 49.77 -3.84 -10.38
C PHE B 359 48.41 -4.55 -10.43
N GLU B 360 47.80 -4.84 -9.25
CA GLU B 360 46.50 -5.51 -9.13
C GLU B 360 45.39 -4.64 -9.71
N ARG B 361 45.46 -3.34 -9.42
CA ARG B 361 44.54 -2.31 -9.87
C ARG B 361 44.83 -1.95 -11.35
N GLY B 362 46.04 -2.25 -11.81
CA GLY B 362 46.48 -2.02 -13.18
C GLY B 362 47.41 -0.85 -13.43
N VAL B 363 48.62 -1.16 -13.95
CA VAL B 363 49.67 -0.20 -14.35
C VAL B 363 49.70 -0.11 -15.89
N ASP B 364 49.75 1.12 -16.43
CA ASP B 364 49.79 1.44 -17.86
C ASP B 364 50.83 0.53 -18.56
N SER B 365 50.35 -0.40 -19.42
CA SER B 365 51.15 -1.37 -20.18
C SER B 365 52.23 -0.77 -21.09
N GLN B 366 52.20 0.55 -21.32
CA GLN B 366 53.18 1.20 -22.19
C GLN B 366 54.15 2.10 -21.46
N LEU B 367 53.91 2.30 -20.15
CA LEU B 367 54.66 3.21 -19.30
C LEU B 367 56.12 2.78 -18.92
N ALA B 368 56.42 1.46 -18.88
CA ALA B 368 57.72 0.94 -18.46
C ALA B 368 58.93 1.70 -18.99
N ARG B 369 58.97 2.00 -20.29
CA ARG B 369 60.14 2.68 -20.92
C ARG B 369 60.37 4.13 -20.46
N LYS B 370 59.28 4.94 -20.40
CA LYS B 370 59.33 6.34 -19.95
C LYS B 370 59.84 6.35 -18.50
N ALA B 371 59.24 5.50 -17.66
CA ALA B 371 59.62 5.39 -16.26
C ALA B 371 61.08 4.95 -16.05
N MET B 372 61.58 4.02 -16.92
CA MET B 372 62.95 3.52 -16.84
C MET B 372 63.97 4.63 -17.10
N GLU B 373 63.74 5.47 -18.16
CA GLU B 373 64.60 6.61 -18.52
C GLU B 373 64.62 7.66 -17.39
N ARG B 374 63.44 7.91 -16.81
CA ARG B 374 63.26 8.85 -15.71
C ARG B 374 64.06 8.44 -14.48
N ALA B 375 63.96 7.15 -14.08
CA ALA B 375 64.68 6.60 -12.93
C ALA B 375 66.20 6.64 -13.20
N THR B 376 66.63 6.32 -14.43
CA THR B 376 68.05 6.35 -14.81
C THR B 376 68.63 7.75 -14.57
N ARG B 377 67.99 8.81 -15.13
CA ARG B 377 68.47 10.20 -14.91
C ARG B 377 68.60 10.52 -13.43
N LEU B 378 67.51 10.26 -12.65
CA LEU B 378 67.50 10.50 -11.21
C LEU B 378 68.63 9.76 -10.49
N ILE B 379 68.84 8.46 -10.80
CA ILE B 379 69.90 7.67 -10.18
C ILE B 379 71.28 8.33 -10.37
N LEU B 380 71.63 8.67 -11.62
CA LEU B 380 72.90 9.31 -11.97
C LEU B 380 73.05 10.65 -11.27
N ASP B 381 71.96 11.41 -11.15
CA ASP B 381 72.01 12.68 -10.46
C ASP B 381 72.22 12.50 -8.93
N ILE B 382 71.62 11.46 -8.32
CA ILE B 382 71.70 11.24 -6.87
C ILE B 382 72.96 10.45 -6.43
N VAL B 383 73.26 9.31 -7.08
CA VAL B 383 74.35 8.42 -6.67
C VAL B 383 75.44 8.27 -7.75
N GLY B 384 75.23 8.86 -8.91
CA GLY B 384 76.18 8.74 -10.01
C GLY B 384 76.04 7.42 -10.73
N GLY B 385 77.13 6.98 -11.33
CA GLY B 385 77.17 5.74 -12.09
C GLY B 385 77.22 5.94 -13.60
N GLU B 386 77.44 4.83 -14.31
CA GLU B 386 77.51 4.84 -15.78
C GLU B 386 76.46 3.88 -16.32
N PRO B 387 75.45 4.36 -17.07
CA PRO B 387 74.39 3.46 -17.54
C PRO B 387 74.74 2.67 -18.80
N GLY B 388 74.18 1.47 -18.87
CA GLY B 388 74.28 0.57 -20.01
C GLY B 388 73.02 0.69 -20.84
N PRO B 389 72.84 -0.11 -21.93
CA PRO B 389 71.59 0.01 -22.71
C PRO B 389 70.40 -0.72 -22.10
N ILE B 390 69.18 -0.25 -22.37
CA ILE B 390 67.93 -0.89 -21.88
C ILE B 390 67.70 -2.23 -22.61
N VAL B 391 67.30 -3.26 -21.85
CA VAL B 391 66.97 -4.59 -22.36
C VAL B 391 65.44 -4.74 -22.22
N GLU B 392 64.76 -4.76 -23.37
CA GLU B 392 63.31 -4.86 -23.42
C GLU B 392 62.93 -6.20 -24.00
N GLN B 393 62.24 -6.99 -23.21
CA GLN B 393 61.67 -8.28 -23.60
C GLN B 393 60.15 -8.04 -23.66
N VAL B 394 59.54 -8.35 -24.80
CA VAL B 394 58.12 -8.10 -24.97
C VAL B 394 57.42 -9.24 -25.76
N SER B 395 56.25 -9.68 -25.26
CA SER B 395 55.40 -10.68 -25.90
C SER B 395 54.16 -9.95 -26.44
N GLU B 396 54.20 -9.59 -27.73
CA GLU B 396 53.12 -8.85 -28.39
C GLU B 396 51.76 -9.53 -28.31
N ALA B 397 51.73 -10.86 -28.43
CA ALA B 397 50.51 -11.67 -28.36
C ALA B 397 49.84 -11.65 -27.00
N HIS B 398 50.57 -11.27 -25.92
CA HIS B 398 50.02 -11.24 -24.56
C HIS B 398 49.77 -9.86 -24.01
N LEU B 399 50.18 -8.82 -24.74
CA LEU B 399 49.94 -7.42 -24.36
C LEU B 399 48.42 -7.18 -24.29
N PRO B 400 47.91 -6.44 -23.29
CA PRO B 400 46.46 -6.22 -23.20
C PRO B 400 45.89 -5.33 -24.30
N LYS B 401 44.71 -5.74 -24.80
CA LYS B 401 43.95 -5.07 -25.85
C LYS B 401 42.49 -5.13 -25.50
N VAL B 402 41.85 -3.94 -25.53
CA VAL B 402 40.42 -3.73 -25.26
C VAL B 402 39.79 -3.41 -26.62
N ALA B 403 38.88 -4.30 -27.11
CA ALA B 403 38.20 -4.15 -28.39
C ALA B 403 37.51 -2.78 -28.46
N PRO B 404 37.54 -2.07 -29.63
CA PRO B 404 36.86 -0.76 -29.68
C PRO B 404 35.37 -0.90 -29.37
N ILE B 405 34.84 0.05 -28.59
CA ILE B 405 33.45 0.10 -28.12
C ILE B 405 32.57 0.96 -29.06
N THR B 406 31.35 0.50 -29.33
CA THR B 406 30.42 1.31 -30.12
C THR B 406 29.43 1.98 -29.17
N LEU B 407 29.46 3.32 -29.16
CA LEU B 407 28.62 4.18 -28.37
C LEU B 407 27.55 4.74 -29.27
N ARG B 408 26.29 4.61 -28.82
CA ARG B 408 25.10 5.10 -29.53
C ARG B 408 24.51 6.27 -28.75
N ALA B 409 24.35 7.43 -29.43
CA ALA B 409 23.80 8.67 -28.87
C ALA B 409 22.42 8.44 -28.25
N GLU B 410 21.61 7.51 -28.83
CA GLU B 410 20.28 7.16 -28.33
C GLU B 410 20.35 6.61 -26.90
N ARG B 411 21.33 5.73 -26.67
CA ARG B 411 21.54 5.07 -25.39
C ARG B 411 22.03 6.01 -24.30
N VAL B 412 22.79 7.08 -24.69
CA VAL B 412 23.24 8.09 -23.74
C VAL B 412 22.02 8.90 -23.31
N THR B 413 21.19 9.35 -24.27
CA THR B 413 19.95 10.10 -24.03
C THR B 413 19.01 9.33 -23.10
N GLN B 414 18.82 8.03 -23.37
CA GLN B 414 18.00 7.13 -22.56
C GLN B 414 18.43 7.14 -21.09
N MET B 415 19.70 6.76 -20.81
CA MET B 415 20.26 6.61 -19.48
C MET B 415 20.25 7.90 -18.68
N LEU B 416 20.75 8.99 -19.27
CA LEU B 416 20.86 10.31 -18.65
C LEU B 416 19.51 11.07 -18.53
N GLY B 417 18.55 10.77 -19.41
CA GLY B 417 17.24 11.40 -19.37
C GLY B 417 17.19 12.74 -20.06
N MET B 418 18.26 13.05 -20.80
CA MET B 418 18.45 14.27 -21.58
C MET B 418 19.50 14.01 -22.66
N PRO B 419 19.37 14.62 -23.86
CA PRO B 419 20.42 14.40 -24.85
C PRO B 419 21.64 15.28 -24.63
N LEU B 420 22.79 14.86 -25.17
CA LEU B 420 24.04 15.63 -25.14
C LEU B 420 24.47 15.84 -26.58
N ASP B 421 24.99 17.05 -26.89
CA ASP B 421 25.44 17.38 -28.26
C ASP B 421 26.67 16.57 -28.59
N ALA B 422 26.75 16.09 -29.84
CA ALA B 422 27.88 15.30 -30.32
C ALA B 422 29.23 15.91 -29.99
N ALA B 423 29.38 17.25 -30.13
CA ALA B 423 30.62 17.97 -29.83
C ALA B 423 31.01 17.85 -28.35
N GLU B 424 30.01 17.93 -27.43
CA GLU B 424 30.19 17.81 -25.99
C GLU B 424 30.57 16.36 -25.66
N ILE B 425 29.90 15.38 -26.32
CA ILE B 425 30.22 13.96 -26.13
C ILE B 425 31.70 13.72 -26.51
N VAL B 426 32.07 14.13 -27.73
CA VAL B 426 33.42 13.98 -28.24
C VAL B 426 34.41 14.74 -27.34
N ARG B 427 34.15 16.02 -27.01
CA ARG B 427 35.07 16.81 -26.19
C ARG B 427 35.42 16.13 -24.90
N LEU B 428 34.37 15.72 -24.15
CA LEU B 428 34.47 15.05 -22.86
C LEU B 428 35.29 13.76 -22.91
N LEU B 429 34.93 12.84 -23.84
CA LEU B 429 35.63 11.57 -24.00
C LEU B 429 37.11 11.75 -24.37
N GLN B 430 37.40 12.67 -25.32
CA GLN B 430 38.77 12.97 -25.77
C GLN B 430 39.66 13.46 -24.64
N ALA B 431 39.10 14.26 -23.71
CA ALA B 431 39.79 14.81 -22.53
C ALA B 431 40.34 13.70 -21.59
N LEU B 432 39.65 12.55 -21.58
CA LEU B 432 40.00 11.35 -20.83
C LEU B 432 40.93 10.45 -21.68
N GLU B 433 41.42 10.97 -22.81
CA GLU B 433 42.34 10.32 -23.77
C GLU B 433 41.67 9.14 -24.54
N LEU B 434 40.32 9.17 -24.65
CA LEU B 434 39.59 8.15 -25.41
C LEU B 434 39.61 8.53 -26.89
N THR B 435 39.70 7.52 -27.78
CA THR B 435 39.78 7.69 -29.23
C THR B 435 38.39 7.56 -29.86
N VAL B 436 37.74 8.71 -30.07
CA VAL B 436 36.41 8.83 -30.65
C VAL B 436 36.46 9.03 -32.18
N VAL B 437 35.78 8.18 -32.94
CA VAL B 437 35.68 8.27 -34.40
C VAL B 437 34.22 7.98 -34.82
N ALA B 438 33.60 8.85 -35.63
CA ALA B 438 32.21 8.65 -36.08
C ALA B 438 32.02 7.33 -36.82
N ASP B 439 30.87 6.68 -36.63
CA ASP B 439 30.54 5.37 -37.20
C ASP B 439 29.06 5.32 -37.66
N GLY B 440 28.64 6.37 -38.36
CA GLY B 440 27.28 6.52 -38.82
C GLY B 440 26.55 7.58 -38.04
N GLU B 441 25.25 7.80 -38.31
CA GLU B 441 24.49 8.84 -37.59
C GLU B 441 24.20 8.42 -36.15
N GLY B 442 24.54 9.33 -35.22
CA GLY B 442 24.37 9.14 -33.78
C GLY B 442 25.05 7.93 -33.19
N GLN B 443 26.21 7.54 -33.78
CA GLN B 443 27.01 6.39 -33.39
C GLN B 443 28.50 6.67 -33.62
N TRP B 444 29.36 6.24 -32.67
CA TRP B 444 30.82 6.37 -32.75
C TRP B 444 31.51 5.05 -32.40
N SER B 445 32.83 5.01 -32.62
CA SER B 445 33.69 3.91 -32.25
C SER B 445 34.79 4.48 -31.35
N VAL B 446 34.81 4.05 -30.07
CA VAL B 446 35.75 4.54 -29.07
C VAL B 446 36.80 3.49 -28.68
N GLY B 447 38.05 3.97 -28.58
CA GLY B 447 39.22 3.19 -28.18
C GLY B 447 39.72 3.62 -26.81
N VAL B 448 40.08 2.66 -25.99
CA VAL B 448 40.50 2.88 -24.61
C VAL B 448 42.04 3.05 -24.49
N PRO B 449 42.50 4.11 -23.77
CA PRO B 449 43.95 4.30 -23.57
C PRO B 449 44.57 3.25 -22.62
N SER B 450 45.92 3.05 -22.73
CA SER B 450 46.68 2.03 -22.02
C SER B 450 46.71 2.16 -20.52
N HIS B 451 46.25 3.30 -19.97
CA HIS B 451 46.17 3.49 -18.50
C HIS B 451 44.80 3.10 -17.88
N ARG B 452 43.73 2.91 -18.71
CA ARG B 452 42.39 2.58 -18.20
C ARG B 452 42.07 1.12 -18.27
N PHE B 453 41.95 0.47 -17.07
CA PHE B 453 41.62 -0.95 -17.01
C PHE B 453 40.15 -1.20 -16.66
N ASP B 454 39.39 -0.12 -16.47
CA ASP B 454 37.96 -0.14 -16.08
C ASP B 454 36.96 0.16 -17.22
N ILE B 455 37.43 0.52 -18.41
CA ILE B 455 36.56 0.83 -19.56
C ILE B 455 36.65 -0.35 -20.56
N SER B 456 35.49 -0.92 -20.97
CA SER B 456 35.39 -2.05 -21.90
C SER B 456 34.00 -2.14 -22.56
N LEU B 457 32.97 -1.57 -21.89
CA LEU B 457 31.56 -1.57 -22.34
C LEU B 457 30.98 -0.17 -22.60
N GLU B 458 29.85 -0.09 -23.34
CA GLU B 458 29.15 1.16 -23.64
C GLU B 458 28.69 1.92 -22.36
N VAL B 459 28.20 1.17 -21.36
CA VAL B 459 27.74 1.72 -20.07
C VAL B 459 28.88 2.46 -19.31
N ASP B 460 30.14 1.99 -19.50
CA ASP B 460 31.35 2.58 -18.89
C ASP B 460 31.58 3.95 -19.50
N LEU B 461 31.27 4.11 -20.79
CA LEU B 461 31.40 5.39 -21.50
C LEU B 461 30.31 6.34 -21.07
N ILE B 462 29.06 5.84 -20.95
CA ILE B 462 27.93 6.62 -20.48
C ILE B 462 28.20 7.15 -19.03
N GLU B 463 28.77 6.27 -18.14
CA GLU B 463 29.17 6.63 -16.76
C GLU B 463 30.11 7.83 -16.84
N GLU B 464 31.12 7.75 -17.73
CA GLU B 464 32.13 8.80 -17.86
C GLU B 464 31.52 10.15 -18.20
N LEU B 465 30.53 10.17 -19.14
CA LEU B 465 29.79 11.38 -19.53
C LEU B 465 29.00 11.94 -18.36
N ALA B 466 28.19 11.08 -17.71
CA ALA B 466 27.38 11.40 -16.53
C ALA B 466 28.24 12.12 -15.47
N ARG B 467 29.36 11.48 -15.11
CA ARG B 467 30.36 11.90 -14.15
C ARG B 467 30.95 13.27 -14.45
N LEU B 468 31.39 13.48 -15.70
CA LEU B 468 32.03 14.72 -16.08
C LEU B 468 31.05 15.86 -16.32
N TYR B 469 29.82 15.52 -16.79
CA TYR B 469 28.75 16.49 -16.98
C TYR B 469 28.29 17.00 -15.63
N GLY B 470 28.18 16.08 -14.67
CA GLY B 470 27.73 16.35 -13.31
C GLY B 470 26.42 15.66 -13.00
N TYR B 471 26.48 14.67 -12.05
CA TYR B 471 25.33 13.88 -11.56
C TYR B 471 24.18 14.78 -11.10
N ASN B 472 24.47 15.80 -10.29
CA ASN B 472 23.46 16.69 -9.75
C ASN B 472 22.90 17.70 -10.78
N ARG B 473 23.48 17.77 -12.01
CA ARG B 473 23.01 18.61 -13.11
C ARG B 473 21.98 17.83 -13.96
N LEU B 474 22.00 16.50 -13.85
CA LEU B 474 21.12 15.60 -14.58
C LEU B 474 19.67 15.68 -14.12
N PRO B 475 18.68 15.42 -15.04
CA PRO B 475 17.27 15.51 -14.63
C PRO B 475 16.80 14.48 -13.60
N VAL B 476 15.64 14.72 -12.99
CA VAL B 476 14.98 13.89 -12.00
C VAL B 476 13.58 13.54 -12.54
N ARG B 477 13.29 12.24 -12.63
CA ARG B 477 12.06 11.67 -13.16
C ARG B 477 11.59 10.58 -12.20
N TYR B 478 10.29 10.21 -12.24
CA TYR B 478 9.74 9.10 -11.43
C TYR B 478 9.39 7.96 -12.37
N PRO B 479 9.87 6.72 -12.11
CA PRO B 479 9.63 5.63 -13.07
C PRO B 479 8.16 5.31 -13.32
N GLN B 480 7.81 5.07 -14.61
CA GLN B 480 6.47 4.70 -15.04
C GLN B 480 6.14 3.25 -14.69
N ALA B 481 4.85 2.96 -14.41
CA ALA B 481 4.38 1.62 -14.06
C ALA B 481 2.92 1.38 -14.43
N ARG B 482 2.67 0.30 -15.21
CA ARG B 482 1.34 -0.20 -15.62
C ARG B 482 0.92 -1.05 -14.39
N LEU B 483 0.18 -0.46 -13.43
CA LEU B 483 -0.22 -1.18 -12.23
C LEU B 483 -1.69 -1.57 -12.19
N ALA B 484 -1.97 -2.74 -11.60
CA ALA B 484 -3.30 -3.31 -11.40
C ALA B 484 -3.61 -3.45 -9.91
N PRO B 485 -4.90 -3.28 -9.51
CA PRO B 485 -5.25 -3.48 -8.09
C PRO B 485 -4.96 -4.92 -7.64
N ASN B 486 -4.48 -5.06 -6.42
CA ASN B 486 -4.14 -6.37 -5.84
C ASN B 486 -4.20 -6.31 -4.31
N ASN B 487 -4.24 -7.50 -3.67
CA ASN B 487 -4.27 -7.62 -2.21
C ASN B 487 -4.03 -9.04 -1.77
N LYS B 488 -3.42 -9.19 -0.58
CA LYS B 488 -3.16 -10.49 0.06
C LYS B 488 -4.49 -11.05 0.63
N PRO B 489 -4.60 -12.39 0.87
CA PRO B 489 -5.87 -12.95 1.42
C PRO B 489 -6.33 -12.34 2.75
N GLU B 490 -7.65 -12.21 2.88
CA GLU B 490 -8.29 -11.61 4.05
C GLU B 490 -8.01 -12.34 5.35
N ALA B 491 -8.13 -13.69 5.35
CA ALA B 491 -8.01 -14.51 6.56
C ALA B 491 -6.60 -15.00 6.88
N ARG B 492 -5.68 -14.05 7.07
CA ARG B 492 -4.31 -14.36 7.44
C ARG B 492 -3.81 -13.38 8.52
N ALA B 493 -3.06 -13.91 9.48
CA ALA B 493 -2.51 -13.10 10.56
C ALA B 493 -1.03 -12.92 10.29
N ALA B 494 -0.65 -11.74 9.74
CA ALA B 494 0.75 -11.47 9.42
C ALA B 494 1.53 -11.06 10.68
N LEU B 495 2.88 -11.17 10.63
CA LEU B 495 3.74 -10.80 11.76
C LEU B 495 3.52 -9.34 12.22
N PRO B 496 3.37 -8.34 11.31
CA PRO B 496 3.13 -6.94 11.79
C PRO B 496 1.89 -6.78 12.67
N LEU B 497 0.83 -7.51 12.33
CA LEU B 497 -0.45 -7.58 13.00
C LEU B 497 -0.30 -8.14 14.42
N LEU B 498 0.40 -9.29 14.53
CA LEU B 498 0.69 -10.03 15.76
C LEU B 498 1.60 -9.26 16.71
N ARG B 499 2.56 -8.49 16.15
CA ARG B 499 3.47 -7.66 16.92
C ARG B 499 2.67 -6.58 17.63
N ARG B 500 1.72 -5.96 16.89
CA ARG B 500 0.88 -4.89 17.40
C ARG B 500 -0.10 -5.41 18.42
N LEU B 501 -0.52 -6.67 18.26
CA LEU B 501 -1.42 -7.30 19.22
C LEU B 501 -0.72 -7.41 20.59
N LEU B 502 0.49 -8.01 20.58
CA LEU B 502 1.30 -8.22 21.78
C LEU B 502 1.66 -6.89 22.48
N VAL B 503 1.89 -5.81 21.69
CA VAL B 503 2.12 -4.45 22.20
C VAL B 503 0.87 -4.02 23.00
N ALA B 504 -0.33 -4.18 22.41
CA ALA B 504 -1.60 -3.84 23.06
C ALA B 504 -1.79 -4.62 24.34
N ARG B 505 -1.29 -5.87 24.35
CA ARG B 505 -1.35 -6.78 25.49
C ARG B 505 -0.20 -6.57 26.49
N GLY B 506 0.52 -5.45 26.33
CA GLY B 506 1.57 -4.99 27.24
C GLY B 506 2.97 -5.56 27.14
N TYR B 507 3.41 -5.91 25.94
CA TYR B 507 4.73 -6.47 25.68
C TYR B 507 5.64 -5.44 25.01
N GLN B 508 6.93 -5.65 25.21
CA GLN B 508 7.99 -4.84 24.65
C GLN B 508 8.79 -5.70 23.67
N GLU B 509 9.03 -5.18 22.45
CA GLU B 509 9.79 -5.93 21.46
C GLU B 509 11.29 -5.90 21.70
N ALA B 510 11.92 -7.08 21.65
CA ALA B 510 13.37 -7.26 21.78
C ALA B 510 14.01 -7.73 20.46
N ILE B 511 15.31 -7.46 20.28
CA ILE B 511 16.14 -7.91 19.14
C ILE B 511 17.47 -8.41 19.75
N THR B 512 17.73 -9.73 19.63
CA THR B 512 18.92 -10.43 20.17
C THR B 512 19.81 -11.00 19.02
N PHE B 513 21.11 -11.27 19.30
CA PHE B 513 22.01 -11.86 18.28
C PHE B 513 21.58 -13.29 17.94
N SER B 514 21.66 -13.64 16.66
CA SER B 514 21.32 -14.97 16.14
C SER B 514 22.34 -16.00 16.59
N PHE B 515 23.62 -15.59 16.71
CA PHE B 515 24.71 -16.45 17.16
C PHE B 515 24.91 -16.30 18.65
N ILE B 516 24.92 -17.43 19.34
CA ILE B 516 25.02 -17.51 20.80
C ILE B 516 26.12 -18.47 21.25
N ASP B 517 26.32 -18.52 22.57
CA ASP B 517 27.32 -19.34 23.20
C ASP B 517 26.88 -20.83 23.20
N PRO B 518 27.76 -21.75 22.73
CA PRO B 518 27.41 -23.19 22.72
C PRO B 518 26.96 -23.72 24.08
N ALA B 519 27.56 -23.20 25.19
CA ALA B 519 27.18 -23.55 26.55
C ALA B 519 25.68 -23.20 26.79
N LEU B 520 25.25 -22.00 26.36
CA LEU B 520 23.84 -21.58 26.46
C LEU B 520 22.94 -22.46 25.58
N PHE B 521 23.35 -22.68 24.29
CA PHE B 521 22.64 -23.53 23.32
C PHE B 521 22.35 -24.92 23.92
N GLU B 522 23.38 -25.52 24.52
CA GLU B 522 23.30 -26.80 25.15
C GLU B 522 22.32 -26.86 26.35
N LEU B 523 22.15 -25.76 27.09
CA LEU B 523 21.25 -25.71 28.25
C LEU B 523 19.80 -25.78 27.83
N PHE B 524 19.43 -25.01 26.78
CA PHE B 524 18.06 -24.94 26.24
C PHE B 524 17.75 -26.06 25.25
N ASP B 525 18.81 -26.68 24.68
CA ASP B 525 18.67 -27.74 23.68
C ASP B 525 19.75 -28.84 23.93
N PRO B 526 19.56 -29.69 24.96
CA PRO B 526 20.57 -30.73 25.26
C PRO B 526 20.66 -31.80 24.19
N GLY B 527 21.90 -32.20 23.88
CA GLY B 527 22.22 -33.24 22.91
C GLY B 527 22.31 -32.79 21.46
N THR B 528 21.68 -31.68 21.11
CA THR B 528 21.68 -31.18 19.73
C THR B 528 22.99 -30.54 19.36
N GLN B 529 23.45 -30.81 18.12
CA GLN B 529 24.67 -30.22 17.63
C GLN B 529 24.32 -28.89 16.94
N PRO B 530 24.76 -27.73 17.49
CA PRO B 530 24.44 -26.45 16.85
C PRO B 530 25.15 -26.31 15.51
N LEU B 531 24.61 -25.45 14.63
CA LEU B 531 25.27 -25.14 13.37
C LEU B 531 26.32 -24.09 13.78
N THR B 532 27.59 -24.52 13.85
CA THR B 532 28.72 -23.71 14.31
C THR B 532 29.40 -22.97 13.17
N LEU B 533 29.76 -21.71 13.42
CA LEU B 533 30.52 -20.86 12.51
C LEU B 533 31.99 -21.31 12.44
N ALA B 534 32.62 -21.16 11.27
CA ALA B 534 34.03 -21.53 11.07
C ALA B 534 34.89 -20.39 11.65
N ASN B 535 34.47 -19.13 11.43
CA ASN B 535 35.22 -17.95 11.88
C ASN B 535 34.40 -17.04 12.81
N PRO B 536 33.91 -17.52 13.99
CA PRO B 536 33.14 -16.62 14.88
C PRO B 536 33.98 -15.45 15.38
N ILE B 537 33.33 -14.31 15.66
CA ILE B 537 33.96 -13.10 16.17
C ILE B 537 34.57 -13.37 17.56
N SER B 538 33.95 -14.29 18.33
CA SER B 538 34.41 -14.77 19.63
C SER B 538 33.86 -16.21 19.83
N ALA B 539 34.37 -16.94 20.83
CA ALA B 539 33.94 -18.31 21.12
C ALA B 539 32.50 -18.41 21.66
N ASP B 540 32.01 -17.34 22.35
CA ASP B 540 30.66 -17.29 22.92
C ASP B 540 29.60 -16.74 21.92
N MET B 541 29.98 -16.63 20.64
CA MET B 541 29.12 -16.15 19.57
C MET B 541 29.34 -17.06 18.35
N ALA B 542 29.49 -18.37 18.63
CA ALA B 542 29.80 -19.39 17.62
C ALA B 542 28.64 -20.33 17.23
N ALA B 543 27.51 -20.30 17.95
CA ALA B 543 26.39 -21.20 17.68
C ALA B 543 25.11 -20.50 17.14
N MET B 544 24.64 -20.94 15.95
CA MET B 544 23.41 -20.41 15.37
C MET B 544 22.26 -20.91 16.24
N ARG B 545 21.37 -20.01 16.67
CA ARG B 545 20.25 -20.34 17.55
C ARG B 545 19.22 -21.32 16.92
N SER B 546 18.67 -22.22 17.75
CA SER B 546 17.62 -23.19 17.43
C SER B 546 16.31 -22.74 18.11
N SER B 547 16.42 -21.72 18.97
CA SER B 547 15.32 -21.14 19.75
C SER B 547 15.63 -19.67 20.06
N LEU B 548 14.59 -18.85 20.19
CA LEU B 548 14.74 -17.42 20.51
C LEU B 548 14.79 -17.23 22.06
N TRP B 549 14.52 -18.32 22.82
CA TRP B 549 14.49 -18.34 24.28
C TRP B 549 15.84 -18.02 24.96
N PRO B 550 17.00 -18.62 24.56
CA PRO B 550 18.26 -18.26 25.25
C PRO B 550 18.52 -16.75 25.26
N GLY B 551 18.36 -16.11 24.11
CA GLY B 551 18.51 -14.66 23.94
C GLY B 551 17.54 -13.83 24.78
N LEU B 552 16.23 -14.20 24.76
CA LEU B 552 15.16 -13.53 25.53
C LEU B 552 15.39 -13.63 27.05
N VAL B 553 15.68 -14.87 27.54
CA VAL B 553 15.98 -15.12 28.95
C VAL B 553 17.17 -14.23 29.36
N LYS B 554 18.20 -14.18 28.51
CA LYS B 554 19.37 -13.35 28.75
C LYS B 554 19.02 -11.85 28.83
N ALA B 555 18.11 -11.34 27.98
CA ALA B 555 17.72 -9.93 27.99
C ALA B 555 16.84 -9.62 29.20
N LEU B 556 16.04 -10.63 29.62
CA LEU B 556 15.15 -10.55 30.76
C LEU B 556 15.98 -10.41 32.00
N GLN B 557 17.05 -11.23 32.16
CA GLN B 557 17.90 -11.15 33.34
C GLN B 557 18.77 -9.89 33.36
N HIS B 558 19.18 -9.38 32.18
CA HIS B 558 19.93 -8.13 32.06
C HIS B 558 19.11 -6.98 32.71
N ASN B 559 17.78 -6.98 32.45
CA ASN B 559 16.84 -6.01 33.00
C ASN B 559 16.61 -6.19 34.52
N LEU B 560 16.49 -7.45 34.96
CA LEU B 560 16.29 -7.81 36.35
C LEU B 560 17.48 -7.33 37.18
N ASN B 561 18.67 -7.42 36.59
CA ASN B 561 19.93 -6.96 37.18
C ASN B 561 20.02 -5.44 37.17
N ARG B 562 19.12 -4.76 36.43
CA ARG B 562 19.09 -3.30 36.30
C ARG B 562 17.84 -2.70 36.97
N GLN B 563 17.50 -3.18 38.17
CA GLN B 563 16.39 -2.67 38.99
C GLN B 563 14.99 -2.67 38.31
N GLN B 564 14.74 -3.66 37.46
CA GLN B 564 13.44 -3.85 36.81
C GLN B 564 12.87 -5.10 37.44
N SER B 565 11.56 -5.15 37.70
CA SER B 565 10.96 -6.37 38.29
C SER B 565 9.91 -7.00 37.40
N ARG B 566 9.18 -6.17 36.63
CA ARG B 566 8.16 -6.66 35.72
C ARG B 566 8.77 -6.60 34.34
N VAL B 567 9.08 -7.76 33.77
CA VAL B 567 9.69 -7.81 32.43
C VAL B 567 8.81 -8.63 31.50
N ARG B 568 8.38 -8.02 30.37
CA ARG B 568 7.52 -8.68 29.36
C ARG B 568 8.13 -8.40 27.99
N LEU B 569 8.81 -9.40 27.41
CA LEU B 569 9.52 -9.27 26.13
C LEU B 569 9.03 -10.20 25.04
N PHE B 570 9.15 -9.78 23.79
CA PHE B 570 8.80 -10.63 22.67
C PHE B 570 9.77 -10.41 21.53
N GLU B 571 9.98 -11.45 20.73
CA GLU B 571 10.88 -11.38 19.59
C GLU B 571 10.40 -12.30 18.45
N SER B 572 10.70 -11.89 17.22
CA SER B 572 10.46 -12.63 16.01
C SER B 572 11.82 -12.76 15.31
N GLY B 573 12.00 -13.87 14.64
CA GLY B 573 13.26 -14.13 13.95
C GLY B 573 13.38 -15.58 13.57
N LEU B 574 14.43 -15.91 12.84
CA LEU B 574 14.68 -17.26 12.39
C LEU B 574 15.34 -18.16 13.42
N ARG B 575 15.11 -19.46 13.29
CA ARG B 575 15.80 -20.48 14.06
C ARG B 575 16.54 -21.36 13.02
N PHE B 576 17.66 -21.92 13.41
CA PHE B 576 18.49 -22.71 12.52
C PHE B 576 18.53 -24.16 13.06
N VAL B 577 17.91 -25.09 12.30
CA VAL B 577 17.80 -26.50 12.68
C VAL B 577 18.55 -27.43 11.72
N GLY B 578 19.42 -28.25 12.30
CA GLY B 578 20.22 -29.23 11.59
C GLY B 578 21.55 -28.73 11.10
N GLN B 579 22.23 -29.55 10.30
CA GLN B 579 23.52 -29.17 9.75
C GLN B 579 23.25 -28.71 8.32
N LEU B 580 24.25 -28.12 7.63
CA LEU B 580 24.11 -27.55 6.29
C LEU B 580 23.22 -28.40 5.36
N GLU B 581 23.51 -29.71 5.31
CA GLU B 581 22.71 -30.65 4.54
C GLU B 581 21.36 -30.85 5.25
N GLY B 582 20.33 -30.25 4.68
CA GLY B 582 18.98 -30.28 5.20
C GLY B 582 18.67 -29.24 6.26
N LEU B 583 19.45 -28.13 6.30
CA LEU B 583 19.27 -27.05 7.27
C LEU B 583 17.91 -26.38 7.10
N LYS B 584 17.16 -26.22 8.21
CA LYS B 584 15.84 -25.57 8.21
C LYS B 584 16.01 -24.18 8.86
N GLN B 585 15.57 -23.13 8.13
CA GLN B 585 15.60 -21.74 8.58
C GLN B 585 14.14 -21.29 8.69
N GLU B 586 13.56 -21.38 9.91
CA GLU B 586 12.14 -21.14 10.20
C GLU B 586 11.90 -19.89 11.07
N ALA B 587 10.99 -18.99 10.62
CA ALA B 587 10.61 -17.75 11.33
C ALA B 587 9.72 -18.09 12.51
N MET B 588 10.14 -17.63 13.71
CA MET B 588 9.48 -17.87 14.99
C MET B 588 9.01 -16.57 15.66
N LEU B 589 8.02 -16.72 16.53
CA LEU B 589 7.51 -15.66 17.40
C LEU B 589 7.63 -16.25 18.79
N ALA B 590 8.38 -15.56 19.64
CA ALA B 590 8.62 -16.01 21.01
C ALA B 590 8.43 -14.87 22.00
N GLY B 591 8.03 -15.22 23.21
CA GLY B 591 7.81 -14.26 24.28
C GLY B 591 8.24 -14.80 25.62
N ALA B 592 8.62 -13.87 26.52
CA ALA B 592 9.06 -14.16 27.88
C ALA B 592 8.50 -13.13 28.86
N ILE B 593 7.87 -13.60 29.95
CA ILE B 593 7.28 -12.74 31.00
C ILE B 593 7.73 -13.16 32.39
N CYS B 594 7.87 -12.17 33.27
CA CYS B 594 8.19 -12.35 34.69
C CYS B 594 7.69 -11.15 35.51
N GLY B 595 7.70 -11.29 36.83
CA GLY B 595 7.22 -10.26 37.75
C GLY B 595 5.72 -10.25 37.96
N LYS B 596 5.20 -9.16 38.49
CA LYS B 596 3.77 -9.01 38.77
C LYS B 596 2.87 -9.12 37.51
N ARG B 597 1.67 -9.67 37.70
CA ARG B 597 0.68 -9.81 36.64
C ARG B 597 0.35 -8.43 36.00
N LEU B 598 0.20 -7.39 36.86
CA LEU B 598 -0.11 -6.03 36.44
C LEU B 598 0.96 -5.04 36.89
N PRO B 599 1.00 -3.81 36.31
CA PRO B 599 1.94 -2.80 36.81
C PRO B 599 1.52 -2.34 38.21
N GLU B 600 2.45 -1.74 38.98
CA GLU B 600 2.14 -1.22 40.32
C GLU B 600 1.14 -0.05 40.17
N GLY B 601 0.02 -0.14 40.89
CA GLY B 601 -1.03 0.85 40.87
C GLY B 601 -2.06 0.64 41.97
N TRP B 602 -2.78 1.71 42.31
CA TRP B 602 -3.80 1.73 43.36
C TRP B 602 -4.99 0.78 43.14
N ALA B 603 -5.35 0.52 41.85
CA ALA B 603 -6.49 -0.29 41.43
C ALA B 603 -6.12 -1.71 40.98
N ASN B 604 -4.82 -2.02 40.96
CA ASN B 604 -4.28 -3.32 40.54
C ASN B 604 -3.89 -4.19 41.70
N GLY B 605 -4.30 -5.45 41.64
CA GLY B 605 -3.95 -6.47 42.62
C GLY B 605 -2.48 -6.78 42.52
N ARG B 606 -1.85 -7.10 43.67
CA ARG B 606 -0.41 -7.36 43.80
C ARG B 606 0.03 -8.80 43.49
N ASP B 607 -0.76 -9.54 42.69
CA ASP B 607 -0.46 -10.93 42.32
C ASP B 607 0.62 -11.01 41.25
N GLY B 608 1.41 -12.09 41.31
CA GLY B 608 2.46 -12.37 40.35
C GLY B 608 1.97 -13.14 39.14
N VAL B 609 2.64 -12.95 37.97
CA VAL B 609 2.31 -13.63 36.72
C VAL B 609 2.41 -15.14 36.87
N ASP B 610 1.54 -15.86 36.15
CA ASP B 610 1.59 -17.32 36.12
C ASP B 610 1.37 -17.88 34.69
N PHE B 611 1.35 -19.21 34.57
CA PHE B 611 1.15 -19.97 33.33
C PHE B 611 -0.07 -19.49 32.53
N PHE B 612 -1.20 -19.22 33.21
CA PHE B 612 -2.47 -18.84 32.59
C PHE B 612 -2.47 -17.43 32.03
N ASP B 613 -1.52 -16.62 32.48
CA ASP B 613 -1.37 -15.26 31.98
C ASP B 613 -0.69 -15.31 30.63
N ALA B 614 0.37 -16.12 30.53
CA ALA B 614 1.09 -16.38 29.28
C ALA B 614 0.11 -17.09 28.31
N LYS B 615 -0.67 -18.08 28.80
CA LYS B 615 -1.65 -18.79 27.98
C LYS B 615 -2.63 -17.84 27.30
N ALA B 616 -3.11 -16.83 28.05
CA ALA B 616 -4.06 -15.84 27.52
C ALA B 616 -3.46 -15.08 26.32
N ASP B 617 -2.17 -14.68 26.43
CA ASP B 617 -1.40 -13.97 25.42
C ASP B 617 -1.21 -14.83 24.19
N VAL B 618 -1.02 -16.15 24.38
CA VAL B 618 -0.88 -17.13 23.28
C VAL B 618 -2.22 -17.31 22.56
N GLU B 619 -3.31 -17.51 23.33
CA GLU B 619 -4.68 -17.69 22.82
C GLU B 619 -5.06 -16.52 21.89
N ALA B 620 -4.77 -15.28 22.32
CA ALA B 620 -5.01 -14.04 21.59
C ALA B 620 -4.33 -14.04 20.23
N VAL B 621 -3.07 -14.53 20.16
CA VAL B 621 -2.24 -14.64 18.95
C VAL B 621 -2.86 -15.72 18.03
N LEU B 622 -3.13 -16.90 18.58
CA LEU B 622 -3.70 -18.03 17.88
C LEU B 622 -5.11 -17.75 17.33
N ALA B 623 -5.83 -16.74 17.90
CA ALA B 623 -7.19 -16.36 17.51
C ALA B 623 -7.24 -15.18 16.52
N SER B 624 -6.07 -14.66 16.13
CA SER B 624 -5.88 -13.51 15.25
C SER B 624 -6.42 -13.66 13.84
N ALA B 625 -6.63 -14.89 13.34
CA ALA B 625 -7.17 -15.06 12.00
C ALA B 625 -8.42 -15.98 11.99
N GLY B 626 -9.15 -15.96 13.11
CA GLY B 626 -10.37 -16.73 13.33
C GLY B 626 -10.21 -18.22 13.14
N ALA B 627 -9.18 -18.83 13.77
CA ALA B 627 -8.88 -20.26 13.66
C ALA B 627 -8.36 -20.85 14.99
N LEU B 628 -8.77 -20.23 16.13
CA LEU B 628 -8.40 -20.68 17.47
C LEU B 628 -8.82 -22.14 17.76
N GLY B 629 -9.94 -22.56 17.20
CA GLY B 629 -10.48 -23.89 17.35
C GLY B 629 -9.61 -24.99 16.78
N ASP B 630 -8.72 -24.62 15.83
CA ASP B 630 -7.78 -25.52 15.16
C ASP B 630 -6.57 -25.84 16.05
N PHE B 631 -6.37 -25.07 17.13
CA PHE B 631 -5.26 -25.26 18.06
C PHE B 631 -5.68 -25.98 19.32
N SER B 632 -4.76 -26.82 19.82
CA SER B 632 -4.94 -27.57 21.05
C SER B 632 -3.64 -27.58 21.86
N PHE B 633 -3.79 -27.31 23.17
CA PHE B 633 -2.74 -27.30 24.17
C PHE B 633 -2.80 -28.66 24.85
N VAL B 634 -1.75 -29.45 24.67
CA VAL B 634 -1.72 -30.80 25.25
C VAL B 634 -0.59 -30.91 26.28
N PRO B 635 -0.82 -31.61 27.44
CA PRO B 635 0.28 -31.74 28.43
C PRO B 635 1.51 -32.32 27.74
N GLY B 636 2.57 -31.53 27.71
CA GLY B 636 3.82 -31.89 27.08
C GLY B 636 5.04 -31.87 28.00
N GLU B 637 6.23 -31.96 27.38
CA GLU B 637 7.52 -31.92 28.08
C GLU B 637 8.60 -31.35 27.19
N HIS B 638 9.40 -30.45 27.74
CA HIS B 638 10.50 -29.78 27.05
C HIS B 638 11.70 -29.65 28.02
N PRO B 639 12.94 -29.95 27.58
CA PRO B 639 14.09 -29.88 28.49
C PRO B 639 14.36 -28.54 29.17
N ALA B 640 13.98 -27.44 28.51
CA ALA B 640 14.17 -26.11 29.08
C ALA B 640 12.98 -25.68 29.97
N LEU B 641 11.90 -26.49 30.02
CA LEU B 641 10.69 -26.13 30.75
C LEU B 641 10.31 -27.07 31.91
N HIS B 642 9.61 -26.49 32.89
CA HIS B 642 9.06 -27.13 34.09
C HIS B 642 8.15 -28.28 33.63
N PRO B 643 8.49 -29.56 33.95
CA PRO B 643 7.67 -30.71 33.49
C PRO B 643 6.22 -30.73 33.94
N GLY B 644 5.92 -30.04 35.05
CA GLY B 644 4.57 -29.93 35.55
C GLY B 644 3.79 -28.78 34.94
N GLN B 645 4.49 -27.84 34.31
CA GLN B 645 3.87 -26.63 33.74
C GLN B 645 4.23 -26.38 32.27
N THR B 646 4.17 -27.44 31.41
CA THR B 646 4.48 -27.37 29.99
C THR B 646 3.30 -27.80 29.12
N ALA B 647 3.00 -27.00 28.07
CA ALA B 647 1.97 -27.30 27.09
C ALA B 647 2.57 -27.38 25.68
N ARG B 648 2.28 -28.48 24.97
CA ARG B 648 2.68 -28.69 23.58
C ARG B 648 1.48 -28.21 22.72
N ILE B 649 1.70 -27.14 21.91
CA ILE B 649 0.69 -26.54 21.05
C ILE B 649 0.68 -27.26 19.70
N GLU B 650 -0.49 -27.77 19.29
CA GLU B 650 -0.62 -28.48 18.01
C GLU B 650 -1.77 -27.98 17.11
N ARG B 651 -1.65 -28.25 15.78
CA ARG B 651 -2.64 -27.92 14.72
C ARG B 651 -2.71 -29.08 13.75
N GLU B 652 -3.86 -29.79 13.70
CA GLU B 652 -4.07 -30.98 12.86
C GLU B 652 -2.99 -32.05 13.12
N GLY B 653 -2.49 -32.13 14.35
CA GLY B 653 -1.44 -33.06 14.73
C GLY B 653 -0.05 -32.47 14.65
N ARG B 654 0.19 -31.52 13.73
CA ARG B 654 1.47 -30.84 13.54
C ARG B 654 1.90 -29.97 14.73
N LEU B 655 3.22 -29.90 15.01
CA LEU B 655 3.73 -29.09 16.14
C LEU B 655 3.83 -27.62 15.80
N VAL B 656 3.08 -26.79 16.53
CA VAL B 656 3.08 -25.33 16.40
C VAL B 656 4.18 -24.74 17.31
N GLY B 657 4.21 -25.21 18.55
CA GLY B 657 5.20 -24.76 19.51
C GLY B 657 5.05 -25.28 20.91
N TYR B 658 5.60 -24.52 21.86
CA TYR B 658 5.61 -24.79 23.29
C TYR B 658 5.29 -23.53 24.13
N LEU B 659 4.69 -23.77 25.30
CA LEU B 659 4.32 -22.75 26.26
C LEU B 659 4.54 -23.36 27.63
N GLY B 660 5.28 -22.65 28.47
CA GLY B 660 5.53 -23.13 29.82
C GLY B 660 6.41 -22.29 30.70
N ALA B 661 6.50 -22.72 31.96
CA ALA B 661 7.33 -22.11 32.96
C ALA B 661 8.77 -22.60 32.73
N LEU B 662 9.75 -21.68 32.81
CA LEU B 662 11.16 -22.01 32.66
C LEU B 662 11.52 -22.97 33.78
N HIS B 663 12.22 -24.06 33.43
CA HIS B 663 12.64 -25.08 34.38
C HIS B 663 13.44 -24.48 35.54
N PRO B 664 12.98 -24.71 36.78
CA PRO B 664 13.70 -24.21 37.97
C PRO B 664 15.21 -24.48 37.99
N GLU B 665 15.63 -25.66 37.46
CA GLU B 665 17.04 -26.03 37.40
C GLU B 665 17.80 -25.10 36.49
N LEU B 666 17.18 -24.71 35.34
CA LEU B 666 17.77 -23.78 34.38
C LEU B 666 17.93 -22.42 35.03
N ALA B 667 16.87 -21.96 35.74
CA ALA B 667 16.90 -20.69 36.47
C ALA B 667 18.11 -20.66 37.41
N LYS B 668 18.32 -21.72 38.22
CA LYS B 668 19.47 -21.79 39.13
C LYS B 668 20.76 -21.48 38.37
N LYS B 669 21.06 -22.27 37.30
CA LYS B 669 22.27 -22.16 36.47
C LYS B 669 22.43 -20.76 35.90
N LEU B 670 21.31 -20.11 35.57
CA LEU B 670 21.25 -18.77 35.00
C LEU B 670 21.15 -17.69 36.08
N ASP B 671 21.09 -18.08 37.36
CA ASP B 671 20.96 -17.18 38.51
C ASP B 671 19.68 -16.34 38.41
N LEU B 672 18.56 -17.05 38.36
CA LEU B 672 17.24 -16.45 38.28
C LEU B 672 16.41 -16.96 39.43
N GLU B 673 15.94 -16.04 40.28
CA GLU B 673 15.18 -16.39 41.49
C GLU B 673 13.67 -16.34 41.31
N GLN B 674 13.22 -15.59 40.32
CA GLN B 674 11.80 -15.40 40.02
C GLN B 674 11.28 -16.43 39.01
N PRO B 675 9.97 -16.78 39.07
CA PRO B 675 9.39 -17.64 38.01
C PRO B 675 9.28 -16.84 36.70
N VAL B 676 9.61 -17.50 35.57
CA VAL B 676 9.60 -16.89 34.23
C VAL B 676 8.83 -17.80 33.28
N PHE B 677 7.94 -17.22 32.45
CA PHE B 677 7.07 -17.97 31.51
C PHE B 677 7.45 -17.68 30.07
N LEU B 678 7.67 -18.76 29.29
CA LEU B 678 8.08 -18.68 27.89
C LEU B 678 7.11 -19.33 26.95
N PHE B 679 7.00 -18.76 25.74
CA PHE B 679 6.25 -19.35 24.64
C PHE B 679 7.04 -19.15 23.34
N GLU B 680 6.96 -20.11 22.41
CA GLU B 680 7.60 -20.04 21.09
C GLU B 680 6.70 -20.72 20.06
N LEU B 681 6.38 -20.00 18.95
CA LEU B 681 5.48 -20.47 17.89
C LEU B 681 6.09 -20.37 16.50
N LEU B 682 5.85 -21.42 15.67
CA LEU B 682 6.24 -21.48 14.26
C LEU B 682 5.22 -20.60 13.54
N LEU B 683 5.65 -19.44 13.00
CA LEU B 683 4.74 -18.54 12.31
C LEU B 683 4.04 -19.20 11.12
N ALA B 684 4.77 -20.03 10.35
CA ALA B 684 4.23 -20.80 9.20
C ALA B 684 2.89 -21.47 9.48
N GLU B 685 2.68 -21.90 10.74
CA GLU B 685 1.52 -22.62 11.28
C GLU B 685 0.49 -21.73 11.98
N VAL B 686 0.79 -20.43 12.14
CA VAL B 686 -0.08 -19.50 12.86
C VAL B 686 -0.87 -18.62 11.86
N VAL B 687 -0.17 -18.09 10.84
CA VAL B 687 -0.63 -17.15 9.82
C VAL B 687 -2.00 -17.53 9.16
N ASP B 688 -2.19 -18.76 8.69
CA ASP B 688 -3.43 -19.12 8.01
C ASP B 688 -4.63 -19.29 8.93
N GLY B 689 -5.74 -18.64 8.58
CA GLY B 689 -6.99 -18.70 9.34
C GLY B 689 -8.19 -19.06 8.49
N HIS B 690 -9.37 -18.54 8.85
CA HIS B 690 -10.60 -18.80 8.09
C HIS B 690 -11.47 -17.58 7.95
N LEU B 691 -12.02 -17.38 6.73
CA LEU B 691 -12.95 -16.32 6.37
C LEU B 691 -14.32 -16.60 7.04
N PRO B 692 -14.94 -15.56 7.67
CA PRO B 692 -16.25 -15.77 8.32
C PRO B 692 -17.30 -16.34 7.39
N LYS B 693 -18.10 -17.29 7.91
CA LYS B 693 -19.23 -17.95 7.24
C LYS B 693 -20.44 -17.65 8.12
N PHE B 694 -21.32 -16.78 7.65
CA PHE B 694 -22.50 -16.38 8.41
C PHE B 694 -23.47 -17.52 8.71
N ARG B 695 -23.90 -17.61 9.96
CA ARG B 695 -24.86 -18.57 10.48
C ARG B 695 -26.08 -17.79 11.03
N GLU B 696 -27.30 -18.03 10.47
CA GLU B 696 -28.58 -17.39 10.84
C GLU B 696 -28.83 -17.38 12.33
N LEU B 697 -29.34 -16.23 12.84
CA LEU B 697 -29.66 -16.04 14.27
C LEU B 697 -31.10 -16.47 14.58
N SER B 698 -31.29 -17.21 15.67
CA SER B 698 -32.62 -17.65 16.10
C SER B 698 -33.36 -16.47 16.74
N ARG B 699 -34.71 -16.45 16.60
CA ARG B 699 -35.58 -15.43 17.20
C ARG B 699 -36.04 -15.86 18.60
N PHE B 700 -35.67 -17.09 19.01
CA PHE B 700 -36.14 -17.68 20.26
C PHE B 700 -35.12 -17.64 21.39
N PRO B 701 -35.58 -17.66 22.67
CA PRO B 701 -34.64 -17.58 23.80
C PRO B 701 -33.73 -18.78 23.96
N GLU B 702 -32.58 -18.52 24.64
CA GLU B 702 -31.63 -19.56 24.99
C GLU B 702 -31.95 -20.07 26.36
N VAL B 703 -31.50 -21.29 26.64
CA VAL B 703 -31.73 -22.02 27.88
C VAL B 703 -30.37 -22.42 28.43
N ARG B 704 -30.16 -22.16 29.72
CA ARG B 704 -28.92 -22.47 30.39
C ARG B 704 -29.13 -23.39 31.58
N ARG B 705 -28.17 -24.30 31.79
CA ARG B 705 -28.13 -25.25 32.90
C ARG B 705 -26.68 -25.31 33.40
N ASP B 706 -26.47 -25.34 34.73
CA ASP B 706 -25.12 -25.41 35.31
C ASP B 706 -24.86 -26.80 35.86
N LEU B 707 -23.60 -27.26 35.79
CA LEU B 707 -23.24 -28.59 36.29
C LEU B 707 -21.98 -28.57 37.13
N ALA B 708 -22.05 -29.19 38.33
CA ALA B 708 -20.91 -29.34 39.24
C ALA B 708 -20.43 -30.80 39.16
N LEU B 709 -19.19 -31.01 38.69
CA LEU B 709 -18.67 -32.35 38.46
C LEU B 709 -17.45 -32.74 39.28
N LEU B 710 -17.48 -33.94 39.86
CA LEU B 710 -16.35 -34.48 40.62
C LEU B 710 -15.62 -35.49 39.77
N VAL B 711 -14.35 -35.21 39.50
CA VAL B 711 -13.49 -36.03 38.64
C VAL B 711 -12.13 -36.20 39.29
N ASP B 712 -11.34 -37.18 38.79
CA ASP B 712 -9.99 -37.44 39.27
C ASP B 712 -9.17 -36.17 39.10
N GLN B 713 -8.36 -35.84 40.11
CA GLN B 713 -7.52 -34.64 40.15
C GLN B 713 -6.61 -34.52 38.88
N ASP B 714 -6.18 -35.66 38.31
CA ASP B 714 -5.28 -35.68 37.15
C ASP B 714 -5.99 -35.84 35.77
N VAL B 715 -7.32 -35.70 35.68
CA VAL B 715 -7.99 -35.79 34.38
C VAL B 715 -8.05 -34.37 33.77
N PRO B 716 -7.54 -34.16 32.53
CA PRO B 716 -7.54 -32.80 31.96
C PRO B 716 -8.92 -32.21 31.75
N ALA B 717 -9.12 -30.94 32.13
CA ALA B 717 -10.40 -30.24 31.96
C ALA B 717 -10.85 -30.21 30.50
N GLN B 718 -9.89 -30.14 29.54
CA GLN B 718 -10.21 -30.14 28.11
C GLN B 718 -10.82 -31.45 27.67
N ASP B 719 -10.42 -32.57 28.29
CA ASP B 719 -10.97 -33.88 27.98
C ASP B 719 -12.46 -33.94 28.38
N ILE B 720 -12.80 -33.41 29.57
CA ILE B 720 -14.17 -33.39 30.06
C ILE B 720 -15.08 -32.53 29.16
N LEU B 721 -14.62 -31.32 28.78
CA LEU B 721 -15.37 -30.38 27.93
C LEU B 721 -15.63 -30.93 26.52
N THR B 722 -14.66 -31.68 25.97
CA THR B 722 -14.73 -32.35 24.67
C THR B 722 -15.86 -33.40 24.72
N GLN B 723 -15.90 -34.21 25.79
CA GLN B 723 -16.93 -35.22 25.98
C GLN B 723 -18.31 -34.62 26.10
N ILE B 724 -18.42 -33.46 26.77
CA ILE B 724 -19.68 -32.73 26.95
C ILE B 724 -20.25 -32.34 25.58
N ARG B 725 -19.45 -31.67 24.71
CA ARG B 725 -19.87 -31.26 23.34
C ARG B 725 -20.38 -32.44 22.54
N ALA B 726 -19.68 -33.59 22.66
CA ALA B 726 -20.03 -34.86 22.01
C ALA B 726 -21.41 -35.37 22.42
N ALA B 727 -21.87 -35.06 23.66
CA ALA B 727 -23.15 -35.50 24.22
C ALA B 727 -24.23 -34.38 24.40
N ALA B 728 -23.92 -33.13 24.01
CA ALA B 728 -24.82 -31.99 24.21
C ALA B 728 -25.90 -31.78 23.14
N GLY B 729 -25.77 -32.44 22.00
CA GLY B 729 -26.70 -32.26 20.91
C GLY B 729 -26.32 -31.11 20.00
N GLU B 730 -27.08 -30.93 18.93
CA GLU B 730 -26.86 -29.94 17.88
C GLU B 730 -27.07 -28.50 18.32
N TRP B 731 -27.98 -28.29 19.30
CA TRP B 731 -28.44 -26.98 19.76
C TRP B 731 -27.51 -26.25 20.76
N LEU B 732 -26.41 -26.88 21.21
CA LEU B 732 -25.48 -26.24 22.14
C LEU B 732 -24.79 -25.04 21.51
N THR B 733 -25.07 -23.82 22.03
CA THR B 733 -24.53 -22.54 21.52
C THR B 733 -23.38 -21.98 22.36
N ASP B 734 -23.18 -22.52 23.58
CA ASP B 734 -22.10 -22.14 24.51
C ASP B 734 -21.85 -23.16 25.63
N LEU B 735 -20.59 -23.31 26.02
CA LEU B 735 -20.08 -24.17 27.08
C LEU B 735 -18.92 -23.43 27.75
N ARG B 736 -19.15 -22.95 28.98
CA ARG B 736 -18.20 -22.14 29.75
C ARG B 736 -17.82 -22.87 31.03
N LEU B 737 -16.53 -22.93 31.34
CA LEU B 737 -16.07 -23.50 32.59
C LEU B 737 -15.85 -22.29 33.49
N PHE B 738 -16.75 -22.10 34.49
CA PHE B 738 -16.68 -20.90 35.33
C PHE B 738 -16.05 -21.12 36.74
N ASP B 739 -15.64 -22.37 37.09
CA ASP B 739 -15.02 -22.64 38.38
C ASP B 739 -14.34 -24.00 38.50
N VAL B 740 -13.17 -24.03 39.17
CA VAL B 740 -12.41 -25.25 39.45
C VAL B 740 -12.12 -25.23 40.95
N TYR B 741 -12.56 -26.26 41.68
CA TYR B 741 -12.36 -26.34 43.12
C TYR B 741 -11.67 -27.64 43.51
N HIS B 742 -10.60 -27.50 44.28
CA HIS B 742 -9.83 -28.63 44.78
C HIS B 742 -9.34 -28.28 46.17
N GLY B 743 -10.21 -28.50 47.16
CA GLY B 743 -9.92 -28.16 48.55
C GLY B 743 -10.36 -29.15 49.60
N LYS B 744 -10.86 -28.62 50.73
CA LYS B 744 -11.28 -29.37 51.92
C LYS B 744 -12.64 -30.07 51.78
N GLY B 745 -13.64 -29.37 51.24
CA GLY B 745 -15.00 -29.87 51.09
C GLY B 745 -15.19 -31.15 50.29
N ILE B 746 -14.10 -31.65 49.65
CA ILE B 746 -14.10 -32.86 48.80
C ILE B 746 -12.84 -33.71 49.02
N ASP B 747 -12.80 -34.93 48.42
CA ASP B 747 -11.66 -35.84 48.50
C ASP B 747 -10.41 -35.20 47.88
N PRO B 748 -9.21 -35.32 48.51
CA PRO B 748 -8.00 -34.67 47.96
C PRO B 748 -7.49 -35.21 46.62
N HIS B 749 -8.03 -36.34 46.13
CA HIS B 749 -7.65 -36.93 44.84
C HIS B 749 -8.71 -36.58 43.77
N ARG B 750 -9.69 -35.74 44.15
CA ARG B 750 -10.77 -35.31 43.27
C ARG B 750 -10.84 -33.78 43.19
N LYS B 751 -11.50 -33.27 42.15
CA LYS B 751 -11.72 -31.83 41.91
C LYS B 751 -13.12 -31.59 41.37
N SER B 752 -13.71 -30.42 41.68
CA SER B 752 -15.04 -30.05 41.20
C SER B 752 -14.95 -29.04 40.05
N LEU B 753 -15.71 -29.31 38.98
CA LEU B 753 -15.76 -28.46 37.79
C LEU B 753 -17.17 -27.92 37.60
N ALA B 754 -17.32 -26.59 37.73
CA ALA B 754 -18.59 -25.90 37.53
C ALA B 754 -18.66 -25.44 36.06
N VAL B 755 -19.61 -26.02 35.29
CA VAL B 755 -19.78 -25.72 33.87
C VAL B 755 -21.17 -25.12 33.57
N GLY B 756 -21.19 -24.17 32.64
CA GLY B 756 -22.41 -23.51 32.18
C GLY B 756 -22.72 -23.97 30.77
N LEU B 757 -23.86 -24.67 30.59
CA LEU B 757 -24.27 -25.18 29.29
C LEU B 757 -25.40 -24.36 28.74
N THR B 758 -25.23 -23.81 27.53
CA THR B 758 -26.21 -22.95 26.87
C THR B 758 -26.65 -23.57 25.55
N TRP B 759 -27.97 -23.58 25.30
CA TRP B 759 -28.62 -24.13 24.10
C TRP B 759 -29.60 -23.13 23.50
N GLN B 760 -29.79 -23.20 22.17
CA GLN B 760 -30.75 -22.35 21.47
C GLN B 760 -31.22 -23.06 20.20
N HIS B 761 -32.54 -23.29 20.07
CA HIS B 761 -33.09 -23.95 18.87
C HIS B 761 -33.30 -22.88 17.80
N PRO B 762 -32.92 -23.15 16.53
CA PRO B 762 -33.05 -22.11 15.49
C PRO B 762 -34.48 -21.68 15.13
N SER B 763 -35.48 -22.56 15.31
CA SER B 763 -36.84 -22.24 14.89
C SER B 763 -37.96 -22.45 15.94
N ARG B 764 -37.61 -22.61 17.21
CA ARG B 764 -38.63 -22.75 18.27
C ARG B 764 -38.06 -22.54 19.68
N THR B 765 -38.93 -22.59 20.69
CA THR B 765 -38.56 -22.50 22.09
C THR B 765 -38.18 -23.93 22.57
N LEU B 766 -37.23 -24.03 23.51
CA LEU B 766 -36.80 -25.31 24.05
C LEU B 766 -37.57 -25.61 25.32
N ASN B 767 -38.16 -26.82 25.41
CA ASN B 767 -38.96 -27.24 26.57
C ASN B 767 -38.05 -27.85 27.65
N ASP B 768 -38.49 -27.80 28.92
CA ASP B 768 -37.69 -28.32 30.04
C ASP B 768 -37.40 -29.83 29.96
N ASP B 769 -38.32 -30.64 29.42
CA ASP B 769 -38.15 -32.09 29.30
C ASP B 769 -36.96 -32.50 28.44
N GLU B 770 -36.86 -31.92 27.23
CA GLU B 770 -35.76 -32.23 26.30
C GLU B 770 -34.42 -31.78 26.83
N VAL B 771 -34.37 -30.64 27.54
CA VAL B 771 -33.15 -30.10 28.12
C VAL B 771 -32.66 -31.03 29.24
N ASN B 772 -33.59 -31.45 30.13
CA ASN B 772 -33.34 -32.39 31.23
C ASN B 772 -32.90 -33.77 30.69
N SER B 773 -33.46 -34.19 29.55
CA SER B 773 -33.07 -35.43 28.89
C SER B 773 -31.60 -35.33 28.39
N THR B 774 -31.25 -34.19 27.74
CA THR B 774 -29.89 -33.93 27.24
C THR B 774 -28.89 -33.85 28.38
N THR B 775 -29.22 -33.08 29.44
CA THR B 775 -28.40 -32.88 30.63
C THR B 775 -28.03 -34.23 31.24
N GLN B 776 -29.02 -35.15 31.41
CA GLN B 776 -28.80 -36.49 31.95
C GLN B 776 -27.91 -37.37 31.06
N ASN B 777 -28.08 -37.29 29.73
CA ASN B 777 -27.26 -38.10 28.83
C ASN B 777 -25.81 -37.58 28.77
N ILE B 778 -25.57 -36.28 29.12
CA ILE B 778 -24.21 -35.70 29.21
C ILE B 778 -23.57 -36.33 30.47
N VAL B 779 -24.34 -36.36 31.58
CA VAL B 779 -23.91 -36.92 32.86
C VAL B 779 -23.56 -38.40 32.72
N THR B 780 -24.48 -39.21 32.13
CA THR B 780 -24.29 -40.66 31.91
C THR B 780 -23.01 -40.94 31.13
N SER B 781 -22.75 -40.11 30.10
CA SER B 781 -21.56 -40.16 29.25
C SER B 781 -20.29 -39.94 30.09
N LEU B 782 -20.33 -38.93 30.99
CA LEU B 782 -19.22 -38.56 31.88
C LEU B 782 -18.95 -39.59 32.97
N GLU B 783 -19.99 -40.32 33.43
CA GLU B 783 -19.86 -41.36 34.43
C GLU B 783 -19.19 -42.58 33.81
N GLU B 784 -19.43 -42.83 32.50
CA GLU B 784 -18.84 -43.96 31.80
C GLU B 784 -17.40 -43.72 31.33
N ARG B 785 -17.03 -42.48 30.93
CA ARG B 785 -15.67 -42.19 30.46
C ARG B 785 -14.67 -41.83 31.58
N PHE B 786 -15.12 -41.05 32.59
CA PHE B 786 -14.27 -40.53 33.67
C PHE B 786 -14.78 -40.83 35.09
N ASN B 787 -15.87 -41.61 35.23
CA ASN B 787 -16.50 -41.96 36.51
C ASN B 787 -16.83 -40.69 37.33
N ALA B 788 -17.45 -39.72 36.65
CA ALA B 788 -17.85 -38.42 37.19
C ALA B 788 -19.03 -38.56 38.17
N THR B 789 -19.22 -37.54 39.03
CA THR B 789 -20.27 -37.49 40.05
C THR B 789 -20.79 -36.06 40.12
N LEU B 790 -22.07 -35.89 40.50
CA LEU B 790 -22.63 -34.56 40.67
C LEU B 790 -22.46 -34.11 42.11
N ARG B 791 -21.95 -32.87 42.32
CA ARG B 791 -21.73 -32.30 43.66
C ARG B 791 -23.06 -32.01 44.40
N ALA C 88 11.90 -32.12 43.14
CA ALA C 88 10.83 -33.10 43.02
C ALA C 88 9.54 -32.55 43.67
N ALA C 89 9.28 -31.26 43.39
CA ALA C 89 8.17 -30.45 43.89
C ALA C 89 6.95 -30.49 42.93
N GLU C 90 5.73 -30.74 43.52
CA GLU C 90 4.46 -30.85 42.81
C GLU C 90 3.71 -29.52 42.70
N ARG C 91 4.09 -28.85 41.62
CA ARG C 91 3.57 -27.60 41.15
C ARG C 91 2.92 -27.87 39.77
N ILE C 92 2.29 -29.06 39.60
CA ILE C 92 1.65 -29.50 38.37
C ILE C 92 0.27 -28.80 38.22
N ASP C 93 -0.12 -28.46 36.96
CA ASP C 93 -1.37 -27.76 36.61
C ASP C 93 -1.90 -28.31 35.23
N VAL C 94 -3.03 -27.79 34.60
CA VAL C 94 -3.51 -28.39 33.31
C VAL C 94 -3.74 -27.36 32.08
N THR C 95 -4.55 -27.82 31.07
CA THR C 95 -5.05 -27.34 29.75
C THR C 95 -6.27 -26.36 29.87
N LEU C 96 -6.50 -25.86 31.09
CA LEU C 96 -7.57 -24.94 31.45
C LEU C 96 -7.46 -23.65 30.64
N PRO C 97 -8.58 -22.96 30.35
CA PRO C 97 -8.45 -21.67 29.63
C PRO C 97 -7.55 -20.63 30.33
N GLY C 98 -7.00 -19.74 29.51
CA GLY C 98 -6.15 -18.64 29.94
C GLY C 98 -6.95 -17.64 30.74
N ARG C 99 -6.25 -16.76 31.46
CA ARG C 99 -6.88 -15.77 32.31
C ARG C 99 -7.09 -14.43 31.63
N GLY C 100 -8.19 -13.79 31.98
CA GLY C 100 -8.50 -12.47 31.50
C GLY C 100 -9.43 -12.38 30.34
N GLN C 101 -9.28 -11.28 29.65
CA GLN C 101 -10.03 -10.77 28.52
C GLN C 101 -9.29 -11.14 27.23
N LEU C 102 -10.03 -11.56 26.19
CA LEU C 102 -9.44 -11.84 24.88
C LEU C 102 -9.89 -10.75 23.87
N SER C 103 -9.51 -10.86 22.58
CA SER C 103 -9.87 -9.81 21.63
C SER C 103 -11.34 -9.81 21.25
N GLY C 104 -11.84 -8.64 20.84
CA GLY C 104 -13.22 -8.44 20.37
C GLY C 104 -13.20 -8.58 18.87
N GLY C 105 -13.72 -7.59 18.15
CA GLY C 105 -13.67 -7.61 16.70
C GLY C 105 -14.16 -6.37 15.99
N LEU C 106 -13.99 -6.35 14.66
CA LEU C 106 -14.47 -5.26 13.80
C LEU C 106 -15.85 -5.62 13.18
N HIS C 107 -16.61 -4.60 12.74
CA HIS C 107 -17.89 -4.78 12.07
C HIS C 107 -17.59 -5.34 10.64
N PRO C 108 -18.40 -6.28 10.07
CA PRO C 108 -18.09 -6.80 8.71
C PRO C 108 -17.96 -5.73 7.62
N VAL C 109 -18.76 -4.67 7.68
CA VAL C 109 -18.71 -3.55 6.73
C VAL C 109 -17.34 -2.84 6.81
N THR C 110 -16.81 -2.66 8.03
CA THR C 110 -15.50 -2.06 8.27
C THR C 110 -14.40 -2.89 7.63
N ARG C 111 -14.48 -4.24 7.80
CA ARG C 111 -13.57 -5.21 7.21
C ARG C 111 -13.59 -5.06 5.68
N THR C 112 -14.81 -4.99 5.10
CA THR C 112 -15.02 -4.85 3.66
C THR C 112 -14.38 -3.57 3.12
N LEU C 113 -14.75 -2.40 3.69
CA LEU C 113 -14.22 -1.09 3.26
C LEU C 113 -12.70 -1.11 3.34
N GLU C 114 -12.12 -1.56 4.48
CA GLU C 114 -10.68 -1.64 4.66
C GLU C 114 -10.06 -2.41 3.50
N ARG C 115 -10.62 -3.61 3.19
CA ARG C 115 -10.18 -4.52 2.12
C ARG C 115 -10.21 -3.84 0.73
N ILE C 116 -11.30 -3.12 0.39
CA ILE C 116 -11.42 -2.42 -0.89
C ILE C 116 -10.32 -1.34 -1.00
N GLU C 117 -10.22 -0.45 0.01
CA GLU C 117 -9.21 0.62 0.04
C GLU C 117 -7.80 0.08 -0.27
N GLN C 118 -7.41 -1.04 0.41
CA GLN C 118 -6.12 -1.68 0.29
C GLN C 118 -5.79 -2.07 -1.13
N CYS C 119 -6.77 -2.64 -1.87
CA CYS C 119 -6.59 -3.04 -3.29
C CYS C 119 -6.05 -1.90 -4.16
N PHE C 120 -6.45 -0.64 -3.87
CA PHE C 120 -6.08 0.57 -4.59
C PHE C 120 -4.93 1.38 -3.98
N SER C 121 -4.94 1.54 -2.64
CA SER C 121 -3.92 2.31 -1.92
C SER C 121 -2.51 1.72 -2.09
N ARG C 122 -2.46 0.44 -2.49
CA ARG C 122 -1.25 -0.33 -2.78
C ARG C 122 -0.70 0.04 -4.15
N ILE C 123 -1.51 0.74 -4.99
CA ILE C 123 -1.08 1.10 -6.34
C ILE C 123 -1.25 2.60 -6.62
N GLY C 124 -0.97 3.41 -5.60
CA GLY C 124 -0.97 4.88 -5.73
C GLY C 124 -2.27 5.64 -5.58
N TYR C 125 -3.34 5.01 -5.12
CA TYR C 125 -4.60 5.73 -4.93
C TYR C 125 -4.64 6.33 -3.55
N GLU C 126 -5.09 7.58 -3.45
CA GLU C 126 -5.22 8.27 -2.15
C GLU C 126 -6.64 8.19 -1.67
N VAL C 127 -6.81 7.93 -0.37
CA VAL C 127 -8.12 7.85 0.26
C VAL C 127 -8.65 9.29 0.51
N ALA C 128 -9.85 9.58 -0.03
CA ALA C 128 -10.48 10.88 0.10
C ALA C 128 -11.76 10.81 0.95
N GLU C 129 -11.95 11.85 1.77
CA GLU C 129 -13.13 11.97 2.62
C GLU C 129 -13.74 13.36 2.47
N GLY C 130 -15.03 13.46 2.70
CA GLY C 130 -15.77 14.72 2.56
C GLY C 130 -16.96 14.76 3.50
N PRO C 131 -17.78 15.86 3.47
CA PRO C 131 -18.95 15.91 4.37
C PRO C 131 -20.11 14.99 3.99
N GLU C 132 -20.94 14.62 4.97
CA GLU C 132 -22.15 13.80 4.78
C GLU C 132 -23.35 14.67 4.42
N VAL C 133 -23.43 15.88 5.00
CA VAL C 133 -24.44 16.89 4.68
C VAL C 133 -23.83 17.72 3.56
N GLU C 134 -24.41 17.62 2.36
CA GLU C 134 -23.92 18.28 1.14
C GLU C 134 -24.92 19.23 0.46
N ASP C 135 -24.43 19.97 -0.54
CA ASP C 135 -25.22 20.87 -1.38
C ASP C 135 -25.59 20.16 -2.71
N ASP C 136 -26.70 20.60 -3.32
CA ASP C 136 -27.24 20.06 -4.58
C ASP C 136 -26.27 20.20 -5.77
N TYR C 137 -25.37 21.20 -5.74
CA TYR C 137 -24.36 21.37 -6.77
C TYR C 137 -23.37 20.18 -6.78
N HIS C 138 -22.63 19.97 -5.67
CA HIS C 138 -21.64 18.89 -5.58
C HIS C 138 -22.29 17.50 -5.72
N ASN C 139 -23.51 17.32 -5.14
CA ASN C 139 -24.21 16.05 -5.18
C ASN C 139 -24.92 15.74 -6.51
N PHE C 140 -25.46 16.76 -7.20
CA PHE C 140 -26.16 16.50 -8.45
C PHE C 140 -25.63 17.28 -9.68
N GLU C 141 -25.74 18.61 -9.66
CA GLU C 141 -25.40 19.49 -10.77
C GLU C 141 -24.05 19.22 -11.39
N ALA C 142 -23.00 19.17 -10.55
CA ALA C 142 -21.63 18.93 -10.97
C ALA C 142 -21.41 17.54 -11.55
N LEU C 143 -22.41 16.64 -11.40
CA LEU C 143 -22.37 15.26 -11.91
C LEU C 143 -23.40 14.99 -13.03
N ASN C 144 -23.80 16.08 -13.73
CA ASN C 144 -24.72 16.06 -14.87
C ASN C 144 -26.10 15.49 -14.55
N ILE C 145 -26.57 15.65 -13.28
CA ILE C 145 -27.91 15.23 -12.88
C ILE C 145 -28.74 16.53 -12.86
N PRO C 146 -29.59 16.76 -13.92
CA PRO C 146 -30.37 18.01 -13.99
C PRO C 146 -31.55 18.08 -13.01
N GLY C 147 -32.08 19.29 -12.83
CA GLY C 147 -33.17 19.61 -11.92
C GLY C 147 -34.36 18.67 -11.94
N HIS C 148 -34.90 18.40 -13.12
CA HIS C 148 -36.07 17.54 -13.35
C HIS C 148 -35.79 16.03 -13.19
N HIS C 149 -34.51 15.64 -13.00
CA HIS C 149 -34.13 14.24 -12.83
C HIS C 149 -34.82 13.61 -11.60
N PRO C 150 -35.46 12.43 -11.80
CA PRO C 150 -36.17 11.76 -10.69
C PRO C 150 -35.35 11.44 -9.45
N ALA C 151 -34.01 11.31 -9.61
CA ALA C 151 -33.09 11.02 -8.50
C ALA C 151 -33.07 12.16 -7.50
N ARG C 152 -33.31 13.40 -7.99
CA ARG C 152 -33.33 14.60 -7.19
C ARG C 152 -34.61 14.75 -6.37
N ALA C 153 -35.66 13.96 -6.67
CA ALA C 153 -36.93 14.05 -5.95
C ALA C 153 -36.85 13.59 -4.50
N MET C 154 -37.74 14.15 -3.67
CA MET C 154 -37.88 13.87 -2.24
C MET C 154 -38.28 12.43 -1.97
N HIS C 155 -38.66 11.69 -3.04
CA HIS C 155 -38.97 10.28 -2.95
C HIS C 155 -37.69 9.45 -2.76
N ASP C 156 -36.54 9.93 -3.30
CA ASP C 156 -35.23 9.26 -3.26
C ASP C 156 -34.16 9.99 -2.42
N THR C 157 -34.28 11.32 -2.25
CA THR C 157 -33.28 12.11 -1.54
C THR C 157 -33.83 12.78 -0.27
N PHE C 158 -33.05 12.73 0.82
CA PHE C 158 -33.35 13.36 2.10
C PHE C 158 -32.88 14.79 2.03
N TYR C 159 -33.77 15.76 2.25
CA TYR C 159 -33.45 17.20 2.21
C TYR C 159 -33.57 17.88 3.58
N PHE C 160 -32.80 18.96 3.78
CA PHE C 160 -32.87 19.78 5.00
C PHE C 160 -33.68 21.01 4.65
N ASN C 161 -33.40 21.56 3.46
CA ASN C 161 -34.07 22.70 2.83
C ASN C 161 -33.99 22.50 1.31
N ALA C 162 -34.22 23.55 0.53
CA ALA C 162 -34.18 23.50 -0.93
C ALA C 162 -32.82 23.07 -1.55
N ASN C 163 -31.68 23.49 -0.95
CA ASN C 163 -30.35 23.25 -1.53
C ASN C 163 -29.44 22.28 -0.75
N MET C 164 -29.72 22.04 0.55
CA MET C 164 -28.92 21.17 1.41
C MET C 164 -29.60 19.83 1.66
N LEU C 165 -28.81 18.76 1.57
CA LEU C 165 -29.27 17.37 1.64
C LEU C 165 -28.30 16.39 2.32
N LEU C 166 -28.71 15.12 2.41
CA LEU C 166 -27.81 14.07 2.87
C LEU C 166 -27.32 13.42 1.56
N ARG C 167 -25.99 13.38 1.33
CA ARG C 167 -25.38 12.84 0.10
C ARG C 167 -25.90 11.45 -0.27
N THR C 168 -26.32 11.31 -1.53
CA THR C 168 -26.90 10.09 -2.09
C THR C 168 -25.84 9.09 -2.54
N HIS C 169 -24.59 9.54 -2.64
CA HIS C 169 -23.40 8.81 -3.11
C HIS C 169 -22.13 9.52 -2.59
N THR C 170 -20.93 8.91 -2.77
CA THR C 170 -19.70 9.55 -2.34
C THR C 170 -19.07 10.41 -3.46
N SER C 171 -19.61 10.37 -4.72
CA SER C 171 -19.13 11.20 -5.86
C SER C 171 -18.83 12.67 -5.48
N PRO C 172 -19.67 13.41 -4.65
CA PRO C 172 -19.31 14.81 -4.30
C PRO C 172 -17.89 15.00 -3.74
N VAL C 173 -17.35 14.00 -3.02
CA VAL C 173 -15.98 14.02 -2.48
C VAL C 173 -14.99 14.12 -3.67
N GLN C 174 -15.26 13.32 -4.72
CA GLN C 174 -14.49 13.29 -5.98
C GLN C 174 -14.58 14.65 -6.71
N VAL C 175 -15.78 15.27 -6.71
CA VAL C 175 -16.01 16.59 -7.31
C VAL C 175 -15.16 17.64 -6.57
N ARG C 176 -15.18 17.59 -5.23
CA ARG C 176 -14.42 18.51 -4.38
C ARG C 176 -12.92 18.40 -4.68
N THR C 177 -12.44 17.16 -4.99
CA THR C 177 -11.05 16.91 -5.38
C THR C 177 -10.74 17.54 -6.78
N MET C 178 -11.61 17.32 -7.80
CA MET C 178 -11.48 17.86 -9.17
C MET C 178 -11.38 19.41 -9.15
N GLU C 179 -12.11 20.05 -8.25
CA GLU C 179 -12.08 21.51 -8.14
C GLU C 179 -10.81 21.96 -7.42
N SER C 180 -10.41 21.25 -6.34
CA SER C 180 -9.25 21.62 -5.54
C SER C 180 -7.89 21.39 -6.24
N GLN C 181 -7.79 20.42 -7.19
CA GLN C 181 -6.55 20.11 -7.90
C GLN C 181 -6.71 19.83 -9.40
N GLN C 182 -5.57 19.85 -10.13
CA GLN C 182 -5.47 19.57 -11.56
C GLN C 182 -4.94 18.12 -11.75
N PRO C 183 -5.22 17.40 -12.87
CA PRO C 183 -4.71 16.02 -13.01
C PRO C 183 -3.18 15.90 -12.88
N PRO C 184 -2.64 14.70 -12.54
CA PRO C 184 -3.32 13.40 -12.30
C PRO C 184 -4.12 13.36 -11.00
N ILE C 185 -5.17 12.53 -10.98
CA ILE C 185 -6.05 12.28 -9.82
C ILE C 185 -6.26 10.75 -9.70
N ARG C 186 -5.98 10.15 -8.52
CA ARG C 186 -6.18 8.71 -8.26
C ARG C 186 -6.76 8.64 -6.87
N ILE C 187 -8.09 8.57 -6.74
CA ILE C 187 -8.70 8.58 -5.41
C ILE C 187 -9.75 7.50 -5.19
N VAL C 188 -9.85 7.04 -3.94
CA VAL C 188 -10.89 6.12 -3.50
C VAL C 188 -11.67 6.83 -2.39
N CYS C 189 -13.00 6.79 -2.49
CA CYS C 189 -13.89 7.46 -1.56
C CYS C 189 -14.86 6.51 -0.87
N PRO C 190 -14.42 5.93 0.29
CA PRO C 190 -15.35 5.09 1.06
C PRO C 190 -16.17 6.00 1.95
N GLY C 191 -17.43 5.65 2.25
CA GLY C 191 -18.25 6.47 3.13
C GLY C 191 -19.69 6.05 3.31
N ARG C 192 -20.38 6.69 4.28
CA ARG C 192 -21.81 6.48 4.54
C ARG C 192 -22.59 7.36 3.55
N VAL C 193 -23.56 6.77 2.84
CA VAL C 193 -24.46 7.45 1.89
C VAL C 193 -25.93 7.18 2.26
N TYR C 194 -26.85 8.03 1.79
CA TYR C 194 -28.25 7.93 2.19
C TYR C 194 -29.27 7.98 1.06
N ARG C 195 -30.29 7.11 1.14
CA ARG C 195 -31.39 7.05 0.19
C ARG C 195 -32.69 7.09 0.96
N CYS C 196 -33.65 7.86 0.46
CA CYS C 196 -34.97 8.01 1.07
C CYS C 196 -35.84 6.78 0.82
N ASP C 197 -35.87 6.27 -0.43
CA ASP C 197 -36.66 5.12 -0.90
C ASP C 197 -36.22 3.71 -0.34
N SER C 198 -36.16 3.60 1.00
CA SER C 198 -35.82 2.39 1.74
C SER C 198 -36.99 1.33 1.77
N ASP C 199 -36.64 0.07 2.14
CA ASP C 199 -37.53 -1.11 2.30
C ASP C 199 -36.76 -2.24 3.05
N LEU C 200 -37.04 -3.53 2.73
CA LEU C 200 -36.36 -4.67 3.35
C LEU C 200 -35.03 -4.94 2.69
N THR C 201 -35.02 -4.90 1.36
CA THR C 201 -33.86 -5.15 0.51
C THR C 201 -32.91 -3.92 0.45
N HIS C 202 -33.40 -2.72 0.83
CA HIS C 202 -32.63 -1.47 0.80
C HIS C 202 -32.69 -0.77 2.15
N SER C 203 -31.57 -0.17 2.57
CA SER C 203 -31.49 0.53 3.85
C SER C 203 -31.44 2.06 3.65
N PRO C 204 -32.08 2.87 4.57
CA PRO C 204 -32.01 4.34 4.43
C PRO C 204 -30.59 4.93 4.53
N MET C 205 -29.65 4.20 5.16
CA MET C 205 -28.23 4.52 5.29
C MET C 205 -27.43 3.27 4.90
N PHE C 206 -26.35 3.44 4.12
CA PHE C 206 -25.46 2.35 3.69
C PHE C 206 -24.07 2.87 3.26
N HIS C 207 -23.09 1.97 3.13
CA HIS C 207 -21.75 2.38 2.76
C HIS C 207 -21.38 2.02 1.32
N GLN C 208 -20.65 2.93 0.68
CA GLN C 208 -20.19 2.72 -0.68
C GLN C 208 -18.78 3.28 -0.89
N VAL C 209 -18.07 2.72 -1.86
CA VAL C 209 -16.72 3.15 -2.24
C VAL C 209 -16.81 3.60 -3.69
N GLU C 210 -16.15 4.71 -3.99
CA GLU C 210 -16.11 5.26 -5.32
C GLU C 210 -14.71 5.58 -5.74
N GLY C 211 -14.38 5.28 -6.97
CA GLY C 211 -13.06 5.59 -7.47
C GLY C 211 -13.08 6.60 -8.58
N LEU C 212 -11.93 7.27 -8.77
CA LEU C 212 -11.74 8.25 -9.82
C LEU C 212 -10.29 8.33 -10.21
N LEU C 213 -10.03 8.12 -11.51
CA LEU C 213 -8.71 8.28 -12.09
C LEU C 213 -8.84 9.25 -13.24
N VAL C 214 -8.04 10.34 -13.21
CA VAL C 214 -8.04 11.36 -14.27
C VAL C 214 -6.61 11.63 -14.68
N ASP C 215 -6.27 11.34 -15.94
CA ASP C 215 -4.91 11.55 -16.49
C ASP C 215 -4.96 11.84 -18.00
N GLU C 216 -3.80 11.90 -18.67
CA GLU C 216 -3.79 12.23 -20.09
C GLU C 216 -4.27 11.09 -21.02
N GLY C 217 -3.62 9.93 -21.09
CA GLY C 217 -4.11 8.93 -22.04
C GLY C 217 -5.00 7.81 -21.55
N VAL C 218 -6.07 8.10 -20.79
CA VAL C 218 -6.94 7.06 -20.19
C VAL C 218 -8.02 6.56 -21.14
N SER C 219 -8.02 5.21 -21.39
CA SER C 219 -8.97 4.52 -22.28
C SER C 219 -9.97 3.63 -21.54
N PHE C 220 -10.96 3.10 -22.28
CA PHE C 220 -11.97 2.17 -21.77
C PHE C 220 -11.30 0.82 -21.43
N ALA C 221 -10.16 0.51 -22.11
CA ALA C 221 -9.35 -0.69 -21.88
C ALA C 221 -8.72 -0.60 -20.50
N ASP C 222 -8.26 0.61 -20.11
CA ASP C 222 -7.67 0.88 -18.78
C ASP C 222 -8.71 0.59 -17.71
N LEU C 223 -9.96 1.10 -17.92
CA LEU C 223 -11.09 0.87 -17.03
C LEU C 223 -11.39 -0.63 -16.90
N LYS C 224 -11.49 -1.37 -18.03
CA LYS C 224 -11.77 -2.80 -18.01
C LYS C 224 -10.69 -3.54 -17.17
N GLY C 225 -9.41 -3.30 -17.47
CA GLY C 225 -8.29 -3.91 -16.77
C GLY C 225 -8.32 -3.71 -15.26
N THR C 226 -8.51 -2.42 -14.83
CA THR C 226 -8.60 -2.00 -13.42
C THR C 226 -9.69 -2.79 -12.69
N ILE C 227 -10.95 -2.71 -13.17
CA ILE C 227 -12.14 -3.34 -12.60
C ILE C 227 -12.00 -4.85 -12.50
N GLU C 228 -11.51 -5.47 -13.59
CA GLU C 228 -11.31 -6.91 -13.67
C GLU C 228 -10.29 -7.37 -12.61
N GLU C 229 -9.16 -6.64 -12.48
CA GLU C 229 -8.14 -7.03 -11.51
C GLU C 229 -8.56 -6.77 -10.06
N PHE C 230 -9.31 -5.70 -9.80
CA PHE C 230 -9.79 -5.46 -8.44
C PHE C 230 -10.74 -6.61 -7.99
N LEU C 231 -11.67 -7.03 -8.85
CA LEU C 231 -12.63 -8.07 -8.47
C LEU C 231 -11.97 -9.40 -8.13
N ARG C 232 -10.94 -9.77 -8.91
CA ARG C 232 -10.16 -10.98 -8.73
C ARG C 232 -9.42 -10.95 -7.39
N ALA C 233 -8.86 -9.76 -7.05
CA ALA C 233 -8.09 -9.47 -5.82
C ALA C 233 -8.95 -9.56 -4.60
N PHE C 234 -10.07 -8.80 -4.62
CA PHE C 234 -11.07 -8.71 -3.56
C PHE C 234 -11.70 -10.08 -3.25
N PHE C 235 -12.14 -10.80 -4.30
CA PHE C 235 -12.79 -12.10 -4.14
C PHE C 235 -11.83 -13.27 -4.07
N GLU C 236 -10.51 -13.00 -4.18
CA GLU C 236 -9.41 -13.99 -4.08
C GLU C 236 -9.61 -15.21 -5.02
N LYS C 237 -10.16 -14.98 -6.24
CA LYS C 237 -10.42 -16.02 -7.23
C LYS C 237 -10.12 -15.50 -8.59
N GLN C 238 -9.66 -16.35 -9.52
CA GLN C 238 -9.44 -15.92 -10.91
C GLN C 238 -10.77 -16.05 -11.65
N LEU C 239 -11.80 -15.33 -11.16
CA LEU C 239 -13.17 -15.42 -11.67
C LEU C 239 -13.34 -14.77 -13.04
N GLU C 240 -14.48 -15.05 -13.69
CA GLU C 240 -14.79 -14.45 -14.95
C GLU C 240 -15.58 -13.17 -14.75
N VAL C 241 -15.16 -12.11 -15.44
CA VAL C 241 -15.76 -10.76 -15.34
C VAL C 241 -16.39 -10.40 -16.68
N ARG C 242 -17.62 -9.85 -16.62
CA ARG C 242 -18.43 -9.46 -17.77
C ARG C 242 -18.88 -8.00 -17.61
N PHE C 243 -18.82 -7.23 -18.73
CA PHE C 243 -19.24 -5.82 -18.80
C PHE C 243 -20.48 -5.69 -19.69
N ARG C 244 -21.56 -5.11 -19.16
CA ARG C 244 -22.81 -4.91 -19.91
C ARG C 244 -23.07 -3.43 -20.10
N PRO C 245 -23.46 -2.96 -21.31
CA PRO C 245 -23.74 -1.51 -21.46
C PRO C 245 -24.93 -1.03 -20.64
N SER C 246 -24.71 0.05 -19.90
CA SER C 246 -25.74 0.67 -19.09
C SER C 246 -25.69 2.18 -19.30
N PHE C 247 -26.55 2.92 -18.58
CA PHE C 247 -26.60 4.36 -18.65
C PHE C 247 -26.49 5.02 -17.29
N PHE C 248 -25.58 5.99 -17.16
CA PHE C 248 -25.41 6.84 -15.96
C PHE C 248 -25.23 8.29 -16.44
N PRO C 249 -25.83 9.30 -15.79
CA PRO C 249 -25.66 10.68 -16.29
C PRO C 249 -24.24 11.27 -16.25
N PHE C 250 -23.38 10.78 -15.35
CA PHE C 250 -22.02 11.27 -15.09
C PHE C 250 -20.91 10.59 -15.92
N THR C 251 -21.24 9.45 -16.58
CA THR C 251 -20.30 8.67 -17.40
C THR C 251 -20.83 8.37 -18.80
N GLU C 252 -19.90 8.22 -19.76
CA GLU C 252 -20.19 7.88 -21.15
C GLU C 252 -18.89 7.43 -21.84
N PRO C 253 -18.72 6.15 -22.21
CA PRO C 253 -19.63 5.01 -22.02
C PRO C 253 -19.70 4.49 -20.58
N SER C 254 -20.88 3.99 -20.20
CA SER C 254 -21.16 3.43 -18.88
C SER C 254 -21.41 1.90 -18.98
N ALA C 255 -21.07 1.15 -17.91
CA ALA C 255 -21.25 -0.31 -17.87
C ALA C 255 -21.62 -0.87 -16.48
N GLU C 256 -22.39 -1.98 -16.46
CA GLU C 256 -22.73 -2.73 -15.24
C GLU C 256 -21.84 -3.95 -15.26
N VAL C 257 -21.10 -4.16 -14.17
CA VAL C 257 -20.12 -5.23 -14.07
C VAL C 257 -20.73 -6.45 -13.39
N ASP C 258 -20.47 -7.64 -13.98
CA ASP C 258 -20.92 -8.94 -13.53
C ASP C 258 -19.75 -9.89 -13.25
N ILE C 259 -19.95 -10.80 -12.28
CA ILE C 259 -19.04 -11.92 -11.90
C ILE C 259 -19.85 -13.22 -11.82
N GLN C 260 -19.21 -14.38 -11.97
CA GLN C 260 -19.93 -15.65 -11.89
C GLN C 260 -20.40 -16.04 -10.46
N CYS C 261 -21.56 -16.81 -10.34
CA CYS C 261 -22.27 -17.47 -9.19
C CYS C 261 -23.87 -17.50 -9.32
N GLN C 274 -30.26 -16.80 -10.80
CA GLN C 274 -30.69 -17.89 -11.68
C GLN C 274 -29.97 -17.93 -13.05
N THR C 275 -29.13 -16.90 -13.31
CA THR C 275 -28.48 -16.60 -14.58
C THR C 275 -26.99 -17.04 -14.67
N GLY C 276 -26.39 -17.40 -13.55
CA GLY C 276 -24.98 -17.82 -13.51
C GLY C 276 -24.01 -16.64 -13.38
N TRP C 277 -24.58 -15.45 -13.36
CA TRP C 277 -23.91 -14.17 -13.28
C TRP C 277 -24.54 -13.29 -12.22
N LEU C 278 -23.72 -12.44 -11.59
CA LEU C 278 -24.16 -11.53 -10.54
C LEU C 278 -23.70 -10.12 -10.86
N GLU C 279 -24.59 -9.12 -10.63
CA GLU C 279 -24.22 -7.72 -10.86
C GLU C 279 -23.58 -7.22 -9.57
N VAL C 280 -22.32 -6.76 -9.60
CA VAL C 280 -21.65 -6.34 -8.35
C VAL C 280 -21.30 -4.84 -8.25
N MET C 281 -21.07 -4.19 -9.41
CA MET C 281 -20.68 -2.78 -9.45
C MET C 281 -20.91 -2.12 -10.80
N GLY C 282 -20.75 -0.81 -10.83
CA GLY C 282 -20.87 0.00 -12.03
C GLY C 282 -19.59 0.78 -12.25
N CYS C 283 -19.41 1.27 -13.45
CA CYS C 283 -18.22 2.03 -13.84
C CYS C 283 -18.53 2.74 -15.14
N GLY C 284 -17.59 3.54 -15.61
CA GLY C 284 -17.76 4.29 -16.84
C GLY C 284 -16.67 5.31 -17.06
N MET C 285 -16.59 5.85 -18.29
CA MET C 285 -15.61 6.89 -18.61
C MET C 285 -16.25 8.22 -18.24
N VAL C 286 -15.63 9.04 -17.39
CA VAL C 286 -16.15 10.32 -16.93
C VAL C 286 -16.63 11.19 -18.11
N HIS C 287 -17.91 11.61 -18.08
CA HIS C 287 -18.55 12.42 -19.12
C HIS C 287 -17.82 13.76 -19.31
N PRO C 288 -17.55 14.20 -20.57
CA PRO C 288 -16.83 15.45 -20.79
C PRO C 288 -17.38 16.69 -20.04
N ASN C 289 -18.73 16.83 -19.97
CA ASN C 289 -19.37 17.94 -19.26
C ASN C 289 -19.07 17.92 -17.77
N VAL C 290 -18.86 16.72 -17.20
CA VAL C 290 -18.53 16.55 -15.77
C VAL C 290 -17.14 17.17 -15.48
N LEU C 291 -16.12 16.81 -16.30
CA LEU C 291 -14.77 17.36 -16.19
C LEU C 291 -14.81 18.89 -16.45
N ARG C 292 -15.45 19.29 -17.56
CA ARG C 292 -15.56 20.69 -18.00
C ARG C 292 -16.04 21.59 -16.86
N MET C 293 -17.18 21.22 -16.22
CA MET C 293 -17.82 21.90 -15.10
C MET C 293 -16.89 22.09 -13.92
N SER C 294 -15.92 21.17 -13.73
CA SER C 294 -14.95 21.20 -12.64
C SER C 294 -13.56 21.71 -13.13
N ASN C 295 -13.56 22.45 -14.25
CA ASN C 295 -12.39 23.09 -14.87
C ASN C 295 -11.25 22.10 -15.24
N ILE C 296 -11.60 20.98 -15.90
CA ILE C 296 -10.66 19.99 -16.42
C ILE C 296 -11.00 19.83 -17.90
N ASP C 297 -10.05 20.16 -18.79
CA ASP C 297 -10.26 20.14 -20.24
C ASP C 297 -10.46 18.74 -20.77
N PRO C 298 -11.67 18.43 -21.31
CA PRO C 298 -11.93 17.08 -21.84
C PRO C 298 -11.09 16.71 -23.06
N GLU C 299 -10.59 17.73 -23.80
CA GLU C 299 -9.72 17.51 -24.96
C GLU C 299 -8.34 17.03 -24.55
N LYS C 300 -7.82 17.53 -23.38
CA LYS C 300 -6.50 17.11 -22.88
C LYS C 300 -6.58 15.85 -22.04
N PHE C 301 -7.47 15.84 -21.03
CA PHE C 301 -7.62 14.75 -20.07
C PHE C 301 -8.85 13.87 -20.25
N GLN C 302 -8.69 12.62 -19.87
CA GLN C 302 -9.67 11.55 -19.88
C GLN C 302 -9.75 11.02 -18.44
N GLY C 303 -10.78 10.27 -18.12
CA GLY C 303 -10.95 9.70 -16.79
C GLY C 303 -11.99 8.60 -16.71
N PHE C 304 -11.83 7.74 -15.71
CA PHE C 304 -12.81 6.70 -15.42
C PHE C 304 -13.18 6.76 -13.96
N ALA C 305 -14.42 6.39 -13.66
CA ALA C 305 -14.91 6.33 -12.30
C ALA C 305 -15.70 5.07 -12.13
N PHE C 306 -15.96 4.69 -10.88
CA PHE C 306 -16.72 3.47 -10.54
C PHE C 306 -17.32 3.61 -9.15
N GLY C 307 -18.24 2.73 -8.85
CA GLY C 307 -18.88 2.64 -7.56
C GLY C 307 -19.26 1.23 -7.19
N MET C 308 -19.29 0.92 -5.89
CA MET C 308 -19.68 -0.38 -5.36
C MET C 308 -20.27 -0.26 -3.95
N GLY C 309 -21.30 -1.08 -3.68
CA GLY C 309 -21.96 -1.14 -2.38
C GLY C 309 -21.25 -2.05 -1.40
N ALA C 310 -20.80 -1.50 -0.25
CA ALA C 310 -20.09 -2.26 0.78
C ALA C 310 -20.90 -3.40 1.39
N GLU C 311 -22.19 -3.15 1.76
CA GLU C 311 -23.05 -4.20 2.33
C GLU C 311 -23.23 -5.33 1.29
N ARG C 312 -23.43 -4.97 0.00
CA ARG C 312 -23.59 -5.95 -1.07
C ARG C 312 -22.38 -6.88 -1.14
N LEU C 313 -21.16 -6.31 -1.12
CA LEU C 313 -19.90 -7.06 -1.17
C LEU C 313 -19.70 -7.94 0.07
N ALA C 314 -20.00 -7.37 1.27
CA ALA C 314 -19.95 -8.05 2.57
C ALA C 314 -20.88 -9.29 2.56
N MET C 315 -22.10 -9.11 2.02
CA MET C 315 -23.09 -10.19 1.93
C MET C 315 -22.62 -11.33 1.05
N LEU C 316 -21.93 -11.02 -0.07
CA LEU C 316 -21.40 -12.04 -0.97
C LEU C 316 -20.21 -12.78 -0.34
N ARG C 317 -19.28 -12.01 0.23
CA ARG C 317 -18.10 -12.52 0.89
C ARG C 317 -18.37 -13.43 2.09
N TYR C 318 -19.27 -13.01 2.99
CA TYR C 318 -19.48 -13.71 4.26
C TYR C 318 -20.77 -14.55 4.34
N GLY C 319 -21.59 -14.53 3.29
CA GLY C 319 -22.83 -15.30 3.24
C GLY C 319 -23.96 -14.77 4.09
N VAL C 320 -24.04 -13.44 4.23
CA VAL C 320 -25.08 -12.77 5.01
C VAL C 320 -26.34 -12.62 4.12
N ASN C 321 -27.50 -12.99 4.67
CA ASN C 321 -28.81 -13.02 4.02
C ASN C 321 -29.66 -11.76 4.16
N ASP C 322 -29.77 -11.22 5.38
CA ASP C 322 -30.60 -10.09 5.72
C ASP C 322 -29.74 -8.87 5.97
N LEU C 323 -30.00 -7.83 5.20
CA LEU C 323 -29.32 -6.54 5.27
C LEU C 323 -29.57 -5.82 6.62
N ARG C 324 -30.71 -6.12 7.29
CA ARG C 324 -31.10 -5.51 8.57
C ARG C 324 -30.17 -5.87 9.72
N LEU C 325 -29.40 -6.98 9.56
CA LEU C 325 -28.45 -7.48 10.55
C LEU C 325 -27.30 -6.51 10.78
N PHE C 326 -26.85 -5.80 9.74
CA PHE C 326 -25.72 -4.86 9.83
C PHE C 326 -25.94 -3.70 10.81
N PHE C 327 -27.17 -3.19 10.87
CA PHE C 327 -27.51 -2.02 11.68
C PHE C 327 -28.15 -2.35 13.05
N ASP C 328 -28.49 -3.63 13.27
CA ASP C 328 -29.08 -4.12 14.52
C ASP C 328 -28.05 -4.23 15.64
N ASN C 329 -26.78 -4.54 15.27
CA ASN C 329 -25.63 -4.70 16.17
C ASN C 329 -25.83 -5.79 17.27
N ASP C 330 -26.45 -6.95 16.90
CA ASP C 330 -26.57 -8.05 17.86
C ASP C 330 -25.18 -8.70 17.99
N LEU C 331 -24.72 -8.91 19.24
CA LEU C 331 -23.43 -9.53 19.54
C LEU C 331 -23.35 -10.97 18.96
N ARG C 332 -24.50 -11.62 18.79
CA ARG C 332 -24.55 -12.95 18.19
C ARG C 332 -24.24 -12.90 16.68
N PHE C 333 -24.37 -11.70 16.05
CA PHE C 333 -24.07 -11.52 14.63
C PHE C 333 -22.63 -11.07 14.52
N LEU C 334 -22.28 -9.99 15.25
CA LEU C 334 -20.95 -9.39 15.26
C LEU C 334 -19.85 -10.34 15.67
N GLY C 335 -20.10 -11.18 16.68
CA GLY C 335 -19.13 -12.14 17.20
C GLY C 335 -18.63 -13.15 16.16
N GLN C 336 -19.39 -13.31 15.04
CA GLN C 336 -19.06 -14.20 13.93
C GLN C 336 -17.92 -13.65 13.02
N PHE C 337 -17.48 -12.39 13.20
CA PHE C 337 -16.48 -11.73 12.38
C PHE C 337 -15.22 -11.32 13.18
N ARG C 338 -14.92 -12.09 14.23
CA ARG C 338 -13.73 -11.91 15.09
C ARG C 338 -12.43 -12.44 14.40
N LEU D 87 -30.61 13.15 45.81
CA LEU D 87 -29.16 13.12 45.63
C LEU D 87 -28.52 11.83 46.21
N ALA D 88 -28.85 10.68 45.57
CA ALA D 88 -28.23 9.38 45.85
C ALA D 88 -26.93 9.34 45.03
N ALA D 89 -26.65 10.42 44.23
CA ALA D 89 -25.47 10.66 43.38
C ALA D 89 -24.18 10.84 44.22
N GLU D 90 -24.25 10.38 45.49
CA GLU D 90 -23.12 10.36 46.44
C GLU D 90 -22.23 9.10 46.34
N ARG D 91 -21.84 8.80 45.10
CA ARG D 91 -20.97 7.73 44.66
C ARG D 91 -19.88 8.50 43.92
N ILE D 92 -19.35 9.58 44.57
CA ILE D 92 -18.29 10.44 44.04
C ILE D 92 -16.94 9.70 43.99
N ASP D 93 -16.13 9.98 42.94
CA ASP D 93 -14.80 9.37 42.72
C ASP D 93 -13.87 10.43 42.03
N VAL D 94 -12.54 10.14 41.73
CA VAL D 94 -11.68 11.22 41.16
C VAL D 94 -10.87 10.84 39.82
N THR D 95 -9.74 11.59 39.57
CA THR D 95 -8.68 11.68 38.53
C THR D 95 -7.56 10.62 38.67
N LEU D 96 -7.83 9.62 39.50
CA LEU D 96 -6.94 8.50 39.80
C LEU D 96 -6.60 7.71 38.55
N PRO D 97 -5.40 7.08 38.48
CA PRO D 97 -5.08 6.27 37.29
C PRO D 97 -6.11 5.19 36.93
N GLY D 98 -6.17 4.87 35.64
CA GLY D 98 -7.05 3.82 35.11
C GLY D 98 -6.60 2.47 35.61
N ARG D 99 -7.48 1.42 35.56
CA ARG D 99 -7.10 0.10 36.06
C ARG D 99 -6.52 -0.83 35.00
N GLY D 100 -5.54 -1.61 35.42
CA GLY D 100 -4.91 -2.61 34.59
C GLY D 100 -3.63 -2.22 33.93
N GLN D 101 -3.42 -2.91 32.82
CA GLN D 101 -2.29 -2.93 31.93
C GLN D 101 -2.51 -1.96 30.77
N LEU D 102 -1.48 -1.22 30.39
CA LEU D 102 -1.51 -0.33 29.23
C LEU D 102 -0.60 -0.91 28.12
N SER D 103 -0.42 -0.21 26.99
CA SER D 103 0.38 -0.77 25.91
C SER D 103 1.90 -0.79 26.19
N GLY D 104 2.60 -1.67 25.47
CA GLY D 104 4.04 -1.79 25.54
C GLY D 104 4.61 -1.00 24.39
N GLY D 105 5.45 -1.65 23.57
CA GLY D 105 5.99 -0.98 22.38
C GLY D 105 6.78 -1.83 21.43
N LEU D 106 7.15 -1.26 20.28
CA LEU D 106 8.01 -1.89 19.28
C LEU D 106 9.47 -1.41 19.43
N HIS D 107 10.43 -2.19 18.92
CA HIS D 107 11.87 -1.85 18.95
C HIS D 107 12.09 -0.72 17.91
N PRO D 108 12.95 0.31 18.16
CA PRO D 108 13.14 1.38 17.16
C PRO D 108 13.52 0.90 15.74
N VAL D 109 14.34 -0.16 15.61
CA VAL D 109 14.73 -0.77 14.33
C VAL D 109 13.48 -1.28 13.58
N THR D 110 12.54 -1.92 14.31
CA THR D 110 11.29 -2.44 13.75
C THR D 110 10.46 -1.31 13.18
N ARG D 111 10.35 -0.19 13.94
CA ARG D 111 9.66 1.03 13.55
C ARG D 111 10.26 1.55 12.25
N THR D 112 11.61 1.61 12.18
CA THR D 112 12.34 2.09 11.02
C THR D 112 12.05 1.23 9.77
N LEU D 113 12.28 -0.10 9.87
CA LEU D 113 12.03 -1.04 8.76
C LEU D 113 10.58 -0.91 8.27
N GLU D 114 9.61 -0.94 9.21
CA GLU D 114 8.19 -0.80 8.86
C GLU D 114 7.98 0.46 8.02
N ARG D 115 8.52 1.61 8.49
CA ARG D 115 8.44 2.93 7.85
C ARG D 115 9.04 2.93 6.41
N ILE D 116 10.23 2.31 6.23
CA ILE D 116 10.87 2.24 4.90
C ILE D 116 9.96 1.44 3.94
N GLU D 117 9.54 0.21 4.33
CA GLU D 117 8.67 -0.65 3.53
C GLU D 117 7.44 0.11 3.01
N GLN D 118 6.76 0.85 3.91
CA GLN D 118 5.55 1.62 3.64
C GLN D 118 5.75 2.62 2.53
N CYS D 119 6.89 3.34 2.51
CA CYS D 119 7.22 4.33 1.47
C CYS D 119 7.11 3.76 0.05
N PHE D 120 7.47 2.46 -0.10
CA PHE D 120 7.50 1.74 -1.39
C PHE D 120 6.26 0.87 -1.66
N SER D 121 5.77 0.15 -0.63
CA SER D 121 4.63 -0.74 -0.75
C SER D 121 3.35 0.00 -1.15
N ARG D 122 3.36 1.33 -0.93
CA ARG D 122 2.28 2.26 -1.27
C ARG D 122 2.30 2.58 -2.77
N ILE D 123 3.42 2.24 -3.47
CA ILE D 123 3.55 2.54 -4.89
C ILE D 123 3.93 1.28 -5.71
N GLY D 124 3.35 0.14 -5.33
CA GLY D 124 3.49 -1.12 -6.05
C GLY D 124 4.69 -2.00 -5.79
N TYR D 125 5.48 -1.73 -4.76
CA TYR D 125 6.63 -2.58 -4.45
C TYR D 125 6.20 -3.73 -3.57
N GLU D 126 6.68 -4.94 -3.85
CA GLU D 126 6.38 -6.13 -3.07
C GLU D 126 7.54 -6.39 -2.10
N VAL D 127 7.20 -6.75 -0.87
CA VAL D 127 8.18 -7.09 0.15
C VAL D 127 8.69 -8.54 -0.11
N ALA D 128 10.01 -8.68 -0.22
CA ALA D 128 10.64 -9.97 -0.45
C ALA D 128 11.50 -10.42 0.74
N GLU D 129 11.44 -11.72 1.01
CA GLU D 129 12.22 -12.34 2.08
C GLU D 129 12.97 -13.57 1.55
N GLY D 130 14.10 -13.88 2.16
CA GLY D 130 14.93 -15.01 1.79
C GLY D 130 15.68 -15.56 2.99
N PRO D 131 16.52 -16.62 2.79
CA PRO D 131 17.29 -17.18 3.93
C PRO D 131 18.44 -16.29 4.41
N GLU D 132 18.84 -16.47 5.69
CA GLU D 132 19.96 -15.76 6.33
C GLU D 132 21.26 -16.52 6.07
N VAL D 133 21.20 -17.88 6.08
CA VAL D 133 22.34 -18.74 5.73
C VAL D 133 22.23 -18.95 4.20
N GLU D 134 23.20 -18.40 3.45
CA GLU D 134 23.22 -18.41 1.99
C GLU D 134 24.45 -19.07 1.38
N ASP D 135 24.42 -19.23 0.04
CA ASP D 135 25.53 -19.75 -0.76
C ASP D 135 26.30 -18.59 -1.41
N ASP D 136 27.60 -18.84 -1.72
CA ASP D 136 28.51 -17.86 -2.32
C ASP D 136 28.05 -17.36 -3.71
N TYR D 137 27.26 -18.17 -4.45
CA TYR D 137 26.73 -17.77 -5.74
C TYR D 137 25.75 -16.59 -5.57
N HIS D 138 24.65 -16.81 -4.83
CA HIS D 138 23.63 -15.78 -4.62
C HIS D 138 24.18 -14.55 -3.90
N ASN D 139 25.08 -14.77 -2.91
CA ASN D 139 25.66 -13.68 -2.12
C ASN D 139 26.78 -12.89 -2.84
N PHE D 140 27.60 -13.55 -3.67
CA PHE D 140 28.68 -12.85 -4.35
C PHE D 140 28.69 -12.96 -5.87
N GLU D 141 28.87 -14.19 -6.42
CA GLU D 141 29.02 -14.44 -7.84
C GLU D 141 27.99 -13.78 -8.70
N ALA D 142 26.71 -13.98 -8.38
CA ALA D 142 25.57 -13.44 -9.11
C ALA D 142 25.50 -11.91 -9.07
N LEU D 143 26.31 -11.28 -8.20
CA LEU D 143 26.37 -9.83 -8.02
C LEU D 143 27.71 -9.21 -8.45
N ASN D 144 28.42 -9.92 -9.37
CA ASN D 144 29.67 -9.52 -9.98
C ASN D 144 30.81 -9.30 -8.97
N ILE D 145 30.78 -10.05 -7.85
CA ILE D 145 31.85 -10.04 -6.85
C ILE D 145 32.67 -11.33 -7.10
N PRO D 146 33.84 -11.23 -7.76
CA PRO D 146 34.63 -12.45 -8.09
C PRO D 146 35.37 -13.05 -6.89
N GLY D 147 35.86 -14.29 -7.07
CA GLY D 147 36.55 -15.10 -6.07
C GLY D 147 37.62 -14.41 -5.25
N HIS D 148 38.54 -13.72 -5.92
CA HIS D 148 39.66 -13.01 -5.30
C HIS D 148 39.26 -11.69 -4.60
N HIS D 149 37.99 -11.24 -4.76
CA HIS D 149 37.51 -9.98 -4.14
C HIS D 149 37.66 -10.00 -2.62
N PRO D 150 38.27 -8.93 -2.06
CA PRO D 150 38.49 -8.86 -0.60
C PRO D 150 37.24 -8.97 0.30
N ALA D 151 36.05 -8.64 -0.25
CA ALA D 151 34.79 -8.74 0.47
C ALA D 151 34.48 -10.19 0.80
N ARG D 152 34.94 -11.12 -0.04
CA ARG D 152 34.76 -12.57 0.11
C ARG D 152 35.67 -13.17 1.19
N ALA D 153 36.68 -12.44 1.66
CA ALA D 153 37.60 -12.92 2.68
C ALA D 153 36.95 -13.14 4.06
N MET D 154 37.51 -14.09 4.82
CA MET D 154 37.09 -14.47 6.17
C MET D 154 37.25 -13.32 7.17
N HIS D 155 37.95 -12.25 6.76
CA HIS D 155 38.09 -11.05 7.56
C HIS D 155 36.76 -10.27 7.62
N ASP D 156 35.96 -10.33 6.53
CA ASP D 156 34.69 -9.62 6.40
C ASP D 156 33.44 -10.53 6.38
N THR D 157 33.59 -11.80 5.96
CA THR D 157 32.45 -12.74 5.84
C THR D 157 32.54 -13.92 6.79
N PHE D 158 31.41 -14.27 7.44
CA PHE D 158 31.27 -15.41 8.33
C PHE D 158 30.95 -16.62 7.46
N TYR D 159 31.76 -17.68 7.56
CA TYR D 159 31.59 -18.91 6.79
C TYR D 159 31.23 -20.12 7.65
N PHE D 160 30.53 -21.10 7.07
CA PHE D 160 30.21 -22.36 7.73
C PHE D 160 31.17 -23.40 7.18
N ASN D 161 31.38 -23.35 5.86
CA ASN D 161 32.31 -24.16 5.09
C ASN D 161 32.77 -23.32 3.88
N ALA D 162 33.35 -23.97 2.87
CA ALA D 162 33.83 -23.31 1.65
C ALA D 162 32.78 -22.51 0.85
N ASN D 163 31.52 -23.00 0.76
CA ASN D 163 30.48 -22.39 -0.09
C ASN D 163 29.30 -21.74 0.67
N MET D 164 29.08 -22.13 1.93
CA MET D 164 27.95 -21.64 2.75
C MET D 164 28.40 -20.61 3.79
N LEU D 165 27.64 -19.52 3.90
CA LEU D 165 27.94 -18.36 4.75
C LEU D 165 26.74 -17.68 5.37
N LEU D 166 26.98 -16.62 6.15
CA LEU D 166 25.91 -15.77 6.67
C LEU D 166 25.88 -14.57 5.71
N ARG D 167 24.73 -14.31 5.05
CA ARG D 167 24.59 -13.22 4.07
C ARG D 167 25.11 -11.87 4.56
N THR D 168 25.96 -11.25 3.73
CA THR D 168 26.62 -9.96 4.01
C THR D 168 25.74 -8.77 3.69
N HIS D 169 24.64 -8.99 2.97
CA HIS D 169 23.65 -8.02 2.49
C HIS D 169 22.34 -8.74 2.14
N THR D 170 21.26 -8.00 1.84
CA THR D 170 19.99 -8.64 1.46
C THR D 170 19.89 -8.85 -0.06
N SER D 171 20.84 -8.33 -0.89
CA SER D 171 20.87 -8.52 -2.36
C SER D 171 20.56 -9.98 -2.81
N PRO D 172 21.09 -11.08 -2.16
CA PRO D 172 20.73 -12.45 -2.61
C PRO D 172 19.22 -12.71 -2.74
N VAL D 173 18.38 -12.08 -1.90
CA VAL D 173 16.91 -12.19 -1.96
C VAL D 173 16.43 -11.66 -3.32
N GLN D 174 17.01 -10.52 -3.75
CA GLN D 174 16.74 -9.86 -5.03
C GLN D 174 17.20 -10.77 -6.21
N VAL D 175 18.35 -11.45 -6.06
CA VAL D 175 18.89 -12.38 -7.06
C VAL D 175 17.90 -13.55 -7.21
N ARG D 176 17.42 -14.10 -6.07
CA ARG D 176 16.49 -15.22 -6.06
C ARG D 176 15.19 -14.83 -6.79
N THR D 177 14.77 -13.55 -6.66
CA THR D 177 13.60 -13.01 -7.38
C THR D 177 13.86 -12.92 -8.92
N MET D 178 15.03 -12.37 -9.35
CA MET D 178 15.44 -12.24 -10.76
C MET D 178 15.44 -13.61 -11.49
N GLU D 179 15.85 -14.67 -10.76
CA GLU D 179 15.88 -16.02 -11.34
C GLU D 179 14.48 -16.60 -11.39
N SER D 180 13.67 -16.40 -10.33
CA SER D 180 12.33 -16.95 -10.25
C SER D 180 11.30 -16.30 -11.21
N GLN D 181 11.49 -15.02 -11.59
CA GLN D 181 10.56 -14.29 -12.47
C GLN D 181 11.23 -13.40 -13.52
N GLN D 182 10.43 -12.98 -14.53
CA GLN D 182 10.85 -12.10 -15.61
C GLN D 182 10.30 -10.66 -15.31
N PRO D 183 10.91 -9.56 -15.82
CA PRO D 183 10.38 -8.22 -15.52
C PRO D 183 8.90 -8.01 -15.89
N PRO D 184 8.19 -7.03 -15.26
CA PRO D 184 8.67 -6.05 -14.26
C PRO D 184 8.93 -6.66 -12.90
N ILE D 185 9.84 -6.04 -12.15
CA ILE D 185 10.24 -6.41 -10.79
C ILE D 185 10.28 -5.11 -9.94
N ARG D 186 9.54 -5.07 -8.81
CA ARG D 186 9.54 -3.93 -7.90
C ARG D 186 9.57 -4.52 -6.51
N ILE D 187 10.75 -4.65 -5.90
CA ILE D 187 10.85 -5.31 -4.59
C ILE D 187 11.66 -4.55 -3.55
N VAL D 188 11.26 -4.69 -2.28
CA VAL D 188 12.00 -4.17 -1.15
C VAL D 188 12.36 -5.36 -0.27
N CYS D 189 13.63 -5.42 0.15
CA CYS D 189 14.16 -6.52 0.93
C CYS D 189 14.74 -6.09 2.26
N PRO D 190 13.86 -6.02 3.31
CA PRO D 190 14.37 -5.68 4.64
C PRO D 190 14.88 -6.97 5.28
N GLY D 191 15.90 -6.90 6.15
CA GLY D 191 16.40 -8.10 6.80
C GLY D 191 17.65 -7.97 7.65
N ARG D 192 17.98 -9.02 8.40
CA ARG D 192 19.18 -9.09 9.23
C ARG D 192 20.34 -9.52 8.30
N VAL D 193 21.47 -8.78 8.35
CA VAL D 193 22.69 -9.08 7.58
C VAL D 193 23.88 -9.15 8.54
N TYR D 194 24.98 -9.82 8.11
CA TYR D 194 26.12 -10.05 8.98
C TYR D 194 27.48 -9.72 8.39
N ARG D 195 28.34 -9.08 9.19
CA ARG D 195 29.70 -8.72 8.84
C ARG D 195 30.62 -9.24 9.92
N CYS D 196 31.75 -9.81 9.50
CA CYS D 196 32.74 -10.36 10.41
C CYS D 196 33.57 -9.22 11.07
N ASP D 197 34.02 -8.23 10.26
CA ASP D 197 34.84 -7.06 10.66
C ASP D 197 34.12 -5.99 11.59
N SER D 198 33.55 -6.47 12.72
CA SER D 198 32.87 -5.66 13.73
C SER D 198 33.85 -4.85 14.64
N ASP D 199 33.31 -3.84 15.38
CA ASP D 199 33.99 -2.96 16.35
C ASP D 199 32.93 -2.19 17.20
N LEU D 200 33.21 -0.93 17.62
CA LEU D 200 32.27 -0.14 18.40
C LEU D 200 31.22 0.53 17.50
N THR D 201 31.71 1.09 16.39
CA THR D 201 30.94 1.82 15.40
C THR D 201 30.16 0.84 14.45
N HIS D 202 30.57 -0.44 14.39
CA HIS D 202 29.94 -1.47 13.54
C HIS D 202 29.58 -2.70 14.35
N SER D 203 28.42 -3.30 14.04
CA SER D 203 27.95 -4.46 14.76
C SER D 203 28.09 -5.75 13.92
N PRO D 204 28.40 -6.93 14.54
CA PRO D 204 28.50 -8.19 13.74
C PRO D 204 27.20 -8.62 13.06
N MET D 205 26.05 -8.15 13.57
CA MET D 205 24.70 -8.33 13.03
C MET D 205 24.00 -6.94 13.01
N PHE D 206 23.30 -6.64 11.89
CA PHE D 206 22.56 -5.38 11.69
C PHE D 206 21.49 -5.53 10.61
N HIS D 207 20.56 -4.58 10.54
CA HIS D 207 19.49 -4.64 9.56
C HIS D 207 19.67 -3.65 8.40
N GLN D 208 19.30 -4.13 7.20
CA GLN D 208 19.34 -3.30 6.01
C GLN D 208 18.15 -3.57 5.09
N VAL D 209 17.80 -2.57 4.28
CA VAL D 209 16.72 -2.65 3.29
C VAL D 209 17.37 -2.44 1.94
N GLU D 210 16.96 -3.24 0.97
CA GLU D 210 17.46 -3.16 -0.39
C GLU D 210 16.33 -3.12 -1.38
N GLY D 211 16.46 -2.27 -2.36
CA GLY D 211 15.43 -2.18 -3.40
C GLY D 211 15.93 -2.61 -4.76
N LEU D 212 14.98 -3.00 -5.62
CA LEU D 212 15.25 -3.42 -6.97
C LEU D 212 14.06 -3.16 -7.85
N LEU D 213 14.26 -2.37 -8.91
CA LEU D 213 13.25 -2.12 -9.93
C LEU D 213 13.86 -2.50 -11.27
N VAL D 214 13.19 -3.41 -12.01
CA VAL D 214 13.63 -3.85 -13.34
C VAL D 214 12.46 -3.78 -14.30
N ASP D 215 12.56 -2.93 -15.34
CA ASP D 215 11.50 -2.73 -16.35
C ASP D 215 12.11 -2.32 -17.71
N GLU D 216 11.28 -1.98 -18.70
CA GLU D 216 11.80 -1.63 -20.01
C GLU D 216 12.49 -0.26 -20.11
N GLY D 217 11.83 0.87 -19.86
CA GLY D 217 12.54 2.13 -20.03
C GLY D 217 13.07 2.83 -18.79
N VAL D 218 13.86 2.13 -17.94
CA VAL D 218 14.37 2.71 -16.69
C VAL D 218 15.69 3.50 -16.87
N SER D 219 15.69 4.80 -16.48
CA SER D 219 16.85 5.69 -16.57
C SER D 219 17.45 6.07 -15.21
N PHE D 220 18.62 6.78 -15.23
CA PHE D 220 19.30 7.27 -14.04
C PHE D 220 18.45 8.38 -13.39
N ALA D 221 17.63 9.08 -14.21
CA ALA D 221 16.71 10.12 -13.76
C ALA D 221 15.64 9.52 -12.90
N ASP D 222 15.15 8.31 -13.27
CA ASP D 222 14.15 7.55 -12.51
C ASP D 222 14.71 7.21 -11.14
N LEU D 223 15.98 6.74 -11.10
CA LEU D 223 16.70 6.42 -9.87
C LEU D 223 16.81 7.66 -8.98
N LYS D 224 17.27 8.80 -9.54
CA LYS D 224 17.40 10.05 -8.78
C LYS D 224 16.04 10.45 -8.15
N GLY D 225 14.98 10.50 -8.96
CA GLY D 225 13.63 10.82 -8.52
C GLY D 225 13.13 9.96 -7.38
N THR D 226 13.27 8.61 -7.52
CA THR D 226 12.87 7.63 -6.51
C THR D 226 13.56 7.88 -5.17
N ILE D 227 14.91 7.89 -5.16
CA ILE D 227 15.75 8.09 -3.98
C ILE D 227 15.48 9.43 -3.29
N GLU D 228 15.34 10.50 -4.08
CA GLU D 228 15.08 11.83 -3.59
C GLU D 228 13.71 11.88 -2.90
N GLU D 229 12.67 11.27 -3.50
CA GLU D 229 11.35 11.29 -2.89
C GLU D 229 11.24 10.38 -1.68
N PHE D 230 11.93 9.25 -1.67
CA PHE D 230 11.91 8.39 -0.49
C PHE D 230 12.54 9.13 0.73
N LEU D 231 13.68 9.81 0.54
CA LEU D 231 14.35 10.48 1.65
C LEU D 231 13.49 11.58 2.26
N ARG D 232 12.81 12.37 1.43
CA ARG D 232 11.91 13.44 1.83
C ARG D 232 10.72 12.90 2.64
N ALA D 233 10.17 11.73 2.20
CA ALA D 233 9.04 11.02 2.78
C ALA D 233 9.39 10.47 4.14
N PHE D 234 10.48 9.69 4.18
CA PHE D 234 11.02 9.05 5.38
C PHE D 234 11.39 10.08 6.46
N PHE D 235 12.12 11.15 6.10
CA PHE D 235 12.57 12.17 7.04
C PHE D 235 11.54 13.29 7.26
N GLU D 236 10.39 13.22 6.57
CA GLU D 236 9.28 14.16 6.70
C GLU D 236 9.70 15.65 6.55
N LYS D 237 10.67 15.92 5.64
CA LYS D 237 11.19 17.27 5.38
C LYS D 237 11.46 17.41 3.91
N GLN D 238 11.33 18.63 3.36
CA GLN D 238 11.67 18.89 1.97
C GLN D 238 13.17 19.18 1.90
N LEU D 239 13.98 18.22 2.36
CA LEU D 239 15.42 18.36 2.41
C LEU D 239 16.10 18.34 1.05
N GLU D 240 17.38 18.78 1.02
CA GLU D 240 18.16 18.75 -0.20
C GLU D 240 18.93 17.44 -0.29
N VAL D 241 18.88 16.84 -1.47
CA VAL D 241 19.53 15.55 -1.75
C VAL D 241 20.62 15.76 -2.79
N ARG D 242 21.79 15.15 -2.56
CA ARG D 242 22.98 15.24 -3.40
C ARG D 242 23.48 13.83 -3.75
N PHE D 243 23.89 13.63 -5.01
CA PHE D 243 24.41 12.36 -5.53
C PHE D 243 25.88 12.52 -5.91
N ARG D 244 26.76 11.66 -5.37
CA ARG D 244 28.20 11.69 -5.66
C ARG D 244 28.61 10.40 -6.36
N PRO D 245 29.40 10.47 -7.46
CA PRO D 245 29.82 9.22 -8.13
C PRO D 245 30.70 8.34 -7.25
N SER D 246 30.35 7.05 -7.19
CA SER D 246 31.07 6.03 -6.43
C SER D 246 31.22 4.78 -7.28
N PHE D 247 31.82 3.72 -6.72
CA PHE D 247 31.99 2.45 -7.41
C PHE D 247 31.46 1.28 -6.60
N PHE D 248 30.62 0.42 -7.21
CA PHE D 248 30.12 -0.83 -6.64
C PHE D 248 30.21 -1.91 -7.73
N PRO D 249 30.60 -3.16 -7.42
CA PRO D 249 30.71 -4.18 -8.50
C PRO D 249 29.41 -4.56 -9.23
N PHE D 250 28.25 -4.40 -8.57
CA PHE D 250 26.93 -4.81 -9.05
C PHE D 250 26.17 -3.73 -9.83
N THR D 251 26.63 -2.46 -9.75
CA THR D 251 25.98 -1.31 -10.40
C THR D 251 26.95 -0.48 -11.27
N GLU D 252 26.41 0.16 -12.30
CA GLU D 252 27.12 1.05 -13.21
C GLU D 252 26.11 1.88 -14.02
N PRO D 253 26.01 3.21 -13.81
CA PRO D 253 26.72 4.05 -12.84
C PRO D 253 26.24 3.89 -11.39
N SER D 254 27.17 4.04 -10.44
CA SER D 254 26.91 3.91 -9.00
C SER D 254 27.06 5.30 -8.33
N ALA D 255 26.32 5.53 -7.23
CA ALA D 255 26.38 6.80 -6.48
C ALA D 255 26.21 6.66 -4.95
N GLU D 256 26.83 7.59 -4.20
CA GLU D 256 26.67 7.70 -2.75
C GLU D 256 25.72 8.89 -2.55
N VAL D 257 24.64 8.66 -1.81
CA VAL D 257 23.61 9.67 -1.58
C VAL D 257 23.86 10.41 -0.29
N ASP D 258 23.72 11.75 -0.36
CA ASP D 258 23.90 12.71 0.75
C ASP D 258 22.63 13.54 0.98
N ILE D 259 22.37 13.89 2.26
CA ILE D 259 21.29 14.77 2.73
C ILE D 259 21.91 15.84 3.63
N GLN D 260 21.21 16.97 3.81
CA GLN D 260 21.72 18.04 4.67
C GLN D 260 21.62 17.68 6.17
N CYS D 261 22.56 18.18 6.99
CA CYS D 261 22.64 17.99 8.44
C CYS D 261 21.42 18.62 9.19
N VAL D 262 20.27 18.75 8.51
CA VAL D 262 18.99 19.29 9.01
C VAL D 262 18.46 18.40 10.17
N ILE D 263 18.69 17.08 10.09
CA ILE D 263 18.30 16.14 11.15
C ILE D 263 19.44 16.06 12.22
N CYS D 264 20.52 16.82 11.98
CA CYS D 264 21.71 16.95 12.83
C CYS D 264 22.44 15.62 13.03
N GLN D 274 30.98 17.83 6.30
CA GLN D 274 31.71 18.99 6.86
C GLN D 274 31.37 20.35 6.19
N THR D 275 30.58 20.24 5.11
CA THR D 275 29.94 21.29 4.31
C THR D 275 28.43 21.38 4.62
N GLY D 276 27.97 20.58 5.60
CA GLY D 276 26.58 20.47 6.05
C GLY D 276 25.87 19.36 5.33
N TRP D 277 26.59 18.24 5.03
CA TRP D 277 26.09 17.07 4.28
C TRP D 277 26.39 15.78 5.03
N LEU D 278 25.52 14.76 4.87
CA LEU D 278 25.63 13.44 5.48
C LEU D 278 25.46 12.36 4.44
N GLU D 279 26.26 11.29 4.50
CA GLU D 279 26.12 10.16 3.59
C GLU D 279 25.11 9.18 4.23
N VAL D 280 23.96 8.90 3.56
CA VAL D 280 22.92 8.05 4.17
C VAL D 280 22.66 6.70 3.47
N MET D 281 22.95 6.61 2.17
CA MET D 281 22.69 5.40 1.39
C MET D 281 23.44 5.37 0.07
N GLY D 282 23.39 4.23 -0.60
CA GLY D 282 23.97 4.02 -1.91
C GLY D 282 22.90 3.56 -2.88
N CYS D 283 23.20 3.66 -4.15
CA CYS D 283 22.30 3.26 -5.23
C CYS D 283 23.09 3.14 -6.51
N GLY D 284 22.45 2.72 -7.58
CA GLY D 284 23.09 2.59 -8.88
C GLY D 284 22.22 1.89 -9.90
N MET D 285 22.62 1.98 -11.19
CA MET D 285 21.90 1.28 -12.26
C MET D 285 22.47 -0.13 -12.32
N VAL D 286 21.63 -1.16 -12.20
CA VAL D 286 22.04 -2.58 -12.21
C VAL D 286 22.97 -2.88 -13.39
N HIS D 287 24.19 -3.39 -13.10
CA HIS D 287 25.20 -3.73 -14.10
C HIS D 287 24.68 -4.78 -15.10
N PRO D 288 24.90 -4.58 -16.42
CA PRO D 288 24.40 -5.55 -17.42
C PRO D 288 24.72 -7.03 -17.15
N ASN D 289 25.96 -7.33 -16.67
CA ASN D 289 26.38 -8.69 -16.36
C ASN D 289 25.56 -9.28 -15.22
N VAL D 290 25.09 -8.45 -14.29
CA VAL D 290 24.27 -8.89 -13.15
C VAL D 290 22.91 -9.42 -13.67
N LEU D 291 22.21 -8.65 -14.53
CA LEU D 291 20.97 -9.05 -15.18
C LEU D 291 21.22 -10.31 -16.05
N ARG D 292 22.22 -10.25 -16.95
CA ARG D 292 22.58 -11.32 -17.87
C ARG D 292 22.71 -12.68 -17.14
N MET D 293 23.53 -12.72 -16.07
CA MET D 293 23.78 -13.88 -15.20
C MET D 293 22.48 -14.48 -14.65
N SER D 294 21.44 -13.65 -14.44
CA SER D 294 20.14 -14.05 -13.90
C SER D 294 19.07 -14.15 -15.02
N ASN D 295 19.54 -14.32 -16.27
CA ASN D 295 18.73 -14.50 -17.48
C ASN D 295 17.71 -13.35 -17.75
N ILE D 296 18.20 -12.10 -17.67
CA ILE D 296 17.44 -10.88 -17.98
C ILE D 296 18.29 -10.13 -19.03
N ASP D 297 17.73 -9.94 -20.25
CA ASP D 297 18.44 -9.32 -21.36
C ASP D 297 18.72 -7.84 -21.10
N PRO D 298 20.01 -7.45 -21.00
CA PRO D 298 20.34 -6.03 -20.74
C PRO D 298 19.96 -5.09 -21.87
N GLU D 299 19.83 -5.62 -23.10
CA GLU D 299 19.43 -4.82 -24.27
C GLU D 299 17.93 -4.45 -24.20
N LYS D 300 17.10 -5.34 -23.65
CA LYS D 300 15.67 -5.06 -23.52
C LYS D 300 15.34 -4.30 -22.24
N PHE D 301 15.81 -4.82 -21.09
CA PHE D 301 15.54 -4.27 -19.77
C PHE D 301 16.68 -3.53 -19.11
N GLN D 302 16.30 -2.55 -18.30
CA GLN D 302 17.13 -1.68 -17.49
C GLN D 302 16.65 -1.87 -16.03
N GLY D 303 17.45 -1.42 -15.07
CA GLY D 303 17.10 -1.54 -13.65
C GLY D 303 17.96 -0.71 -12.73
N PHE D 304 17.41 -0.36 -11.57
CA PHE D 304 18.15 0.34 -10.53
C PHE D 304 17.97 -0.39 -9.21
N ALA D 305 18.99 -0.31 -8.37
CA ALA D 305 18.96 -0.92 -7.05
C ALA D 305 19.54 0.07 -6.06
N PHE D 306 19.32 -0.18 -4.77
CA PHE D 306 19.81 0.67 -3.69
C PHE D 306 19.88 -0.12 -2.39
N GLY D 307 20.56 0.46 -1.42
CA GLY D 307 20.65 -0.11 -0.08
C GLY D 307 20.77 0.98 0.97
N MET D 308 20.27 0.68 2.19
CA MET D 308 20.36 1.59 3.35
C MET D 308 20.40 0.79 4.67
N GLY D 309 21.18 1.31 5.64
CA GLY D 309 21.29 0.72 6.97
C GLY D 309 20.21 1.19 7.91
N ALA D 310 19.41 0.23 8.43
CA ALA D 310 18.31 0.53 9.36
C ALA D 310 18.76 1.22 10.67
N GLU D 311 19.81 0.71 11.33
CA GLU D 311 20.32 1.33 12.57
C GLU D 311 20.78 2.77 12.28
N ARG D 312 21.47 2.99 11.14
CA ARG D 312 21.96 4.32 10.74
C ARG D 312 20.79 5.30 10.65
N LEU D 313 19.69 4.90 9.96
CA LEU D 313 18.48 5.71 9.80
C LEU D 313 17.78 5.98 11.14
N ALA D 314 17.66 4.92 11.98
CA ALA D 314 17.07 4.97 13.33
C ALA D 314 17.82 6.00 14.18
N MET D 315 19.17 5.96 14.12
CA MET D 315 20.04 6.86 14.89
C MET D 315 19.83 8.32 14.48
N LEU D 316 19.63 8.58 13.18
CA LEU D 316 19.41 9.95 12.69
C LEU D 316 18.02 10.45 13.09
N ARG D 317 17.00 9.60 12.89
CA ARG D 317 15.60 9.88 13.23
C ARG D 317 15.35 10.14 14.70
N TYR D 318 15.88 9.29 15.60
CA TYR D 318 15.54 9.35 17.01
C TYR D 318 16.63 9.95 17.92
N GLY D 319 17.78 10.33 17.35
CA GLY D 319 18.87 10.93 18.12
C GLY D 319 19.65 9.95 19.01
N VAL D 320 19.79 8.69 18.55
CA VAL D 320 20.51 7.65 19.28
C VAL D 320 21.99 7.76 18.93
N ASN D 321 22.84 7.76 19.98
CA ASN D 321 24.31 7.95 19.93
C ASN D 321 25.15 6.68 19.83
N ASP D 322 24.84 5.68 20.65
CA ASP D 322 25.57 4.44 20.73
C ASP D 322 24.80 3.32 20.08
N LEU D 323 25.41 2.68 19.09
CA LEU D 323 24.85 1.55 18.34
C LEU D 323 24.62 0.31 19.22
N ARG D 324 25.39 0.21 20.34
CA ARG D 324 25.32 -0.93 21.27
C ARG D 324 24.00 -0.98 22.03
N LEU D 325 23.26 0.13 22.07
CA LEU D 325 21.97 0.26 22.74
C LEU D 325 20.90 -0.61 22.12
N PHE D 326 20.95 -0.78 20.79
CA PHE D 326 19.95 -1.56 20.04
C PHE D 326 19.89 -3.04 20.42
N PHE D 327 21.05 -3.64 20.72
CA PHE D 327 21.18 -5.05 21.02
C PHE D 327 21.24 -5.39 22.53
N ASP D 328 21.35 -4.38 23.39
CA ASP D 328 21.38 -4.51 24.85
C ASP D 328 19.98 -4.81 25.43
N ASN D 329 18.92 -4.27 24.78
CA ASN D 329 17.51 -4.42 25.16
C ASN D 329 17.18 -3.92 26.61
N ASP D 330 17.78 -2.77 27.05
CA ASP D 330 17.43 -2.20 28.35
C ASP D 330 16.05 -1.54 28.21
N LEU D 331 15.13 -1.86 29.15
CA LEU D 331 13.78 -1.32 29.19
C LEU D 331 13.79 0.20 29.28
N ARG D 332 14.86 0.77 29.87
CA ARG D 332 15.02 2.23 29.97
C ARG D 332 15.31 2.87 28.60
N PHE D 333 15.78 2.07 27.62
CA PHE D 333 16.04 2.56 26.27
C PHE D 333 14.79 2.32 25.44
N LEU D 334 14.30 1.07 25.43
CA LEU D 334 13.12 0.63 24.70
C LEU D 334 11.85 1.39 25.05
N GLY D 335 11.64 1.69 26.32
CA GLY D 335 10.45 2.41 26.81
C GLY D 335 10.28 3.80 26.22
N GLN D 336 11.37 4.36 25.67
CA GLN D 336 11.39 5.67 25.02
C GLN D 336 10.74 5.69 23.61
N PHE D 337 10.39 4.51 23.05
CA PHE D 337 9.83 4.34 21.70
C PHE D 337 8.42 3.75 21.71
N ARG D 338 7.67 4.00 22.78
CA ARG D 338 6.28 3.57 22.95
C ARG D 338 5.29 4.45 22.13
#